data_3IC4
# 
_entry.id   3IC4 
# 
_audit_conform.dict_name       mmcif_pdbx.dic 
_audit_conform.dict_version    5.397 
_audit_conform.dict_location   http://mmcif.pdb.org/dictionaries/ascii/mmcif_pdbx.dic 
# 
loop_
_database_2.database_id 
_database_2.database_code 
_database_2.pdbx_database_accession 
_database_2.pdbx_DOI 
PDB   3IC4         pdb_00003ic4 10.2210/pdb3ic4/pdb 
RCSB  RCSB054227   ?            ?                   
WWPDB D_1000054227 ?            ?                   
# 
loop_
_pdbx_audit_revision_history.ordinal 
_pdbx_audit_revision_history.data_content_type 
_pdbx_audit_revision_history.major_revision 
_pdbx_audit_revision_history.minor_revision 
_pdbx_audit_revision_history.revision_date 
1 'Structure model' 1 0 2009-08-18 
2 'Structure model' 1 1 2011-07-13 
3 'Structure model' 1 2 2024-10-30 
# 
_pdbx_audit_revision_details.ordinal             1 
_pdbx_audit_revision_details.revision_ordinal    1 
_pdbx_audit_revision_details.data_content_type   'Structure model' 
_pdbx_audit_revision_details.provider            repository 
_pdbx_audit_revision_details.type                'Initial release' 
_pdbx_audit_revision_details.description         ? 
_pdbx_audit_revision_details.details             ? 
# 
loop_
_pdbx_audit_revision_group.ordinal 
_pdbx_audit_revision_group.revision_ordinal 
_pdbx_audit_revision_group.data_content_type 
_pdbx_audit_revision_group.group 
1 2 'Structure model' Advisory                    
2 2 'Structure model' 'Version format compliance' 
3 3 'Structure model' 'Data collection'           
4 3 'Structure model' 'Database references'       
5 3 'Structure model' 'Derived calculations'      
6 3 'Structure model' 'Structure summary'         
# 
loop_
_pdbx_audit_revision_category.ordinal 
_pdbx_audit_revision_category.revision_ordinal 
_pdbx_audit_revision_category.data_content_type 
_pdbx_audit_revision_category.category 
1 3 'Structure model' chem_comp_atom            
2 3 'Structure model' chem_comp_bond            
3 3 'Structure model' database_2                
4 3 'Structure model' pdbx_entry_details        
5 3 'Structure model' pdbx_modification_feature 
6 3 'Structure model' struct_conn               
7 3 'Structure model' struct_site               
# 
loop_
_pdbx_audit_revision_item.ordinal 
_pdbx_audit_revision_item.revision_ordinal 
_pdbx_audit_revision_item.data_content_type 
_pdbx_audit_revision_item.item 
1 3 'Structure model' '_database_2.pdbx_DOI'                
2 3 'Structure model' '_database_2.pdbx_database_accession' 
3 3 'Structure model' '_struct_conn.pdbx_leaving_atom_flag' 
4 3 'Structure model' '_struct_site.pdbx_auth_asym_id'      
5 3 'Structure model' '_struct_site.pdbx_auth_comp_id'      
6 3 'Structure model' '_struct_site.pdbx_auth_seq_id'       
# 
_pdbx_database_status.status_code                     REL 
_pdbx_database_status.entry_id                        3IC4 
_pdbx_database_status.recvd_initial_deposition_date   2009-07-17 
_pdbx_database_status.deposit_site                    RCSB 
_pdbx_database_status.process_site                    RCSB 
_pdbx_database_status.status_code_sf                  REL 
_pdbx_database_status.status_code_mr                  ? 
_pdbx_database_status.SG_entry                        Y 
_pdbx_database_status.pdb_format_compatible           Y 
_pdbx_database_status.status_code_cs                  ? 
_pdbx_database_status.status_code_nmr_data            ? 
_pdbx_database_status.methods_development_category    ? 
# 
_pdbx_database_related.db_name        TargetDB 
_pdbx_database_related.db_id          APC40496 
_pdbx_database_related.details        . 
_pdbx_database_related.content_type   unspecified 
# 
loop_
_audit_author.name 
_audit_author.pdbx_ordinal 
'Zhang, R.'                                     1 
'Xu, X.'                                        2 
'Cui, H.'                                       3 
'Savchenko, A.'                                 4 
'Edwards, A.'                                   5 
'Joachimiak, A.'                                6 
'Midwest Center for Structural Genomics (MCSG)' 7 
# 
_citation.id                        primary 
_citation.title                     'The crystal structure of the glutaredoxin from Archaeoglobus fulgidus' 
_citation.journal_abbrev            'To be Published' 
_citation.journal_volume            ? 
_citation.page_first                ? 
_citation.page_last                 ? 
_citation.year                      ? 
_citation.journal_id_ASTM           ? 
_citation.country                   ? 
_citation.journal_id_ISSN           ? 
_citation.journal_id_CSD            0353 
_citation.book_publisher            ? 
_citation.pdbx_database_id_PubMed   ? 
_citation.pdbx_database_id_DOI      ? 
# 
loop_
_citation_author.citation_id 
_citation_author.name 
_citation_author.ordinal 
_citation_author.identifier_ORCID 
primary 'Zhang, R.'      1 ? 
primary 'Xu, X.'         2 ? 
primary 'Cui, H.'        3 ? 
primary 'Savchenko, A.'  4 ? 
primary 'Edwards, A.'    5 ? 
primary 'Joachimiak, A.' 6 ? 
# 
loop_
_entity.id 
_entity.type 
_entity.src_method 
_entity.pdbx_description 
_entity.formula_weight 
_entity.pdbx_number_of_molecules 
_entity.pdbx_ec 
_entity.pdbx_mutation 
_entity.pdbx_fragment 
_entity.details 
1 polymer     man 'Glutaredoxin (Grx-1)' 10653.021 1  ? ? ? ? 
2 non-polymer syn 'MAGNESIUM ION'        24.305    2  ? ? ? ? 
3 water       nat water                  18.015    81 ? ? ? ? 
# 
_entity_poly.entity_id                      1 
_entity_poly.type                           'polypeptide(L)' 
_entity_poly.nstd_linkage                   no 
_entity_poly.nstd_monomer                   yes 
_entity_poly.pdbx_seq_one_letter_code       
;GGRENLYFQG(MSE)AEVL(MSE)YGLSTCPHCKRTLEFLKREGVDFEVIWIDKLEGEERKKVIEKVHSISGSYSVPVVV
KGDKHVLGYNEEKLKELIRG
;
_entity_poly.pdbx_seq_one_letter_code_can   
;GGRENLYFQGMAEVLMYGLSTCPHCKRTLEFLKREGVDFEVIWIDKLEGEERKKVIEKVHSISGSYSVPVVVKGDKHVLG
YNEEKLKELIRG
;
_entity_poly.pdbx_strand_id                 A 
_entity_poly.pdbx_target_identifier         APC40496 
# 
loop_
_pdbx_entity_nonpoly.entity_id 
_pdbx_entity_nonpoly.name 
_pdbx_entity_nonpoly.comp_id 
2 'MAGNESIUM ION' MG  
3 water           HOH 
# 
loop_
_entity_poly_seq.entity_id 
_entity_poly_seq.num 
_entity_poly_seq.mon_id 
_entity_poly_seq.hetero 
1 1  GLY n 
1 2  GLY n 
1 3  ARG n 
1 4  GLU n 
1 5  ASN n 
1 6  LEU n 
1 7  TYR n 
1 8  PHE n 
1 9  GLN n 
1 10 GLY n 
1 11 MSE n 
1 12 ALA n 
1 13 GLU n 
1 14 VAL n 
1 15 LEU n 
1 16 MSE n 
1 17 TYR n 
1 18 GLY n 
1 19 LEU n 
1 20 SER n 
1 21 THR n 
1 22 CYS n 
1 23 PRO n 
1 24 HIS n 
1 25 CYS n 
1 26 LYS n 
1 27 ARG n 
1 28 THR n 
1 29 LEU n 
1 30 GLU n 
1 31 PHE n 
1 32 LEU n 
1 33 LYS n 
1 34 ARG n 
1 35 GLU n 
1 36 GLY n 
1 37 VAL n 
1 38 ASP n 
1 39 PHE n 
1 40 GLU n 
1 41 VAL n 
1 42 ILE n 
1 43 TRP n 
1 44 ILE n 
1 45 ASP n 
1 46 LYS n 
1 47 LEU n 
1 48 GLU n 
1 49 GLY n 
1 50 GLU n 
1 51 GLU n 
1 52 ARG n 
1 53 LYS n 
1 54 LYS n 
1 55 VAL n 
1 56 ILE n 
1 57 GLU n 
1 58 LYS n 
1 59 VAL n 
1 60 HIS n 
1 61 SER n 
1 62 ILE n 
1 63 SER n 
1 64 GLY n 
1 65 SER n 
1 66 TYR n 
1 67 SER n 
1 68 VAL n 
1 69 PRO n 
1 70 VAL n 
1 71 VAL n 
1 72 VAL n 
1 73 LYS n 
1 74 GLY n 
1 75 ASP n 
1 76 LYS n 
1 77 HIS n 
1 78 VAL n 
1 79 LEU n 
1 80 GLY n 
1 81 TYR n 
1 82 ASN n 
1 83 GLU n 
1 84 GLU n 
1 85 LYS n 
1 86 LEU n 
1 87 LYS n 
1 88 GLU n 
1 89 LEU n 
1 90 ILE n 
1 91 ARG n 
1 92 GLY n 
# 
_entity_src_gen.entity_id                          1 
_entity_src_gen.pdbx_src_id                        1 
_entity_src_gen.pdbx_alt_source_flag               sample 
_entity_src_gen.pdbx_seq_type                      ? 
_entity_src_gen.pdbx_beg_seq_num                   ? 
_entity_src_gen.pdbx_end_seq_num                   ? 
_entity_src_gen.gene_src_common_name               ? 
_entity_src_gen.gene_src_genus                     ? 
_entity_src_gen.pdbx_gene_src_gene                 'AF_1536, GI:2649025' 
_entity_src_gen.gene_src_species                   ? 
_entity_src_gen.gene_src_strain                    'DSM 4304' 
_entity_src_gen.gene_src_tissue                    ? 
_entity_src_gen.gene_src_tissue_fraction           ? 
_entity_src_gen.gene_src_details                   ? 
_entity_src_gen.pdbx_gene_src_fragment             ? 
_entity_src_gen.pdbx_gene_src_scientific_name      'Archaeoglobus fulgidus' 
_entity_src_gen.pdbx_gene_src_ncbi_taxonomy_id     2234 
_entity_src_gen.pdbx_gene_src_variant              ? 
_entity_src_gen.pdbx_gene_src_cell_line            ? 
_entity_src_gen.pdbx_gene_src_atcc                 ? 
_entity_src_gen.pdbx_gene_src_organ                ? 
_entity_src_gen.pdbx_gene_src_organelle            ? 
_entity_src_gen.pdbx_gene_src_cell                 ? 
_entity_src_gen.pdbx_gene_src_cellular_location    ? 
_entity_src_gen.host_org_common_name               ? 
_entity_src_gen.pdbx_host_org_scientific_name      'Escherichia coli BL21' 
_entity_src_gen.pdbx_host_org_ncbi_taxonomy_id     511693 
_entity_src_gen.host_org_genus                     ? 
_entity_src_gen.pdbx_host_org_gene                 ? 
_entity_src_gen.pdbx_host_org_organ                ? 
_entity_src_gen.host_org_species                   ? 
_entity_src_gen.pdbx_host_org_tissue               ? 
_entity_src_gen.pdbx_host_org_tissue_fraction      ? 
_entity_src_gen.pdbx_host_org_strain               BL21 
_entity_src_gen.pdbx_host_org_variant              ? 
_entity_src_gen.pdbx_host_org_cell_line            ? 
_entity_src_gen.pdbx_host_org_atcc                 ? 
_entity_src_gen.pdbx_host_org_culture_collection   ? 
_entity_src_gen.pdbx_host_org_cell                 ? 
_entity_src_gen.pdbx_host_org_organelle            ? 
_entity_src_gen.pdbx_host_org_cellular_location    ? 
_entity_src_gen.pdbx_host_org_vector_type          plasmid 
_entity_src_gen.pdbx_host_org_vector               ? 
_entity_src_gen.host_org_details                   ? 
_entity_src_gen.expression_system_id               ? 
_entity_src_gen.plasmid_name                       pMCSG7 
_entity_src_gen.plasmid_details                    ? 
_entity_src_gen.pdbx_description                   ? 
# 
loop_
_chem_comp.id 
_chem_comp.type 
_chem_comp.mon_nstd_flag 
_chem_comp.name 
_chem_comp.pdbx_synonyms 
_chem_comp.formula 
_chem_comp.formula_weight 
ALA 'L-peptide linking' y ALANINE          ? 'C3 H7 N O2'     89.093  
ARG 'L-peptide linking' y ARGININE         ? 'C6 H15 N4 O2 1' 175.209 
ASN 'L-peptide linking' y ASPARAGINE       ? 'C4 H8 N2 O3'    132.118 
ASP 'L-peptide linking' y 'ASPARTIC ACID'  ? 'C4 H7 N O4'     133.103 
CYS 'L-peptide linking' y CYSTEINE         ? 'C3 H7 N O2 S'   121.158 
GLN 'L-peptide linking' y GLUTAMINE        ? 'C5 H10 N2 O3'   146.144 
GLU 'L-peptide linking' y 'GLUTAMIC ACID'  ? 'C5 H9 N O4'     147.129 
GLY 'peptide linking'   y GLYCINE          ? 'C2 H5 N O2'     75.067  
HIS 'L-peptide linking' y HISTIDINE        ? 'C6 H10 N3 O2 1' 156.162 
HOH non-polymer         . WATER            ? 'H2 O'           18.015  
ILE 'L-peptide linking' y ISOLEUCINE       ? 'C6 H13 N O2'    131.173 
LEU 'L-peptide linking' y LEUCINE          ? 'C6 H13 N O2'    131.173 
LYS 'L-peptide linking' y LYSINE           ? 'C6 H15 N2 O2 1' 147.195 
MG  non-polymer         . 'MAGNESIUM ION'  ? 'Mg 2'           24.305  
MSE 'L-peptide linking' n SELENOMETHIONINE ? 'C5 H11 N O2 Se' 196.106 
PHE 'L-peptide linking' y PHENYLALANINE    ? 'C9 H11 N O2'    165.189 
PRO 'L-peptide linking' y PROLINE          ? 'C5 H9 N O2'     115.130 
SER 'L-peptide linking' y SERINE           ? 'C3 H7 N O3'     105.093 
THR 'L-peptide linking' y THREONINE        ? 'C4 H9 N O3'     119.119 
TRP 'L-peptide linking' y TRYPTOPHAN       ? 'C11 H12 N2 O2'  204.225 
TYR 'L-peptide linking' y TYROSINE         ? 'C9 H11 N O3'    181.189 
VAL 'L-peptide linking' y VALINE           ? 'C5 H11 N O2'    117.146 
# 
loop_
_pdbx_poly_seq_scheme.asym_id 
_pdbx_poly_seq_scheme.entity_id 
_pdbx_poly_seq_scheme.seq_id 
_pdbx_poly_seq_scheme.mon_id 
_pdbx_poly_seq_scheme.ndb_seq_num 
_pdbx_poly_seq_scheme.pdb_seq_num 
_pdbx_poly_seq_scheme.auth_seq_num 
_pdbx_poly_seq_scheme.pdb_mon_id 
_pdbx_poly_seq_scheme.auth_mon_id 
_pdbx_poly_seq_scheme.pdb_strand_id 
_pdbx_poly_seq_scheme.pdb_ins_code 
_pdbx_poly_seq_scheme.hetero 
A 1 1  GLY 1  -9 -9 GLY GLY A . n 
A 1 2  GLY 2  -8 -8 GLY GLY A . n 
A 1 3  ARG 3  -7 -7 ARG ARG A . n 
A 1 4  GLU 4  -6 -6 GLU GLU A . n 
A 1 5  ASN 5  -5 -5 ASN ASN A . n 
A 1 6  LEU 6  -4 -4 LEU LEU A . n 
A 1 7  TYR 7  -3 -3 TYR TYR A . n 
A 1 8  PHE 8  -2 -2 PHE PHE A . n 
A 1 9  GLN 9  -1 -1 GLN GLN A . n 
A 1 10 GLY 10 0  0  GLY GLY A . n 
A 1 11 MSE 11 1  1  MSE MSE A . n 
A 1 12 ALA 12 2  2  ALA ALA A . n 
A 1 13 GLU 13 3  3  GLU GLU A . n 
A 1 14 VAL 14 4  4  VAL VAL A . n 
A 1 15 LEU 15 5  5  LEU LEU A . n 
A 1 16 MSE 16 6  6  MSE MSE A . n 
A 1 17 TYR 17 7  7  TYR TYR A . n 
A 1 18 GLY 18 8  8  GLY GLY A . n 
A 1 19 LEU 19 9  9  LEU LEU A . n 
A 1 20 SER 20 10 10 SER SER A . n 
A 1 21 THR 21 11 11 THR THR A . n 
A 1 22 CYS 22 12 12 CYS CYS A . n 
A 1 23 PRO 23 13 13 PRO PRO A . n 
A 1 24 HIS 24 14 14 HIS HIS A . n 
A 1 25 CYS 25 15 15 CYS CYS A . n 
A 1 26 LYS 26 16 16 LYS LYS A . n 
A 1 27 ARG 27 17 17 ARG ARG A . n 
A 1 28 THR 28 18 18 THR THR A . n 
A 1 29 LEU 29 19 19 LEU LEU A . n 
A 1 30 GLU 30 20 20 GLU GLU A . n 
A 1 31 PHE 31 21 21 PHE PHE A . n 
A 1 32 LEU 32 22 22 LEU LEU A . n 
A 1 33 LYS 33 23 23 LYS LYS A . n 
A 1 34 ARG 34 24 24 ARG ARG A . n 
A 1 35 GLU 35 25 25 GLU GLU A . n 
A 1 36 GLY 36 26 26 GLY GLY A . n 
A 1 37 VAL 37 27 27 VAL VAL A . n 
A 1 38 ASP 38 28 28 ASP ASP A . n 
A 1 39 PHE 39 29 29 PHE PHE A . n 
A 1 40 GLU 40 30 30 GLU GLU A . n 
A 1 41 VAL 41 31 31 VAL VAL A . n 
A 1 42 ILE 42 32 32 ILE ILE A . n 
A 1 43 TRP 43 33 33 TRP TRP A . n 
A 1 44 ILE 44 34 34 ILE ILE A . n 
A 1 45 ASP 45 35 35 ASP ASP A . n 
A 1 46 LYS 46 36 36 LYS LYS A . n 
A 1 47 LEU 47 37 37 LEU LEU A . n 
A 1 48 GLU 48 38 38 GLU GLU A . n 
A 1 49 GLY 49 39 39 GLY GLY A . n 
A 1 50 GLU 50 40 40 GLU GLU A . n 
A 1 51 GLU 51 41 41 GLU GLU A . n 
A 1 52 ARG 52 42 42 ARG ARG A . n 
A 1 53 LYS 53 43 43 LYS LYS A . n 
A 1 54 LYS 54 44 44 LYS LYS A . n 
A 1 55 VAL 55 45 45 VAL VAL A . n 
A 1 56 ILE 56 46 46 ILE ILE A . n 
A 1 57 GLU 57 47 47 GLU GLU A . n 
A 1 58 LYS 58 48 48 LYS LYS A . n 
A 1 59 VAL 59 49 49 VAL VAL A . n 
A 1 60 HIS 60 50 50 HIS HIS A . n 
A 1 61 SER 61 51 51 SER SER A . n 
A 1 62 ILE 62 52 52 ILE ILE A . n 
A 1 63 SER 63 53 53 SER SER A . n 
A 1 64 GLY 64 54 54 GLY GLY A . n 
A 1 65 SER 65 55 55 SER SER A . n 
A 1 66 TYR 66 56 56 TYR TYR A . n 
A 1 67 SER 67 57 57 SER SER A . n 
A 1 68 VAL 68 58 58 VAL VAL A . n 
A 1 69 PRO 69 59 59 PRO PRO A . n 
A 1 70 VAL 70 60 60 VAL VAL A . n 
A 1 71 VAL 71 61 61 VAL VAL A . n 
A 1 72 VAL 72 62 62 VAL VAL A . n 
A 1 73 LYS 73 63 63 LYS LYS A . n 
A 1 74 GLY 74 64 64 GLY GLY A . n 
A 1 75 ASP 75 65 65 ASP ASP A . n 
A 1 76 LYS 76 66 66 LYS LYS A . n 
A 1 77 HIS 77 67 67 HIS HIS A . n 
A 1 78 VAL 78 68 68 VAL VAL A . n 
A 1 79 LEU 79 69 69 LEU LEU A . n 
A 1 80 GLY 80 70 70 GLY GLY A . n 
A 1 81 TYR 81 71 71 TYR TYR A . n 
A 1 82 ASN 82 72 72 ASN ASN A . n 
A 1 83 GLU 83 73 73 GLU GLU A . n 
A 1 84 GLU 84 74 74 GLU GLU A . n 
A 1 85 LYS 85 75 75 LYS LYS A . n 
A 1 86 LEU 86 76 76 LEU LEU A . n 
A 1 87 LYS 87 77 77 LYS LYS A . n 
A 1 88 GLU 88 78 78 GLU GLU A . n 
A 1 89 LEU 89 79 79 LEU LEU A . n 
A 1 90 ILE 90 80 80 ILE ILE A . n 
A 1 91 ARG 91 81 81 ARG ARG A . n 
A 1 92 GLY 92 82 82 GLY GLY A . n 
# 
loop_
_pdbx_nonpoly_scheme.asym_id 
_pdbx_nonpoly_scheme.entity_id 
_pdbx_nonpoly_scheme.mon_id 
_pdbx_nonpoly_scheme.ndb_seq_num 
_pdbx_nonpoly_scheme.pdb_seq_num 
_pdbx_nonpoly_scheme.auth_seq_num 
_pdbx_nonpoly_scheme.pdb_mon_id 
_pdbx_nonpoly_scheme.auth_mon_id 
_pdbx_nonpoly_scheme.pdb_strand_id 
_pdbx_nonpoly_scheme.pdb_ins_code 
B 2 MG  1  83  1  MG  MG  A . 
C 2 MG  1  84  1  MG  MG  A . 
D 3 HOH 1  85  3  HOH HOH A . 
D 3 HOH 2  86  4  HOH HOH A . 
D 3 HOH 3  87  5  HOH HOH A . 
D 3 HOH 4  88  6  HOH HOH A . 
D 3 HOH 5  89  7  HOH HOH A . 
D 3 HOH 6  90  8  HOH HOH A . 
D 3 HOH 7  91  9  HOH HOH A . 
D 3 HOH 8  92  10 HOH HOH A . 
D 3 HOH 9  93  11 HOH HOH A . 
D 3 HOH 10 94  12 HOH HOH A . 
D 3 HOH 11 95  13 HOH HOH A . 
D 3 HOH 12 96  14 HOH HOH A . 
D 3 HOH 13 97  15 HOH HOH A . 
D 3 HOH 14 98  16 HOH HOH A . 
D 3 HOH 15 99  17 HOH HOH A . 
D 3 HOH 16 100 18 HOH HOH A . 
D 3 HOH 17 101 19 HOH HOH A . 
D 3 HOH 18 102 20 HOH HOH A . 
D 3 HOH 19 103 21 HOH HOH A . 
D 3 HOH 20 104 22 HOH HOH A . 
D 3 HOH 21 105 23 HOH HOH A . 
D 3 HOH 22 106 24 HOH HOH A . 
D 3 HOH 23 107 25 HOH HOH A . 
D 3 HOH 24 108 26 HOH HOH A . 
D 3 HOH 25 109 27 HOH HOH A . 
D 3 HOH 26 110 28 HOH HOH A . 
D 3 HOH 27 111 29 HOH HOH A . 
D 3 HOH 28 112 30 HOH HOH A . 
D 3 HOH 29 113 31 HOH HOH A . 
D 3 HOH 30 114 32 HOH HOH A . 
D 3 HOH 31 115 33 HOH HOH A . 
D 3 HOH 32 116 34 HOH HOH A . 
D 3 HOH 33 117 35 HOH HOH A . 
D 3 HOH 34 118 36 HOH HOH A . 
D 3 HOH 35 119 37 HOH HOH A . 
D 3 HOH 36 120 38 HOH HOH A . 
D 3 HOH 37 121 39 HOH HOH A . 
D 3 HOH 38 122 40 HOH HOH A . 
D 3 HOH 39 123 41 HOH HOH A . 
D 3 HOH 40 124 42 HOH HOH A . 
D 3 HOH 41 125 43 HOH HOH A . 
D 3 HOH 42 126 44 HOH HOH A . 
D 3 HOH 43 127 45 HOH HOH A . 
D 3 HOH 44 128 46 HOH HOH A . 
D 3 HOH 45 129 47 HOH HOH A . 
D 3 HOH 46 130 48 HOH HOH A . 
D 3 HOH 47 131 49 HOH HOH A . 
D 3 HOH 48 132 50 HOH HOH A . 
D 3 HOH 49 133 51 HOH HOH A . 
D 3 HOH 50 134 52 HOH HOH A . 
D 3 HOH 51 135 53 HOH HOH A . 
D 3 HOH 52 136 54 HOH HOH A . 
D 3 HOH 53 137 55 HOH HOH A . 
D 3 HOH 54 138 56 HOH HOH A . 
D 3 HOH 55 139 57 HOH HOH A . 
D 3 HOH 56 140 58 HOH HOH A . 
D 3 HOH 57 141 59 HOH HOH A . 
D 3 HOH 58 142 60 HOH HOH A . 
D 3 HOH 59 143 61 HOH HOH A . 
D 3 HOH 60 144 62 HOH HOH A . 
D 3 HOH 61 145 63 HOH HOH A . 
D 3 HOH 62 146 64 HOH HOH A . 
D 3 HOH 63 147 65 HOH HOH A . 
D 3 HOH 64 148 66 HOH HOH A . 
D 3 HOH 65 149 67 HOH HOH A . 
D 3 HOH 66 150 68 HOH HOH A . 
D 3 HOH 67 151 69 HOH HOH A . 
D 3 HOH 68 152 70 HOH HOH A . 
D 3 HOH 69 153 71 HOH HOH A . 
D 3 HOH 70 154 72 HOH HOH A . 
D 3 HOH 71 155 73 HOH HOH A . 
D 3 HOH 72 156 74 HOH HOH A . 
D 3 HOH 73 157 75 HOH HOH A . 
D 3 HOH 74 158 76 HOH HOH A . 
D 3 HOH 75 159 77 HOH HOH A . 
D 3 HOH 76 160 78 HOH HOH A . 
D 3 HOH 77 161 79 HOH HOH A . 
D 3 HOH 78 162 80 HOH HOH A . 
D 3 HOH 79 163 81 HOH HOH A . 
D 3 HOH 80 164 82 HOH HOH A . 
D 3 HOH 81 165 83 HOH HOH A . 
# 
loop_
_software.name 
_software.classification 
_software.version 
_software.citation_id 
_software.pdbx_ordinal 
SBC-Collect 'data collection' .        ? 1 
HKL-3000    phasing           .        ? 2 
REFMAC      refinement        5.5.0054 ? 3 
HKL-3000    'data reduction'  .        ? 4 
HKL-3000    'data scaling'    .        ? 5 
# 
_cell.entry_id           3IC4 
_cell.length_a           44.951 
_cell.length_b           45.206 
_cell.length_c           45.461 
_cell.angle_alpha        90.00 
_cell.angle_beta         90.00 
_cell.angle_gamma        90.00 
_cell.Z_PDB              4 
_cell.pdbx_unique_axis   ? 
_cell.length_a_esd       ? 
_cell.length_b_esd       ? 
_cell.length_c_esd       ? 
_cell.angle_alpha_esd    ? 
_cell.angle_beta_esd     ? 
_cell.angle_gamma_esd    ? 
# 
_symmetry.entry_id                         3IC4 
_symmetry.space_group_name_H-M             'P 21 21 21' 
_symmetry.pdbx_full_space_group_name_H-M   ? 
_symmetry.cell_setting                     ? 
_symmetry.Int_Tables_number                19 
_symmetry.space_group_name_Hall            ? 
# 
_exptl.entry_id          3IC4 
_exptl.method            'X-RAY DIFFRACTION' 
_exptl.crystals_number   1 
# 
_exptl_crystal.id                    1 
_exptl_crystal.density_meas          ? 
_exptl_crystal.density_Matthews      2.17 
_exptl_crystal.density_percent_sol   43.26 
_exptl_crystal.description           ? 
_exptl_crystal.F_000                 ? 
_exptl_crystal.preparation           ? 
# 
_exptl_crystal_grow.crystal_id      1 
_exptl_crystal_grow.method          'VAPOR DIFFUSION, SITTING DROP' 
_exptl_crystal_grow.temp            289 
_exptl_crystal_grow.temp_details    ? 
_exptl_crystal_grow.pH              7.5 
_exptl_crystal_grow.pdbx_details    '0.1M Hepes, 0.2M MgCl2, 25% PEG3350, pH 7.5, VAPOR DIFFUSION, SITTING DROP, temperature 289K' 
_exptl_crystal_grow.pdbx_pH_range   ? 
# 
_diffrn.id                     1 
_diffrn.ambient_temp           100 
_diffrn.ambient_temp_details   ? 
_diffrn.crystal_id             1 
# 
_diffrn_detector.diffrn_id              1 
_diffrn_detector.detector               CCD 
_diffrn_detector.type                   'ADSC QUANTUM 210r' 
_diffrn_detector.pdbx_collection_date   2009-06-27 
_diffrn_detector.details                mirrows 
# 
_diffrn_radiation.diffrn_id                        1 
_diffrn_radiation.wavelength_id                    1 
_diffrn_radiation.pdbx_monochromatic_or_laue_m_l   M 
_diffrn_radiation.monochromator                    'Si 111 channel' 
_diffrn_radiation.pdbx_diffrn_protocol             'SINGLE WAVELENGTH' 
_diffrn_radiation.pdbx_scattering_type             x-ray 
# 
_diffrn_radiation_wavelength.id           1 
_diffrn_radiation_wavelength.wavelength   0.9794 
_diffrn_radiation_wavelength.wt           1.0 
# 
_diffrn_source.diffrn_id                   1 
_diffrn_source.source                      SYNCHROTRON 
_diffrn_source.type                        'APS BEAMLINE 19-BM' 
_diffrn_source.pdbx_synchrotron_site       APS 
_diffrn_source.pdbx_synchrotron_beamline   19-BM 
_diffrn_source.pdbx_wavelength             ? 
_diffrn_source.pdbx_wavelength_list        0.9794 
# 
_reflns.entry_id                     3IC4 
_reflns.observed_criterion_sigma_I   2 
_reflns.observed_criterion_sigma_F   2 
_reflns.d_resolution_low             99.4 
_reflns.d_resolution_high            1.7 
_reflns.number_obs                   10091 
_reflns.number_all                   10152 
_reflns.percent_possible_obs         99.40 
_reflns.pdbx_Rmerge_I_obs            0.064 
_reflns.pdbx_Rsym_value              ? 
_reflns.pdbx_netI_over_sigmaI        30.58 
_reflns.B_iso_Wilson_estimate        ? 
_reflns.pdbx_redundancy              9.1 
_reflns.R_free_details               ? 
_reflns.limit_h_max                  ? 
_reflns.limit_h_min                  ? 
_reflns.limit_k_max                  ? 
_reflns.limit_k_min                  ? 
_reflns.limit_l_max                  ? 
_reflns.limit_l_min                  ? 
_reflns.observed_criterion_F_max     ? 
_reflns.observed_criterion_F_min     ? 
_reflns.pdbx_chi_squared             ? 
_reflns.pdbx_scaling_rejects         ? 
_reflns.pdbx_ordinal                 1 
_reflns.pdbx_diffrn_id               1 
# 
_reflns_shell.d_res_high             1.7 
_reflns_shell.d_res_low              1.744 
_reflns_shell.percent_possible_all   97.44 
_reflns_shell.Rmerge_I_obs           0.311 
_reflns_shell.pdbx_Rsym_value        ? 
_reflns_shell.meanI_over_sigI_obs    2.13 
_reflns_shell.pdbx_redundancy        7.0 
_reflns_shell.percent_possible_obs   ? 
_reflns_shell.number_unique_all      780 
_reflns_shell.number_measured_all    ? 
_reflns_shell.number_measured_obs    ? 
_reflns_shell.number_unique_obs      ? 
_reflns_shell.pdbx_chi_squared       ? 
_reflns_shell.pdbx_ordinal           1 
_reflns_shell.pdbx_diffrn_id         1 
# 
_refine.entry_id                                 3IC4 
_refine.ls_number_reflns_obs                     10091 
_refine.ls_number_reflns_all                     10152 
_refine.pdbx_ls_sigma_I                          0 
_refine.pdbx_ls_sigma_F                          . 
_refine.pdbx_data_cutoff_high_absF               ? 
_refine.pdbx_data_cutoff_low_absF                ? 
_refine.pdbx_data_cutoff_high_rms_absF           ? 
_refine.ls_d_res_low                             32.06 
_refine.ls_d_res_high                            1.70 
_refine.ls_percent_reflns_obs                    99.40 
_refine.ls_R_factor_obs                          0.19700 
_refine.ls_R_factor_all                          ? 
_refine.ls_R_factor_R_work                       0.19490 
_refine.ls_R_factor_R_free                       0.23865 
_refine.ls_R_factor_R_free_error                 ? 
_refine.ls_R_factor_R_free_error_details         ? 
_refine.ls_percent_reflns_R_free                 4.8 
_refine.ls_number_reflns_R_free                  510 
_refine.ls_number_parameters                     ? 
_refine.ls_number_restraints                     ? 
_refine.occupancy_min                            ? 
_refine.occupancy_max                            ? 
_refine.correlation_coeff_Fo_to_Fc               0.957 
_refine.correlation_coeff_Fo_to_Fc_free          0.940 
_refine.B_iso_mean                               4.600 
_refine.aniso_B[1][1]                            -0.47 
_refine.aniso_B[2][2]                            0.13 
_refine.aniso_B[3][3]                            0.34 
_refine.aniso_B[1][2]                            0.00 
_refine.aniso_B[1][3]                            0.00 
_refine.aniso_B[2][3]                            0.00 
_refine.solvent_model_details                    MASK 
_refine.solvent_model_param_ksol                 ? 
_refine.solvent_model_param_bsol                 ? 
_refine.pdbx_solvent_vdw_probe_radii             1.20 
_refine.pdbx_solvent_ion_probe_radii             0.80 
_refine.pdbx_solvent_shrinkage_radii             0.80 
_refine.pdbx_ls_cross_valid_method               THROUGHOUT 
_refine.details                                  'HYDROGENS HAVE BEEN ADDED IN THE RIDING POSITIONS' 
_refine.pdbx_starting_model                      ? 
_refine.pdbx_method_to_determine_struct          SAD 
_refine.pdbx_isotropic_thermal_model             ? 
_refine.pdbx_stereochemistry_target_values       'MAXIMUM LIKELIHOOD' 
_refine.pdbx_stereochem_target_val_spec_case     ? 
_refine.pdbx_R_Free_selection_details            RANDOM 
_refine.pdbx_overall_ESU_R                       0.118 
_refine.pdbx_overall_ESU_R_Free                  0.118 
_refine.overall_SU_ML                            0.083 
_refine.overall_SU_B                             5.463 
_refine.ls_redundancy_reflns_obs                 ? 
_refine.B_iso_min                                ? 
_refine.B_iso_max                                ? 
_refine.overall_SU_R_Cruickshank_DPI             ? 
_refine.overall_SU_R_free                        ? 
_refine.ls_wR_factor_R_free                      ? 
_refine.ls_wR_factor_R_work                      ? 
_refine.overall_FOM_free_R_set                   ? 
_refine.overall_FOM_work_R_set                   ? 
_refine.pdbx_overall_phase_error                 ? 
_refine.pdbx_refine_id                           'X-RAY DIFFRACTION' 
_refine.pdbx_TLS_residual_ADP_flag               'LIKELY RESIDUAL' 
_refine.pdbx_diffrn_id                           1 
_refine.pdbx_overall_SU_R_free_Cruickshank_DPI   ? 
_refine.pdbx_overall_SU_R_Blow_DPI               ? 
_refine.pdbx_overall_SU_R_free_Blow_DPI          ? 
# 
_refine_hist.pdbx_refine_id                   'X-RAY DIFFRACTION' 
_refine_hist.cycle_id                         LAST 
_refine_hist.pdbx_number_atoms_protein        740 
_refine_hist.pdbx_number_atoms_nucleic_acid   0 
_refine_hist.pdbx_number_atoms_ligand         2 
_refine_hist.number_atoms_solvent             81 
_refine_hist.number_atoms_total               823 
_refine_hist.d_res_high                       1.70 
_refine_hist.d_res_low                        32.06 
# 
loop_
_refine_ls_restr.type 
_refine_ls_restr.dev_ideal 
_refine_ls_restr.dev_ideal_target 
_refine_ls_restr.weight 
_refine_ls_restr.number 
_refine_ls_restr.pdbx_refine_id 
_refine_ls_restr.pdbx_restraint_function 
r_bond_refined_d       0.021  0.022  ? 754  'X-RAY DIFFRACTION' ? 
r_bond_other_d         0.001  0.020  ? 540  'X-RAY DIFFRACTION' ? 
r_angle_refined_deg    1.667  1.978  ? 1009 'X-RAY DIFFRACTION' ? 
r_angle_other_deg      0.880  3.000  ? 1316 'X-RAY DIFFRACTION' ? 
r_dihedral_angle_1_deg 5.978  5.000  ? 91   'X-RAY DIFFRACTION' ? 
r_dihedral_angle_2_deg 41.467 23.824 ? 34   'X-RAY DIFFRACTION' ? 
r_dihedral_angle_3_deg 13.800 15.000 ? 150  'X-RAY DIFFRACTION' ? 
r_dihedral_angle_4_deg 4.423  15.000 ? 5    'X-RAY DIFFRACTION' ? 
r_chiral_restr         0.105  0.200  ? 109  'X-RAY DIFFRACTION' ? 
r_gen_planes_refined   0.009  0.020  ? 817  'X-RAY DIFFRACTION' ? 
r_gen_planes_other     0.001  0.020  ? 151  'X-RAY DIFFRACTION' ? 
r_mcbond_it            0.789  1.500  ? 452  'X-RAY DIFFRACTION' ? 
r_mcbond_other         0.173  1.500  ? 190  'X-RAY DIFFRACTION' ? 
r_mcangle_it           1.573  2.000  ? 727  'X-RAY DIFFRACTION' ? 
r_scbond_it            2.914  3.000  ? 302  'X-RAY DIFFRACTION' ? 
r_scangle_it           4.983  4.500  ? 282  'X-RAY DIFFRACTION' ? 
# 
_refine_ls_shell.pdbx_total_number_of_bins_used   20 
_refine_ls_shell.d_res_high                       1.700 
_refine_ls_shell.d_res_low                        1.744 
_refine_ls_shell.number_reflns_R_work             722 
_refine_ls_shell.R_factor_R_work                  0.266 
_refine_ls_shell.percent_reflns_obs               97.44 
_refine_ls_shell.R_factor_R_free                  0.356 
_refine_ls_shell.R_factor_R_free_error            ? 
_refine_ls_shell.percent_reflns_R_free            ? 
_refine_ls_shell.number_reflns_R_free             38 
_refine_ls_shell.number_reflns_all                ? 
_refine_ls_shell.R_factor_all                     ? 
_refine_ls_shell.number_reflns_obs                760 
_refine_ls_shell.redundancy_reflns_obs            ? 
_refine_ls_shell.pdbx_refine_id                   'X-RAY DIFFRACTION' 
# 
_struct.entry_id                  3IC4 
_struct.title                     'The crystal structure of the glutaredoxin(grx-1) from Archaeoglobus fulgidus' 
_struct.pdbx_model_details        ? 
_struct.pdbx_CASP_flag            ? 
_struct.pdbx_model_type_details   ? 
# 
_struct_keywords.entry_id        3IC4 
_struct_keywords.pdbx_keywords   OXIDOREDUCTASE 
_struct_keywords.text            
;glutaredoxin(grx-1), structural genomics, PSI, MCSG, Protein Structure Initiative, Midwest Center for Structural Genomics, OXIDOREDUCTASE
;
# 
loop_
_struct_asym.id 
_struct_asym.pdbx_blank_PDB_chainid_flag 
_struct_asym.pdbx_modified 
_struct_asym.entity_id 
_struct_asym.details 
A N N 1 ? 
B N N 2 ? 
C N N 2 ? 
D N N 3 ? 
# 
_struct_ref.id                         1 
_struct_ref.db_name                    UNP 
_struct_ref.db_code                    O28736_ARCFU 
_struct_ref.pdbx_db_accession          O28736 
_struct_ref.entity_id                  1 
_struct_ref.pdbx_seq_one_letter_code   
;MAEVLMYGLSTCPHCKRTLEFLKREGVDFEVIWIDKLEGEERKKVIEKVHSISGSYSVPVVVKGDKHVLGYNEEKLKELI
RG
;
_struct_ref.pdbx_align_begin           1 
_struct_ref.pdbx_db_isoform            ? 
# 
_struct_ref_seq.align_id                      1 
_struct_ref_seq.ref_id                        1 
_struct_ref_seq.pdbx_PDB_id_code              3IC4 
_struct_ref_seq.pdbx_strand_id                A 
_struct_ref_seq.seq_align_beg                 11 
_struct_ref_seq.pdbx_seq_align_beg_ins_code   ? 
_struct_ref_seq.seq_align_end                 92 
_struct_ref_seq.pdbx_seq_align_end_ins_code   ? 
_struct_ref_seq.pdbx_db_accession             O28736 
_struct_ref_seq.db_align_beg                  1 
_struct_ref_seq.pdbx_db_align_beg_ins_code    ? 
_struct_ref_seq.db_align_end                  82 
_struct_ref_seq.pdbx_db_align_end_ins_code    ? 
_struct_ref_seq.pdbx_auth_seq_align_beg       1 
_struct_ref_seq.pdbx_auth_seq_align_end       82 
# 
loop_
_struct_ref_seq_dif.align_id 
_struct_ref_seq_dif.pdbx_pdb_id_code 
_struct_ref_seq_dif.mon_id 
_struct_ref_seq_dif.pdbx_pdb_strand_id 
_struct_ref_seq_dif.seq_num 
_struct_ref_seq_dif.pdbx_pdb_ins_code 
_struct_ref_seq_dif.pdbx_seq_db_name 
_struct_ref_seq_dif.pdbx_seq_db_accession_code 
_struct_ref_seq_dif.db_mon_id 
_struct_ref_seq_dif.pdbx_seq_db_seq_num 
_struct_ref_seq_dif.details 
_struct_ref_seq_dif.pdbx_auth_seq_num 
_struct_ref_seq_dif.pdbx_ordinal 
1 3IC4 GLY A 1  ? UNP O28736 ? ? 'expression tag' -9 1  
1 3IC4 GLY A 2  ? UNP O28736 ? ? 'expression tag' -8 2  
1 3IC4 ARG A 3  ? UNP O28736 ? ? 'expression tag' -7 3  
1 3IC4 GLU A 4  ? UNP O28736 ? ? 'expression tag' -6 4  
1 3IC4 ASN A 5  ? UNP O28736 ? ? 'expression tag' -5 5  
1 3IC4 LEU A 6  ? UNP O28736 ? ? 'expression tag' -4 6  
1 3IC4 TYR A 7  ? UNP O28736 ? ? 'expression tag' -3 7  
1 3IC4 PHE A 8  ? UNP O28736 ? ? 'expression tag' -2 8  
1 3IC4 GLN A 9  ? UNP O28736 ? ? 'expression tag' -1 9  
1 3IC4 GLY A 10 ? UNP O28736 ? ? 'expression tag' 0  10 
# 
_pdbx_struct_assembly.id                   1 
_pdbx_struct_assembly.details              author_and_software_defined_assembly 
_pdbx_struct_assembly.method_details       PISA 
_pdbx_struct_assembly.oligomeric_details   monomeric 
_pdbx_struct_assembly.oligomeric_count     1 
# 
_pdbx_struct_assembly_gen.assembly_id       1 
_pdbx_struct_assembly_gen.oper_expression   1 
_pdbx_struct_assembly_gen.asym_id_list      A,B,C,D 
# 
_pdbx_struct_oper_list.id                   1 
_pdbx_struct_oper_list.type                 'identity operation' 
_pdbx_struct_oper_list.name                 1_555 
_pdbx_struct_oper_list.symmetry_operation   x,y,z 
_pdbx_struct_oper_list.matrix[1][1]         1.0000000000 
_pdbx_struct_oper_list.matrix[1][2]         0.0000000000 
_pdbx_struct_oper_list.matrix[1][3]         0.0000000000 
_pdbx_struct_oper_list.vector[1]            0.0000000000 
_pdbx_struct_oper_list.matrix[2][1]         0.0000000000 
_pdbx_struct_oper_list.matrix[2][2]         1.0000000000 
_pdbx_struct_oper_list.matrix[2][3]         0.0000000000 
_pdbx_struct_oper_list.vector[2]            0.0000000000 
_pdbx_struct_oper_list.matrix[3][1]         0.0000000000 
_pdbx_struct_oper_list.matrix[3][2]         0.0000000000 
_pdbx_struct_oper_list.matrix[3][3]         1.0000000000 
_pdbx_struct_oper_list.vector[3]            0.0000000000 
# 
_struct_biol.id   1 
# 
loop_
_struct_conf.conf_type_id 
_struct_conf.id 
_struct_conf.pdbx_PDB_helix_id 
_struct_conf.beg_label_comp_id 
_struct_conf.beg_label_asym_id 
_struct_conf.beg_label_seq_id 
_struct_conf.pdbx_beg_PDB_ins_code 
_struct_conf.end_label_comp_id 
_struct_conf.end_label_asym_id 
_struct_conf.end_label_seq_id 
_struct_conf.pdbx_end_PDB_ins_code 
_struct_conf.beg_auth_comp_id 
_struct_conf.beg_auth_asym_id 
_struct_conf.beg_auth_seq_id 
_struct_conf.end_auth_comp_id 
_struct_conf.end_auth_asym_id 
_struct_conf.end_auth_seq_id 
_struct_conf.pdbx_PDB_helix_class 
_struct_conf.details 
_struct_conf.pdbx_PDB_helix_length 
HELX_P HELX_P1 1 CYS A 22 ? GLY A 36 ? CYS A 12 GLY A 26 1 ? 15 
HELX_P HELX_P2 2 ASP A 45 ? LEU A 47 ? ASP A 35 LEU A 37 5 ? 3  
HELX_P HELX_P3 3 GLU A 48 ? GLY A 64 ? GLU A 38 GLY A 54 1 ? 17 
HELX_P HELX_P4 4 ASN A 82 ? GLY A 92 ? ASN A 72 GLY A 82 1 ? 11 
# 
_struct_conf_type.id          HELX_P 
_struct_conf_type.criteria    ? 
_struct_conf_type.reference   ? 
# 
loop_
_struct_conn.id 
_struct_conn.conn_type_id 
_struct_conn.pdbx_leaving_atom_flag 
_struct_conn.pdbx_PDB_id 
_struct_conn.ptnr1_label_asym_id 
_struct_conn.ptnr1_label_comp_id 
_struct_conn.ptnr1_label_seq_id 
_struct_conn.ptnr1_label_atom_id 
_struct_conn.pdbx_ptnr1_label_alt_id 
_struct_conn.pdbx_ptnr1_PDB_ins_code 
_struct_conn.pdbx_ptnr1_standard_comp_id 
_struct_conn.ptnr1_symmetry 
_struct_conn.ptnr2_label_asym_id 
_struct_conn.ptnr2_label_comp_id 
_struct_conn.ptnr2_label_seq_id 
_struct_conn.ptnr2_label_atom_id 
_struct_conn.pdbx_ptnr2_label_alt_id 
_struct_conn.pdbx_ptnr2_PDB_ins_code 
_struct_conn.ptnr1_auth_asym_id 
_struct_conn.ptnr1_auth_comp_id 
_struct_conn.ptnr1_auth_seq_id 
_struct_conn.ptnr2_auth_asym_id 
_struct_conn.ptnr2_auth_comp_id 
_struct_conn.ptnr2_auth_seq_id 
_struct_conn.ptnr2_symmetry 
_struct_conn.pdbx_ptnr3_label_atom_id 
_struct_conn.pdbx_ptnr3_label_seq_id 
_struct_conn.pdbx_ptnr3_label_comp_id 
_struct_conn.pdbx_ptnr3_label_asym_id 
_struct_conn.pdbx_ptnr3_label_alt_id 
_struct_conn.pdbx_ptnr3_PDB_ins_code 
_struct_conn.details 
_struct_conn.pdbx_dist_value 
_struct_conn.pdbx_value_order 
_struct_conn.pdbx_role 
covale1 covale both ? A GLY 10 C ? ? ? 1_555 A MSE 11 N ? ? A GLY 0 A MSE 1 1_555 ? ? ? ? ? ? ? 1.339 ? ? 
covale2 covale both ? A MSE 11 C ? ? ? 1_555 A ALA 12 N ? ? A MSE 1 A ALA 2 1_555 ? ? ? ? ? ? ? 1.344 ? ? 
covale3 covale both ? A LEU 15 C ? ? ? 1_555 A MSE 16 N ? ? A LEU 5 A MSE 6 1_555 ? ? ? ? ? ? ? 1.331 ? ? 
covale4 covale both ? A MSE 16 C ? ? ? 1_555 A TYR 17 N ? ? A MSE 6 A TYR 7 1_555 ? ? ? ? ? ? ? 1.334 ? ? 
# 
_struct_conn_type.id          covale 
_struct_conn_type.criteria    ? 
_struct_conn_type.reference   ? 
# 
loop_
_pdbx_modification_feature.ordinal 
_pdbx_modification_feature.label_comp_id 
_pdbx_modification_feature.label_asym_id 
_pdbx_modification_feature.label_seq_id 
_pdbx_modification_feature.label_alt_id 
_pdbx_modification_feature.modified_residue_label_comp_id 
_pdbx_modification_feature.modified_residue_label_asym_id 
_pdbx_modification_feature.modified_residue_label_seq_id 
_pdbx_modification_feature.modified_residue_label_alt_id 
_pdbx_modification_feature.auth_comp_id 
_pdbx_modification_feature.auth_asym_id 
_pdbx_modification_feature.auth_seq_id 
_pdbx_modification_feature.PDB_ins_code 
_pdbx_modification_feature.symmetry 
_pdbx_modification_feature.modified_residue_auth_comp_id 
_pdbx_modification_feature.modified_residue_auth_asym_id 
_pdbx_modification_feature.modified_residue_auth_seq_id 
_pdbx_modification_feature.modified_residue_PDB_ins_code 
_pdbx_modification_feature.modified_residue_symmetry 
_pdbx_modification_feature.comp_id_linking_atom 
_pdbx_modification_feature.modified_residue_id_linking_atom 
_pdbx_modification_feature.modified_residue_id 
_pdbx_modification_feature.ref_pcm_id 
_pdbx_modification_feature.ref_comp_id 
_pdbx_modification_feature.type 
_pdbx_modification_feature.category 
1 MSE A 11 ? . . . . MSE A 1 ? 1_555 . . . . . . . MET 1 MSE Selenomethionine 'Named protein modification' 
2 MSE A 16 ? . . . . MSE A 6 ? 1_555 . . . . . . . MET 1 MSE Selenomethionine 'Named protein modification' 
# 
loop_
_struct_mon_prot_cis.pdbx_id 
_struct_mon_prot_cis.label_comp_id 
_struct_mon_prot_cis.label_seq_id 
_struct_mon_prot_cis.label_asym_id 
_struct_mon_prot_cis.label_alt_id 
_struct_mon_prot_cis.pdbx_PDB_ins_code 
_struct_mon_prot_cis.auth_comp_id 
_struct_mon_prot_cis.auth_seq_id 
_struct_mon_prot_cis.auth_asym_id 
_struct_mon_prot_cis.pdbx_label_comp_id_2 
_struct_mon_prot_cis.pdbx_label_seq_id_2 
_struct_mon_prot_cis.pdbx_label_asym_id_2 
_struct_mon_prot_cis.pdbx_PDB_ins_code_2 
_struct_mon_prot_cis.pdbx_auth_comp_id_2 
_struct_mon_prot_cis.pdbx_auth_seq_id_2 
_struct_mon_prot_cis.pdbx_auth_asym_id_2 
_struct_mon_prot_cis.pdbx_PDB_model_num 
_struct_mon_prot_cis.pdbx_omega_angle 
1 GLY 1  A . ? GLY -9 A GLY 2  A ? GLY -8 A 1 0.24 
2 VAL 68 A . ? VAL 58 A PRO 69 A ? PRO 59 A 1 2.54 
# 
_struct_sheet.id               A 
_struct_sheet.type             ? 
_struct_sheet.number_strands   4 
_struct_sheet.details          ? 
# 
loop_
_struct_sheet_order.sheet_id 
_struct_sheet_order.range_id_1 
_struct_sheet_order.range_id_2 
_struct_sheet_order.offset 
_struct_sheet_order.sense 
A 1 2 ? parallel      
A 2 3 ? anti-parallel 
A 3 4 ? anti-parallel 
# 
loop_
_struct_sheet_range.sheet_id 
_struct_sheet_range.id 
_struct_sheet_range.beg_label_comp_id 
_struct_sheet_range.beg_label_asym_id 
_struct_sheet_range.beg_label_seq_id 
_struct_sheet_range.pdbx_beg_PDB_ins_code 
_struct_sheet_range.end_label_comp_id 
_struct_sheet_range.end_label_asym_id 
_struct_sheet_range.end_label_seq_id 
_struct_sheet_range.pdbx_end_PDB_ins_code 
_struct_sheet_range.beg_auth_comp_id 
_struct_sheet_range.beg_auth_asym_id 
_struct_sheet_range.beg_auth_seq_id 
_struct_sheet_range.end_auth_comp_id 
_struct_sheet_range.end_auth_asym_id 
_struct_sheet_range.end_auth_seq_id 
A 1 GLU A 40 ? TRP A 43 ? GLU A 30 TRP A 33 
A 2 LEU A 15 ? GLY A 18 ? LEU A 5  GLY A 8  
A 3 VAL A 70 ? LYS A 73 ? VAL A 60 LYS A 63 
A 4 LYS A 76 ? LEU A 79 ? LYS A 66 LEU A 69 
# 
loop_
_pdbx_struct_sheet_hbond.sheet_id 
_pdbx_struct_sheet_hbond.range_id_1 
_pdbx_struct_sheet_hbond.range_id_2 
_pdbx_struct_sheet_hbond.range_1_label_atom_id 
_pdbx_struct_sheet_hbond.range_1_label_comp_id 
_pdbx_struct_sheet_hbond.range_1_label_asym_id 
_pdbx_struct_sheet_hbond.range_1_label_seq_id 
_pdbx_struct_sheet_hbond.range_1_PDB_ins_code 
_pdbx_struct_sheet_hbond.range_1_auth_atom_id 
_pdbx_struct_sheet_hbond.range_1_auth_comp_id 
_pdbx_struct_sheet_hbond.range_1_auth_asym_id 
_pdbx_struct_sheet_hbond.range_1_auth_seq_id 
_pdbx_struct_sheet_hbond.range_2_label_atom_id 
_pdbx_struct_sheet_hbond.range_2_label_comp_id 
_pdbx_struct_sheet_hbond.range_2_label_asym_id 
_pdbx_struct_sheet_hbond.range_2_label_seq_id 
_pdbx_struct_sheet_hbond.range_2_PDB_ins_code 
_pdbx_struct_sheet_hbond.range_2_auth_atom_id 
_pdbx_struct_sheet_hbond.range_2_auth_comp_id 
_pdbx_struct_sheet_hbond.range_2_auth_asym_id 
_pdbx_struct_sheet_hbond.range_2_auth_seq_id 
A 1 2 O GLU A 40 ? O GLU A 30 N MSE A 16 ? N MSE A 6  
A 2 3 N LEU A 15 ? N LEU A 5  O VAL A 72 ? O VAL A 62 
A 3 4 N VAL A 71 ? N VAL A 61 O VAL A 78 ? O VAL A 68 
# 
loop_
_struct_site.id 
_struct_site.pdbx_evidence_code 
_struct_site.pdbx_auth_asym_id 
_struct_site.pdbx_auth_comp_id 
_struct_site.pdbx_auth_seq_id 
_struct_site.pdbx_auth_ins_code 
_struct_site.pdbx_num_residues 
_struct_site.details 
AC1 Software A MG 83 ? 3 'BINDING SITE FOR RESIDUE MG A 83' 
AC2 Software A MG 84 ? 4 'BINDING SITE FOR RESIDUE MG A 84' 
# 
loop_
_struct_site_gen.id 
_struct_site_gen.site_id 
_struct_site_gen.pdbx_num_res 
_struct_site_gen.label_comp_id 
_struct_site_gen.label_asym_id 
_struct_site_gen.label_seq_id 
_struct_site_gen.pdbx_auth_ins_code 
_struct_site_gen.auth_comp_id 
_struct_site_gen.auth_asym_id 
_struct_site_gen.auth_seq_id 
_struct_site_gen.label_atom_id 
_struct_site_gen.label_alt_id 
_struct_site_gen.symmetry 
_struct_site_gen.details 
1 AC1 3 LYS A 26 ? LYS A 16 . ? 4_465 ? 
2 AC1 3 LEU A 79 ? LEU A 69 . ? 1_555 ? 
3 AC1 3 LYS A 85 ? LYS A 75 . ? 1_555 ? 
4 AC2 4 PRO A 23 ? PRO A 13 . ? 4_465 ? 
5 AC2 4 LYS A 26 ? LYS A 16 . ? 4_465 ? 
6 AC2 4 LYS A 76 ? LYS A 66 . ? 1_555 ? 
7 AC2 4 HIS A 77 ? HIS A 67 . ? 1_555 ? 
# 
_pdbx_entry_details.entry_id                   3IC4 
_pdbx_entry_details.compound_details           ? 
_pdbx_entry_details.source_details             ? 
_pdbx_entry_details.nonpolymer_details         ? 
_pdbx_entry_details.sequence_details           ? 
_pdbx_entry_details.has_ligand_of_interest     ? 
_pdbx_entry_details.has_protein_modification   Y 
# 
_pdbx_validate_close_contact.id               1 
_pdbx_validate_close_contact.PDB_model_num    1 
_pdbx_validate_close_contact.auth_atom_id_1   OE1 
_pdbx_validate_close_contact.auth_asym_id_1   A 
_pdbx_validate_close_contact.auth_comp_id_1   GLU 
_pdbx_validate_close_contact.auth_seq_id_1    -6 
_pdbx_validate_close_contact.PDB_ins_code_1   ? 
_pdbx_validate_close_contact.label_alt_id_1   ? 
_pdbx_validate_close_contact.auth_atom_id_2   NZ 
_pdbx_validate_close_contact.auth_asym_id_2   A 
_pdbx_validate_close_contact.auth_comp_id_2   LYS 
_pdbx_validate_close_contact.auth_seq_id_2    44 
_pdbx_validate_close_contact.PDB_ins_code_2   ? 
_pdbx_validate_close_contact.label_alt_id_2   ? 
_pdbx_validate_close_contact.dist             2.19 
# 
_pdbx_validate_rmsd_angle.id                         1 
_pdbx_validate_rmsd_angle.PDB_model_num              1 
_pdbx_validate_rmsd_angle.auth_atom_id_1             NE 
_pdbx_validate_rmsd_angle.auth_asym_id_1             A 
_pdbx_validate_rmsd_angle.auth_comp_id_1             ARG 
_pdbx_validate_rmsd_angle.auth_seq_id_1              17 
_pdbx_validate_rmsd_angle.PDB_ins_code_1             ? 
_pdbx_validate_rmsd_angle.label_alt_id_1             ? 
_pdbx_validate_rmsd_angle.auth_atom_id_2             CZ 
_pdbx_validate_rmsd_angle.auth_asym_id_2             A 
_pdbx_validate_rmsd_angle.auth_comp_id_2             ARG 
_pdbx_validate_rmsd_angle.auth_seq_id_2              17 
_pdbx_validate_rmsd_angle.PDB_ins_code_2             ? 
_pdbx_validate_rmsd_angle.label_alt_id_2             ? 
_pdbx_validate_rmsd_angle.auth_atom_id_3             NH2 
_pdbx_validate_rmsd_angle.auth_asym_id_3             A 
_pdbx_validate_rmsd_angle.auth_comp_id_3             ARG 
_pdbx_validate_rmsd_angle.auth_seq_id_3              17 
_pdbx_validate_rmsd_angle.PDB_ins_code_3             ? 
_pdbx_validate_rmsd_angle.label_alt_id_3             ? 
_pdbx_validate_rmsd_angle.angle_value                124.30 
_pdbx_validate_rmsd_angle.angle_target_value         120.30 
_pdbx_validate_rmsd_angle.angle_deviation            4.00 
_pdbx_validate_rmsd_angle.angle_standard_deviation   0.50 
_pdbx_validate_rmsd_angle.linker_flag                N 
# 
_pdbx_SG_project.id                    1 
_pdbx_SG_project.project_name          'PSI, Protein Structure Initiative' 
_pdbx_SG_project.full_name_of_center   'Midwest Center for Structural Genomics' 
_pdbx_SG_project.initial_of_center     MCSG 
# 
loop_
_pdbx_struct_mod_residue.id 
_pdbx_struct_mod_residue.label_asym_id 
_pdbx_struct_mod_residue.label_comp_id 
_pdbx_struct_mod_residue.label_seq_id 
_pdbx_struct_mod_residue.auth_asym_id 
_pdbx_struct_mod_residue.auth_comp_id 
_pdbx_struct_mod_residue.auth_seq_id 
_pdbx_struct_mod_residue.PDB_ins_code 
_pdbx_struct_mod_residue.parent_comp_id 
_pdbx_struct_mod_residue.details 
1 A MSE 11 A MSE 1 ? MET SELENOMETHIONINE 
2 A MSE 16 A MSE 6 ? MET SELENOMETHIONINE 
# 
_pdbx_refine_tls.pdbx_refine_id   'X-RAY DIFFRACTION' 
_pdbx_refine_tls.id               1 
_pdbx_refine_tls.details          ? 
_pdbx_refine_tls.method           refined 
_pdbx_refine_tls.origin_x         -0.2450 
_pdbx_refine_tls.origin_y         -0.3240 
_pdbx_refine_tls.origin_z         0.4759 
_pdbx_refine_tls.T[1][1]          0.2905 
_pdbx_refine_tls.T[2][2]          0.2411 
_pdbx_refine_tls.T[3][3]          0.1809 
_pdbx_refine_tls.T[1][2]          0.0719 
_pdbx_refine_tls.T[1][3]          0.0347 
_pdbx_refine_tls.T[2][3]          0.0385 
_pdbx_refine_tls.L[1][1]          1.9366 
_pdbx_refine_tls.L[2][2]          0.9067 
_pdbx_refine_tls.L[3][3]          1.1937 
_pdbx_refine_tls.L[1][2]          -0.0057 
_pdbx_refine_tls.L[1][3]          0.0655 
_pdbx_refine_tls.L[2][3]          -0.4094 
_pdbx_refine_tls.S[1][1]          -0.0848 
_pdbx_refine_tls.S[1][2]          0.0977 
_pdbx_refine_tls.S[1][3]          0.0048 
_pdbx_refine_tls.S[2][1]          -0.0228 
_pdbx_refine_tls.S[2][2]          0.0082 
_pdbx_refine_tls.S[2][3]          -0.0982 
_pdbx_refine_tls.S[3][1]          0.0273 
_pdbx_refine_tls.S[3][2]          0.0808 
_pdbx_refine_tls.S[3][3]          0.0765 
# 
loop_
_pdbx_refine_tls_group.pdbx_refine_id 
_pdbx_refine_tls_group.id 
_pdbx_refine_tls_group.refine_tls_id 
_pdbx_refine_tls_group.beg_auth_asym_id 
_pdbx_refine_tls_group.beg_auth_seq_id 
_pdbx_refine_tls_group.end_auth_asym_id 
_pdbx_refine_tls_group.end_auth_seq_id 
_pdbx_refine_tls_group.selection_details 
_pdbx_refine_tls_group.beg_label_asym_id 
_pdbx_refine_tls_group.beg_label_seq_id 
_pdbx_refine_tls_group.end_label_asym_id 
_pdbx_refine_tls_group.end_label_seq_id 
_pdbx_refine_tls_group.selection 
'X-RAY DIFFRACTION' 1 1 A -9 A 0  ? . . . . ? 
'X-RAY DIFFRACTION' 2 1 A 1  A 15 ? . . . . ? 
'X-RAY DIFFRACTION' 3 1 A 16 A 30 ? . . . . ? 
'X-RAY DIFFRACTION' 4 1 A 31 A 45 ? . . . . ? 
'X-RAY DIFFRACTION' 5 1 A 46 A 60 ? . . . . ? 
'X-RAY DIFFRACTION' 6 1 A 61 A 82 ? . . . . ? 
# 
loop_
_chem_comp_atom.comp_id 
_chem_comp_atom.atom_id 
_chem_comp_atom.type_symbol 
_chem_comp_atom.pdbx_aromatic_flag 
_chem_comp_atom.pdbx_stereo_config 
_chem_comp_atom.pdbx_ordinal 
ALA N    N  N N 1   
ALA CA   C  N S 2   
ALA C    C  N N 3   
ALA O    O  N N 4   
ALA CB   C  N N 5   
ALA OXT  O  N N 6   
ALA H    H  N N 7   
ALA H2   H  N N 8   
ALA HA   H  N N 9   
ALA HB1  H  N N 10  
ALA HB2  H  N N 11  
ALA HB3  H  N N 12  
ALA HXT  H  N N 13  
ARG N    N  N N 14  
ARG CA   C  N S 15  
ARG C    C  N N 16  
ARG O    O  N N 17  
ARG CB   C  N N 18  
ARG CG   C  N N 19  
ARG CD   C  N N 20  
ARG NE   N  N N 21  
ARG CZ   C  N N 22  
ARG NH1  N  N N 23  
ARG NH2  N  N N 24  
ARG OXT  O  N N 25  
ARG H    H  N N 26  
ARG H2   H  N N 27  
ARG HA   H  N N 28  
ARG HB2  H  N N 29  
ARG HB3  H  N N 30  
ARG HG2  H  N N 31  
ARG HG3  H  N N 32  
ARG HD2  H  N N 33  
ARG HD3  H  N N 34  
ARG HE   H  N N 35  
ARG HH11 H  N N 36  
ARG HH12 H  N N 37  
ARG HH21 H  N N 38  
ARG HH22 H  N N 39  
ARG HXT  H  N N 40  
ASN N    N  N N 41  
ASN CA   C  N S 42  
ASN C    C  N N 43  
ASN O    O  N N 44  
ASN CB   C  N N 45  
ASN CG   C  N N 46  
ASN OD1  O  N N 47  
ASN ND2  N  N N 48  
ASN OXT  O  N N 49  
ASN H    H  N N 50  
ASN H2   H  N N 51  
ASN HA   H  N N 52  
ASN HB2  H  N N 53  
ASN HB3  H  N N 54  
ASN HD21 H  N N 55  
ASN HD22 H  N N 56  
ASN HXT  H  N N 57  
ASP N    N  N N 58  
ASP CA   C  N S 59  
ASP C    C  N N 60  
ASP O    O  N N 61  
ASP CB   C  N N 62  
ASP CG   C  N N 63  
ASP OD1  O  N N 64  
ASP OD2  O  N N 65  
ASP OXT  O  N N 66  
ASP H    H  N N 67  
ASP H2   H  N N 68  
ASP HA   H  N N 69  
ASP HB2  H  N N 70  
ASP HB3  H  N N 71  
ASP HD2  H  N N 72  
ASP HXT  H  N N 73  
CYS N    N  N N 74  
CYS CA   C  N R 75  
CYS C    C  N N 76  
CYS O    O  N N 77  
CYS CB   C  N N 78  
CYS SG   S  N N 79  
CYS OXT  O  N N 80  
CYS H    H  N N 81  
CYS H2   H  N N 82  
CYS HA   H  N N 83  
CYS HB2  H  N N 84  
CYS HB3  H  N N 85  
CYS HG   H  N N 86  
CYS HXT  H  N N 87  
GLN N    N  N N 88  
GLN CA   C  N S 89  
GLN C    C  N N 90  
GLN O    O  N N 91  
GLN CB   C  N N 92  
GLN CG   C  N N 93  
GLN CD   C  N N 94  
GLN OE1  O  N N 95  
GLN NE2  N  N N 96  
GLN OXT  O  N N 97  
GLN H    H  N N 98  
GLN H2   H  N N 99  
GLN HA   H  N N 100 
GLN HB2  H  N N 101 
GLN HB3  H  N N 102 
GLN HG2  H  N N 103 
GLN HG3  H  N N 104 
GLN HE21 H  N N 105 
GLN HE22 H  N N 106 
GLN HXT  H  N N 107 
GLU N    N  N N 108 
GLU CA   C  N S 109 
GLU C    C  N N 110 
GLU O    O  N N 111 
GLU CB   C  N N 112 
GLU CG   C  N N 113 
GLU CD   C  N N 114 
GLU OE1  O  N N 115 
GLU OE2  O  N N 116 
GLU OXT  O  N N 117 
GLU H    H  N N 118 
GLU H2   H  N N 119 
GLU HA   H  N N 120 
GLU HB2  H  N N 121 
GLU HB3  H  N N 122 
GLU HG2  H  N N 123 
GLU HG3  H  N N 124 
GLU HE2  H  N N 125 
GLU HXT  H  N N 126 
GLY N    N  N N 127 
GLY CA   C  N N 128 
GLY C    C  N N 129 
GLY O    O  N N 130 
GLY OXT  O  N N 131 
GLY H    H  N N 132 
GLY H2   H  N N 133 
GLY HA2  H  N N 134 
GLY HA3  H  N N 135 
GLY HXT  H  N N 136 
HIS N    N  N N 137 
HIS CA   C  N S 138 
HIS C    C  N N 139 
HIS O    O  N N 140 
HIS CB   C  N N 141 
HIS CG   C  Y N 142 
HIS ND1  N  Y N 143 
HIS CD2  C  Y N 144 
HIS CE1  C  Y N 145 
HIS NE2  N  Y N 146 
HIS OXT  O  N N 147 
HIS H    H  N N 148 
HIS H2   H  N N 149 
HIS HA   H  N N 150 
HIS HB2  H  N N 151 
HIS HB3  H  N N 152 
HIS HD1  H  N N 153 
HIS HD2  H  N N 154 
HIS HE1  H  N N 155 
HIS HE2  H  N N 156 
HIS HXT  H  N N 157 
HOH O    O  N N 158 
HOH H1   H  N N 159 
HOH H2   H  N N 160 
ILE N    N  N N 161 
ILE CA   C  N S 162 
ILE C    C  N N 163 
ILE O    O  N N 164 
ILE CB   C  N S 165 
ILE CG1  C  N N 166 
ILE CG2  C  N N 167 
ILE CD1  C  N N 168 
ILE OXT  O  N N 169 
ILE H    H  N N 170 
ILE H2   H  N N 171 
ILE HA   H  N N 172 
ILE HB   H  N N 173 
ILE HG12 H  N N 174 
ILE HG13 H  N N 175 
ILE HG21 H  N N 176 
ILE HG22 H  N N 177 
ILE HG23 H  N N 178 
ILE HD11 H  N N 179 
ILE HD12 H  N N 180 
ILE HD13 H  N N 181 
ILE HXT  H  N N 182 
LEU N    N  N N 183 
LEU CA   C  N S 184 
LEU C    C  N N 185 
LEU O    O  N N 186 
LEU CB   C  N N 187 
LEU CG   C  N N 188 
LEU CD1  C  N N 189 
LEU CD2  C  N N 190 
LEU OXT  O  N N 191 
LEU H    H  N N 192 
LEU H2   H  N N 193 
LEU HA   H  N N 194 
LEU HB2  H  N N 195 
LEU HB3  H  N N 196 
LEU HG   H  N N 197 
LEU HD11 H  N N 198 
LEU HD12 H  N N 199 
LEU HD13 H  N N 200 
LEU HD21 H  N N 201 
LEU HD22 H  N N 202 
LEU HD23 H  N N 203 
LEU HXT  H  N N 204 
LYS N    N  N N 205 
LYS CA   C  N S 206 
LYS C    C  N N 207 
LYS O    O  N N 208 
LYS CB   C  N N 209 
LYS CG   C  N N 210 
LYS CD   C  N N 211 
LYS CE   C  N N 212 
LYS NZ   N  N N 213 
LYS OXT  O  N N 214 
LYS H    H  N N 215 
LYS H2   H  N N 216 
LYS HA   H  N N 217 
LYS HB2  H  N N 218 
LYS HB3  H  N N 219 
LYS HG2  H  N N 220 
LYS HG3  H  N N 221 
LYS HD2  H  N N 222 
LYS HD3  H  N N 223 
LYS HE2  H  N N 224 
LYS HE3  H  N N 225 
LYS HZ1  H  N N 226 
LYS HZ2  H  N N 227 
LYS HZ3  H  N N 228 
LYS HXT  H  N N 229 
MG  MG   MG N N 230 
MSE N    N  N N 231 
MSE CA   C  N S 232 
MSE C    C  N N 233 
MSE O    O  N N 234 
MSE OXT  O  N N 235 
MSE CB   C  N N 236 
MSE CG   C  N N 237 
MSE SE   SE N N 238 
MSE CE   C  N N 239 
MSE H    H  N N 240 
MSE H2   H  N N 241 
MSE HA   H  N N 242 
MSE HXT  H  N N 243 
MSE HB2  H  N N 244 
MSE HB3  H  N N 245 
MSE HG2  H  N N 246 
MSE HG3  H  N N 247 
MSE HE1  H  N N 248 
MSE HE2  H  N N 249 
MSE HE3  H  N N 250 
PHE N    N  N N 251 
PHE CA   C  N S 252 
PHE C    C  N N 253 
PHE O    O  N N 254 
PHE CB   C  N N 255 
PHE CG   C  Y N 256 
PHE CD1  C  Y N 257 
PHE CD2  C  Y N 258 
PHE CE1  C  Y N 259 
PHE CE2  C  Y N 260 
PHE CZ   C  Y N 261 
PHE OXT  O  N N 262 
PHE H    H  N N 263 
PHE H2   H  N N 264 
PHE HA   H  N N 265 
PHE HB2  H  N N 266 
PHE HB3  H  N N 267 
PHE HD1  H  N N 268 
PHE HD2  H  N N 269 
PHE HE1  H  N N 270 
PHE HE2  H  N N 271 
PHE HZ   H  N N 272 
PHE HXT  H  N N 273 
PRO N    N  N N 274 
PRO CA   C  N S 275 
PRO C    C  N N 276 
PRO O    O  N N 277 
PRO CB   C  N N 278 
PRO CG   C  N N 279 
PRO CD   C  N N 280 
PRO OXT  O  N N 281 
PRO H    H  N N 282 
PRO HA   H  N N 283 
PRO HB2  H  N N 284 
PRO HB3  H  N N 285 
PRO HG2  H  N N 286 
PRO HG3  H  N N 287 
PRO HD2  H  N N 288 
PRO HD3  H  N N 289 
PRO HXT  H  N N 290 
SER N    N  N N 291 
SER CA   C  N S 292 
SER C    C  N N 293 
SER O    O  N N 294 
SER CB   C  N N 295 
SER OG   O  N N 296 
SER OXT  O  N N 297 
SER H    H  N N 298 
SER H2   H  N N 299 
SER HA   H  N N 300 
SER HB2  H  N N 301 
SER HB3  H  N N 302 
SER HG   H  N N 303 
SER HXT  H  N N 304 
THR N    N  N N 305 
THR CA   C  N S 306 
THR C    C  N N 307 
THR O    O  N N 308 
THR CB   C  N R 309 
THR OG1  O  N N 310 
THR CG2  C  N N 311 
THR OXT  O  N N 312 
THR H    H  N N 313 
THR H2   H  N N 314 
THR HA   H  N N 315 
THR HB   H  N N 316 
THR HG1  H  N N 317 
THR HG21 H  N N 318 
THR HG22 H  N N 319 
THR HG23 H  N N 320 
THR HXT  H  N N 321 
TRP N    N  N N 322 
TRP CA   C  N S 323 
TRP C    C  N N 324 
TRP O    O  N N 325 
TRP CB   C  N N 326 
TRP CG   C  Y N 327 
TRP CD1  C  Y N 328 
TRP CD2  C  Y N 329 
TRP NE1  N  Y N 330 
TRP CE2  C  Y N 331 
TRP CE3  C  Y N 332 
TRP CZ2  C  Y N 333 
TRP CZ3  C  Y N 334 
TRP CH2  C  Y N 335 
TRP OXT  O  N N 336 
TRP H    H  N N 337 
TRP H2   H  N N 338 
TRP HA   H  N N 339 
TRP HB2  H  N N 340 
TRP HB3  H  N N 341 
TRP HD1  H  N N 342 
TRP HE1  H  N N 343 
TRP HE3  H  N N 344 
TRP HZ2  H  N N 345 
TRP HZ3  H  N N 346 
TRP HH2  H  N N 347 
TRP HXT  H  N N 348 
TYR N    N  N N 349 
TYR CA   C  N S 350 
TYR C    C  N N 351 
TYR O    O  N N 352 
TYR CB   C  N N 353 
TYR CG   C  Y N 354 
TYR CD1  C  Y N 355 
TYR CD2  C  Y N 356 
TYR CE1  C  Y N 357 
TYR CE2  C  Y N 358 
TYR CZ   C  Y N 359 
TYR OH   O  N N 360 
TYR OXT  O  N N 361 
TYR H    H  N N 362 
TYR H2   H  N N 363 
TYR HA   H  N N 364 
TYR HB2  H  N N 365 
TYR HB3  H  N N 366 
TYR HD1  H  N N 367 
TYR HD2  H  N N 368 
TYR HE1  H  N N 369 
TYR HE2  H  N N 370 
TYR HH   H  N N 371 
TYR HXT  H  N N 372 
VAL N    N  N N 373 
VAL CA   C  N S 374 
VAL C    C  N N 375 
VAL O    O  N N 376 
VAL CB   C  N N 377 
VAL CG1  C  N N 378 
VAL CG2  C  N N 379 
VAL OXT  O  N N 380 
VAL H    H  N N 381 
VAL H2   H  N N 382 
VAL HA   H  N N 383 
VAL HB   H  N N 384 
VAL HG11 H  N N 385 
VAL HG12 H  N N 386 
VAL HG13 H  N N 387 
VAL HG21 H  N N 388 
VAL HG22 H  N N 389 
VAL HG23 H  N N 390 
VAL HXT  H  N N 391 
# 
loop_
_chem_comp_bond.comp_id 
_chem_comp_bond.atom_id_1 
_chem_comp_bond.atom_id_2 
_chem_comp_bond.value_order 
_chem_comp_bond.pdbx_aromatic_flag 
_chem_comp_bond.pdbx_stereo_config 
_chem_comp_bond.pdbx_ordinal 
ALA N   CA   sing N N 1   
ALA N   H    sing N N 2   
ALA N   H2   sing N N 3   
ALA CA  C    sing N N 4   
ALA CA  CB   sing N N 5   
ALA CA  HA   sing N N 6   
ALA C   O    doub N N 7   
ALA C   OXT  sing N N 8   
ALA CB  HB1  sing N N 9   
ALA CB  HB2  sing N N 10  
ALA CB  HB3  sing N N 11  
ALA OXT HXT  sing N N 12  
ARG N   CA   sing N N 13  
ARG N   H    sing N N 14  
ARG N   H2   sing N N 15  
ARG CA  C    sing N N 16  
ARG CA  CB   sing N N 17  
ARG CA  HA   sing N N 18  
ARG C   O    doub N N 19  
ARG C   OXT  sing N N 20  
ARG CB  CG   sing N N 21  
ARG CB  HB2  sing N N 22  
ARG CB  HB3  sing N N 23  
ARG CG  CD   sing N N 24  
ARG CG  HG2  sing N N 25  
ARG CG  HG3  sing N N 26  
ARG CD  NE   sing N N 27  
ARG CD  HD2  sing N N 28  
ARG CD  HD3  sing N N 29  
ARG NE  CZ   sing N N 30  
ARG NE  HE   sing N N 31  
ARG CZ  NH1  sing N N 32  
ARG CZ  NH2  doub N N 33  
ARG NH1 HH11 sing N N 34  
ARG NH1 HH12 sing N N 35  
ARG NH2 HH21 sing N N 36  
ARG NH2 HH22 sing N N 37  
ARG OXT HXT  sing N N 38  
ASN N   CA   sing N N 39  
ASN N   H    sing N N 40  
ASN N   H2   sing N N 41  
ASN CA  C    sing N N 42  
ASN CA  CB   sing N N 43  
ASN CA  HA   sing N N 44  
ASN C   O    doub N N 45  
ASN C   OXT  sing N N 46  
ASN CB  CG   sing N N 47  
ASN CB  HB2  sing N N 48  
ASN CB  HB3  sing N N 49  
ASN CG  OD1  doub N N 50  
ASN CG  ND2  sing N N 51  
ASN ND2 HD21 sing N N 52  
ASN ND2 HD22 sing N N 53  
ASN OXT HXT  sing N N 54  
ASP N   CA   sing N N 55  
ASP N   H    sing N N 56  
ASP N   H2   sing N N 57  
ASP CA  C    sing N N 58  
ASP CA  CB   sing N N 59  
ASP CA  HA   sing N N 60  
ASP C   O    doub N N 61  
ASP C   OXT  sing N N 62  
ASP CB  CG   sing N N 63  
ASP CB  HB2  sing N N 64  
ASP CB  HB3  sing N N 65  
ASP CG  OD1  doub N N 66  
ASP CG  OD2  sing N N 67  
ASP OD2 HD2  sing N N 68  
ASP OXT HXT  sing N N 69  
CYS N   CA   sing N N 70  
CYS N   H    sing N N 71  
CYS N   H2   sing N N 72  
CYS CA  C    sing N N 73  
CYS CA  CB   sing N N 74  
CYS CA  HA   sing N N 75  
CYS C   O    doub N N 76  
CYS C   OXT  sing N N 77  
CYS CB  SG   sing N N 78  
CYS CB  HB2  sing N N 79  
CYS CB  HB3  sing N N 80  
CYS SG  HG   sing N N 81  
CYS OXT HXT  sing N N 82  
GLN N   CA   sing N N 83  
GLN N   H    sing N N 84  
GLN N   H2   sing N N 85  
GLN CA  C    sing N N 86  
GLN CA  CB   sing N N 87  
GLN CA  HA   sing N N 88  
GLN C   O    doub N N 89  
GLN C   OXT  sing N N 90  
GLN CB  CG   sing N N 91  
GLN CB  HB2  sing N N 92  
GLN CB  HB3  sing N N 93  
GLN CG  CD   sing N N 94  
GLN CG  HG2  sing N N 95  
GLN CG  HG3  sing N N 96  
GLN CD  OE1  doub N N 97  
GLN CD  NE2  sing N N 98  
GLN NE2 HE21 sing N N 99  
GLN NE2 HE22 sing N N 100 
GLN OXT HXT  sing N N 101 
GLU N   CA   sing N N 102 
GLU N   H    sing N N 103 
GLU N   H2   sing N N 104 
GLU CA  C    sing N N 105 
GLU CA  CB   sing N N 106 
GLU CA  HA   sing N N 107 
GLU C   O    doub N N 108 
GLU C   OXT  sing N N 109 
GLU CB  CG   sing N N 110 
GLU CB  HB2  sing N N 111 
GLU CB  HB3  sing N N 112 
GLU CG  CD   sing N N 113 
GLU CG  HG2  sing N N 114 
GLU CG  HG3  sing N N 115 
GLU CD  OE1  doub N N 116 
GLU CD  OE2  sing N N 117 
GLU OE2 HE2  sing N N 118 
GLU OXT HXT  sing N N 119 
GLY N   CA   sing N N 120 
GLY N   H    sing N N 121 
GLY N   H2   sing N N 122 
GLY CA  C    sing N N 123 
GLY CA  HA2  sing N N 124 
GLY CA  HA3  sing N N 125 
GLY C   O    doub N N 126 
GLY C   OXT  sing N N 127 
GLY OXT HXT  sing N N 128 
HIS N   CA   sing N N 129 
HIS N   H    sing N N 130 
HIS N   H2   sing N N 131 
HIS CA  C    sing N N 132 
HIS CA  CB   sing N N 133 
HIS CA  HA   sing N N 134 
HIS C   O    doub N N 135 
HIS C   OXT  sing N N 136 
HIS CB  CG   sing N N 137 
HIS CB  HB2  sing N N 138 
HIS CB  HB3  sing N N 139 
HIS CG  ND1  sing Y N 140 
HIS CG  CD2  doub Y N 141 
HIS ND1 CE1  doub Y N 142 
HIS ND1 HD1  sing N N 143 
HIS CD2 NE2  sing Y N 144 
HIS CD2 HD2  sing N N 145 
HIS CE1 NE2  sing Y N 146 
HIS CE1 HE1  sing N N 147 
HIS NE2 HE2  sing N N 148 
HIS OXT HXT  sing N N 149 
HOH O   H1   sing N N 150 
HOH O   H2   sing N N 151 
ILE N   CA   sing N N 152 
ILE N   H    sing N N 153 
ILE N   H2   sing N N 154 
ILE CA  C    sing N N 155 
ILE CA  CB   sing N N 156 
ILE CA  HA   sing N N 157 
ILE C   O    doub N N 158 
ILE C   OXT  sing N N 159 
ILE CB  CG1  sing N N 160 
ILE CB  CG2  sing N N 161 
ILE CB  HB   sing N N 162 
ILE CG1 CD1  sing N N 163 
ILE CG1 HG12 sing N N 164 
ILE CG1 HG13 sing N N 165 
ILE CG2 HG21 sing N N 166 
ILE CG2 HG22 sing N N 167 
ILE CG2 HG23 sing N N 168 
ILE CD1 HD11 sing N N 169 
ILE CD1 HD12 sing N N 170 
ILE CD1 HD13 sing N N 171 
ILE OXT HXT  sing N N 172 
LEU N   CA   sing N N 173 
LEU N   H    sing N N 174 
LEU N   H2   sing N N 175 
LEU CA  C    sing N N 176 
LEU CA  CB   sing N N 177 
LEU CA  HA   sing N N 178 
LEU C   O    doub N N 179 
LEU C   OXT  sing N N 180 
LEU CB  CG   sing N N 181 
LEU CB  HB2  sing N N 182 
LEU CB  HB3  sing N N 183 
LEU CG  CD1  sing N N 184 
LEU CG  CD2  sing N N 185 
LEU CG  HG   sing N N 186 
LEU CD1 HD11 sing N N 187 
LEU CD1 HD12 sing N N 188 
LEU CD1 HD13 sing N N 189 
LEU CD2 HD21 sing N N 190 
LEU CD2 HD22 sing N N 191 
LEU CD2 HD23 sing N N 192 
LEU OXT HXT  sing N N 193 
LYS N   CA   sing N N 194 
LYS N   H    sing N N 195 
LYS N   H2   sing N N 196 
LYS CA  C    sing N N 197 
LYS CA  CB   sing N N 198 
LYS CA  HA   sing N N 199 
LYS C   O    doub N N 200 
LYS C   OXT  sing N N 201 
LYS CB  CG   sing N N 202 
LYS CB  HB2  sing N N 203 
LYS CB  HB3  sing N N 204 
LYS CG  CD   sing N N 205 
LYS CG  HG2  sing N N 206 
LYS CG  HG3  sing N N 207 
LYS CD  CE   sing N N 208 
LYS CD  HD2  sing N N 209 
LYS CD  HD3  sing N N 210 
LYS CE  NZ   sing N N 211 
LYS CE  HE2  sing N N 212 
LYS CE  HE3  sing N N 213 
LYS NZ  HZ1  sing N N 214 
LYS NZ  HZ2  sing N N 215 
LYS NZ  HZ3  sing N N 216 
LYS OXT HXT  sing N N 217 
MSE N   CA   sing N N 218 
MSE N   H    sing N N 219 
MSE N   H2   sing N N 220 
MSE CA  C    sing N N 221 
MSE CA  CB   sing N N 222 
MSE CA  HA   sing N N 223 
MSE C   O    doub N N 224 
MSE C   OXT  sing N N 225 
MSE OXT HXT  sing N N 226 
MSE CB  CG   sing N N 227 
MSE CB  HB2  sing N N 228 
MSE CB  HB3  sing N N 229 
MSE CG  SE   sing N N 230 
MSE CG  HG2  sing N N 231 
MSE CG  HG3  sing N N 232 
MSE SE  CE   sing N N 233 
MSE CE  HE1  sing N N 234 
MSE CE  HE2  sing N N 235 
MSE CE  HE3  sing N N 236 
PHE N   CA   sing N N 237 
PHE N   H    sing N N 238 
PHE N   H2   sing N N 239 
PHE CA  C    sing N N 240 
PHE CA  CB   sing N N 241 
PHE CA  HA   sing N N 242 
PHE C   O    doub N N 243 
PHE C   OXT  sing N N 244 
PHE CB  CG   sing N N 245 
PHE CB  HB2  sing N N 246 
PHE CB  HB3  sing N N 247 
PHE CG  CD1  doub Y N 248 
PHE CG  CD2  sing Y N 249 
PHE CD1 CE1  sing Y N 250 
PHE CD1 HD1  sing N N 251 
PHE CD2 CE2  doub Y N 252 
PHE CD2 HD2  sing N N 253 
PHE CE1 CZ   doub Y N 254 
PHE CE1 HE1  sing N N 255 
PHE CE2 CZ   sing Y N 256 
PHE CE2 HE2  sing N N 257 
PHE CZ  HZ   sing N N 258 
PHE OXT HXT  sing N N 259 
PRO N   CA   sing N N 260 
PRO N   CD   sing N N 261 
PRO N   H    sing N N 262 
PRO CA  C    sing N N 263 
PRO CA  CB   sing N N 264 
PRO CA  HA   sing N N 265 
PRO C   O    doub N N 266 
PRO C   OXT  sing N N 267 
PRO CB  CG   sing N N 268 
PRO CB  HB2  sing N N 269 
PRO CB  HB3  sing N N 270 
PRO CG  CD   sing N N 271 
PRO CG  HG2  sing N N 272 
PRO CG  HG3  sing N N 273 
PRO CD  HD2  sing N N 274 
PRO CD  HD3  sing N N 275 
PRO OXT HXT  sing N N 276 
SER N   CA   sing N N 277 
SER N   H    sing N N 278 
SER N   H2   sing N N 279 
SER CA  C    sing N N 280 
SER CA  CB   sing N N 281 
SER CA  HA   sing N N 282 
SER C   O    doub N N 283 
SER C   OXT  sing N N 284 
SER CB  OG   sing N N 285 
SER CB  HB2  sing N N 286 
SER CB  HB3  sing N N 287 
SER OG  HG   sing N N 288 
SER OXT HXT  sing N N 289 
THR N   CA   sing N N 290 
THR N   H    sing N N 291 
THR N   H2   sing N N 292 
THR CA  C    sing N N 293 
THR CA  CB   sing N N 294 
THR CA  HA   sing N N 295 
THR C   O    doub N N 296 
THR C   OXT  sing N N 297 
THR CB  OG1  sing N N 298 
THR CB  CG2  sing N N 299 
THR CB  HB   sing N N 300 
THR OG1 HG1  sing N N 301 
THR CG2 HG21 sing N N 302 
THR CG2 HG22 sing N N 303 
THR CG2 HG23 sing N N 304 
THR OXT HXT  sing N N 305 
TRP N   CA   sing N N 306 
TRP N   H    sing N N 307 
TRP N   H2   sing N N 308 
TRP CA  C    sing N N 309 
TRP CA  CB   sing N N 310 
TRP CA  HA   sing N N 311 
TRP C   O    doub N N 312 
TRP C   OXT  sing N N 313 
TRP CB  CG   sing N N 314 
TRP CB  HB2  sing N N 315 
TRP CB  HB3  sing N N 316 
TRP CG  CD1  doub Y N 317 
TRP CG  CD2  sing Y N 318 
TRP CD1 NE1  sing Y N 319 
TRP CD1 HD1  sing N N 320 
TRP CD2 CE2  doub Y N 321 
TRP CD2 CE3  sing Y N 322 
TRP NE1 CE2  sing Y N 323 
TRP NE1 HE1  sing N N 324 
TRP CE2 CZ2  sing Y N 325 
TRP CE3 CZ3  doub Y N 326 
TRP CE3 HE3  sing N N 327 
TRP CZ2 CH2  doub Y N 328 
TRP CZ2 HZ2  sing N N 329 
TRP CZ3 CH2  sing Y N 330 
TRP CZ3 HZ3  sing N N 331 
TRP CH2 HH2  sing N N 332 
TRP OXT HXT  sing N N 333 
TYR N   CA   sing N N 334 
TYR N   H    sing N N 335 
TYR N   H2   sing N N 336 
TYR CA  C    sing N N 337 
TYR CA  CB   sing N N 338 
TYR CA  HA   sing N N 339 
TYR C   O    doub N N 340 
TYR C   OXT  sing N N 341 
TYR CB  CG   sing N N 342 
TYR CB  HB2  sing N N 343 
TYR CB  HB3  sing N N 344 
TYR CG  CD1  doub Y N 345 
TYR CG  CD2  sing Y N 346 
TYR CD1 CE1  sing Y N 347 
TYR CD1 HD1  sing N N 348 
TYR CD2 CE2  doub Y N 349 
TYR CD2 HD2  sing N N 350 
TYR CE1 CZ   doub Y N 351 
TYR CE1 HE1  sing N N 352 
TYR CE2 CZ   sing Y N 353 
TYR CE2 HE2  sing N N 354 
TYR CZ  OH   sing N N 355 
TYR OH  HH   sing N N 356 
TYR OXT HXT  sing N N 357 
VAL N   CA   sing N N 358 
VAL N   H    sing N N 359 
VAL N   H2   sing N N 360 
VAL CA  C    sing N N 361 
VAL CA  CB   sing N N 362 
VAL CA  HA   sing N N 363 
VAL C   O    doub N N 364 
VAL C   OXT  sing N N 365 
VAL CB  CG1  sing N N 366 
VAL CB  CG2  sing N N 367 
VAL CB  HB   sing N N 368 
VAL CG1 HG11 sing N N 369 
VAL CG1 HG12 sing N N 370 
VAL CG1 HG13 sing N N 371 
VAL CG2 HG21 sing N N 372 
VAL CG2 HG22 sing N N 373 
VAL CG2 HG23 sing N N 374 
VAL OXT HXT  sing N N 375 
# 
_atom_sites.entry_id                    3IC4 
_atom_sites.fract_transf_matrix[1][1]   0.00298715 
_atom_sites.fract_transf_matrix[1][2]   -0.01221439 
_atom_sites.fract_transf_matrix[1][3]   0.01835130 
_atom_sites.fract_transf_matrix[2][1]   -0.01645148 
_atom_sites.fract_transf_matrix[2][2]   -0.01340507 
_atom_sites.fract_transf_matrix[2][3]   -0.00624433 
_atom_sites.fract_transf_matrix[3][1]   0.01440550 
_atom_sites.fract_transf_matrix[3][2]   -0.01266140 
_atom_sites.fract_transf_matrix[3][3]   -0.01077213 
_atom_sites.fract_transf_vector[1]      0.270876 
_atom_sites.fract_transf_vector[2]      0.648074 
_atom_sites.fract_transf_vector[3]      0.141068 
# 
loop_
_atom_type.symbol 
C  
MG 
N  
O  
S  
SE 
# 
loop_
_atom_site.group_PDB 
_atom_site.id 
_atom_site.type_symbol 
_atom_site.label_atom_id 
_atom_site.label_alt_id 
_atom_site.label_comp_id 
_atom_site.label_asym_id 
_atom_site.label_entity_id 
_atom_site.label_seq_id 
_atom_site.pdbx_PDB_ins_code 
_atom_site.Cartn_x 
_atom_site.Cartn_y 
_atom_site.Cartn_z 
_atom_site.occupancy 
_atom_site.B_iso_or_equiv 
_atom_site.pdbx_formal_charge 
_atom_site.auth_seq_id 
_atom_site.auth_comp_id 
_atom_site.auth_asym_id 
_atom_site.auth_atom_id 
_atom_site.pdbx_PDB_model_num 
ATOM   1   N  N   . GLY A 1 1  ? 24.687  7.477   0.027   1.00 9.29  ? -9  GLY A N   1 
ATOM   2   C  CA  . GLY A 1 1  ? 23.307  6.978   -0.284  1.00 8.01  ? -9  GLY A CA  1 
ATOM   3   C  C   . GLY A 1 1  ? 22.219  8.057   -0.128  1.00 7.32  ? -9  GLY A C   1 
ATOM   4   O  O   . GLY A 1 1  ? 21.924  8.488   1.009   1.00 10.84 ? -9  GLY A O   1 
ATOM   5   N  N   . GLY A 1 2  ? 21.601  8.513   -1.227  1.00 4.89  ? -8  GLY A N   1 
ATOM   6   C  CA  . GLY A 1 2  ? 21.899  8.038   -2.557  1.00 2.00  ? -8  GLY A CA  1 
ATOM   7   C  C   . GLY A 1 2  ? 21.199  6.762   -2.941  1.00 2.00  ? -8  GLY A C   1 
ATOM   8   O  O   . GLY A 1 2  ? 21.697  6.023   -3.732  1.00 2.00  ? -8  GLY A O   1 
ATOM   9   N  N   . ARG A 1 3  ? 19.997  6.535   -2.437  1.00 2.00  ? -7  ARG A N   1 
ATOM   10  C  CA  . ARG A 1 3  ? 19.390  5.218   -2.599  1.00 2.00  ? -7  ARG A CA  1 
ATOM   11  C  C   . ARG A 1 3  ? 17.895  5.227   -2.509  1.00 2.00  ? -7  ARG A C   1 
ATOM   12  O  O   . ARG A 1 3  ? 17.310  6.174   -1.929  1.00 2.00  ? -7  ARG A O   1 
ATOM   13  C  CB  . ARG A 1 3  ? 19.949  4.295   -1.538  1.00 2.00  ? -7  ARG A CB  1 
ATOM   14  C  CG  . ARG A 1 3  ? 19.633  4.865   -0.101  1.00 2.78  ? -7  ARG A CG  1 
ATOM   15  C  CD  . ARG A 1 3  ? 20.306  4.124   0.967   1.00 2.03  ? -7  ARG A CD  1 
ATOM   16  N  NE  . ARG A 1 3  ? 19.369  3.155   1.469   1.00 2.00  ? -7  ARG A NE  1 
ATOM   17  C  CZ  . ARG A 1 3  ? 19.662  2.304   2.451   1.00 2.00  ? -7  ARG A CZ  1 
ATOM   18  N  NH1 . ARG A 1 3  ? 20.879  2.303   2.969   1.00 2.00  ? -7  ARG A NH1 1 
ATOM   19  N  NH2 . ARG A 1 3  ? 18.749  1.444   2.831   1.00 2.00  ? -7  ARG A NH2 1 
ATOM   20  N  N   . GLU A 1 4  ? 17.245  4.212   -3.071  1.00 2.00  ? -6  GLU A N   1 
ATOM   21  C  CA  . GLU A 1 4  ? 15.804  4.132   -2.962  1.00 2.00  ? -6  GLU A CA  1 
ATOM   22  C  C   . GLU A 1 4  ? 15.320  2.707   -2.938  1.00 2.00  ? -6  GLU A C   1 
ATOM   23  O  O   . GLU A 1 4  ? 15.971  1.795   -3.453  1.00 2.00  ? -6  GLU A O   1 
ATOM   24  C  CB  . GLU A 1 4  ? 15.099  4.932   -4.081  1.00 2.00  ? -6  GLU A CB  1 
ATOM   25  C  CG  . GLU A 1 4  ? 13.534  5.140   -3.906  1.00 4.83  ? -6  GLU A CG  1 
ATOM   26  C  CD  . GLU A 1 4  ? 13.102  5.739   -2.558  1.00 9.37  ? -6  GLU A CD  1 
ATOM   27  O  OE1 . GLU A 1 4  ? 13.160  6.987   -2.400  1.00 15.79 ? -6  GLU A OE1 1 
ATOM   28  O  OE2 . GLU A 1 4  ? 12.750  4.967   -1.634  1.00 12.26 ? -6  GLU A OE2 1 
ATOM   29  N  N   . ASN A 1 5  ? 14.167  2.514   -2.289  1.00 2.00  ? -5  ASN A N   1 
ATOM   30  C  CA  . ASN A 1 5  ? 13.637  1.209   -2.096  1.00 2.00  ? -5  ASN A CA  1 
ATOM   31  C  C   . ASN A 1 5  ? 12.996  0.694   -3.389  1.00 2.00  ? -5  ASN A C   1 
ATOM   32  O  O   . ASN A 1 5  ? 12.234  1.396   -4.027  1.00 2.00  ? -5  ASN A O   1 
ATOM   33  C  CB  . ASN A 1 5  ? 12.598  1.199   -0.945  1.00 2.00  ? -5  ASN A CB  1 
ATOM   34  C  CG  . ASN A 1 5  ? 12.048  -0.201  -0.678  1.00 2.00  ? -5  ASN A CG  1 
ATOM   35  O  OD1 . ASN A 1 5  ? 11.096  -0.581  -1.299  1.00 6.31  ? -5  ASN A OD1 1 
ATOM   36  N  ND2 . ASN A 1 5  ? 12.630  -0.957  0.288   1.00 7.93  ? -5  ASN A ND2 1 
ATOM   37  N  N   . LEU A 1 6  ? 13.310  -0.552  -3.737  1.00 2.00  ? -4  LEU A N   1 
ATOM   38  C  CA  . LEU A 1 6  ? 12.756  -1.239  -4.952  1.00 2.00  ? -4  LEU A CA  1 
ATOM   39  C  C   . LEU A 1 6  ? 11.224  -1.282  -4.967  1.00 2.00  ? -4  LEU A C   1 
ATOM   40  O  O   . LEU A 1 6  ? 10.586  -1.136  -5.990  1.00 2.00  ? -4  LEU A O   1 
ATOM   41  C  CB  . LEU A 1 6  ? 13.272  -2.687  -5.008  1.00 2.00  ? -4  LEU A CB  1 
ATOM   42  C  CG  . LEU A 1 6  ? 14.734  -2.808  -5.393  1.00 2.00  ? -4  LEU A CG  1 
ATOM   43  C  CD1 . LEU A 1 6  ? 15.201  -4.169  -4.989  1.00 2.00  ? -4  LEU A CD1 1 
ATOM   44  C  CD2 . LEU A 1 6  ? 15.019  -2.529  -6.906  1.00 2.00  ? -4  LEU A CD2 1 
ATOM   45  N  N   . TYR A 1 7  ? 10.632  -1.506  -3.809  1.00 2.05  ? -3  TYR A N   1 
ATOM   46  C  CA  . TYR A 1 7  ? 9.180   -1.667  -3.735  1.00 3.57  ? -3  TYR A CA  1 
ATOM   47  C  C   . TYR A 1 7  ? 8.453   -0.344  -3.787  1.00 5.23  ? -3  TYR A C   1 
ATOM   48  O  O   . TYR A 1 7  ? 7.346   -0.238  -4.356  1.00 7.73  ? -3  TYR A O   1 
ATOM   49  C  CB  . TYR A 1 7  ? 8.826   -2.516  -2.515  1.00 3.61  ? -3  TYR A CB  1 
ATOM   50  C  CG  . TYR A 1 7  ? 9.386   -3.894  -2.523  1.00 2.00  ? -3  TYR A CG  1 
ATOM   51  C  CD1 . TYR A 1 7  ? 9.198   -4.757  -3.598  1.00 2.04  ? -3  TYR A CD1 1 
ATOM   52  C  CD2 . TYR A 1 7  ? 10.145  -4.368  -1.438  1.00 2.00  ? -3  TYR A CD2 1 
ATOM   53  C  CE1 . TYR A 1 7  ? 9.715   -6.004  -3.585  1.00 4.09  ? -3  TYR A CE1 1 
ATOM   54  C  CE2 . TYR A 1 7  ? 10.639  -5.630  -1.401  1.00 2.84  ? -3  TYR A CE2 1 
ATOM   55  C  CZ  . TYR A 1 7  ? 10.443  -6.456  -2.499  1.00 2.00  ? -3  TYR A CZ  1 
ATOM   56  O  OH  . TYR A 1 7  ? 10.946  -7.691  -2.456  1.00 4.96  ? -3  TYR A OH  1 
ATOM   57  N  N   . PHE A 1 8  ? 9.116   0.710   -3.356  1.00 6.26  ? -2  PHE A N   1 
ATOM   58  C  CA  . PHE A 1 8  ? 8.577   2.024   -3.496  1.00 8.59  ? -2  PHE A CA  1 
ATOM   59  C  C   . PHE A 1 8  ? 8.517   2.380   -5.003  1.00 7.84  ? -2  PHE A C   1 
ATOM   60  O  O   . PHE A 1 8  ? 7.660   3.114   -5.498  1.00 10.56 ? -2  PHE A O   1 
ATOM   61  C  CB  . PHE A 1 8  ? 9.445   2.987   -2.675  1.00 9.88  ? -2  PHE A CB  1 
ATOM   62  C  CG  . PHE A 1 8  ? 9.044   4.387   -2.826  1.00 10.88 ? -2  PHE A CG  1 
ATOM   63  C  CD1 . PHE A 1 8  ? 7.818   4.810   -2.305  1.00 15.39 ? -2  PHE A CD1 1 
ATOM   64  C  CD2 . PHE A 1 8  ? 9.819   5.291   -3.514  1.00 15.49 ? -2  PHE A CD2 1 
ATOM   65  C  CE1 . PHE A 1 8  ? 7.393   6.116   -2.476  1.00 17.22 ? -2  PHE A CE1 1 
ATOM   66  C  CE2 . PHE A 1 8  ? 9.370   6.607   -3.687  1.00 18.55 ? -2  PHE A CE2 1 
ATOM   67  C  CZ  . PHE A 1 8  ? 8.154   7.003   -3.165  1.00 16.90 ? -2  PHE A CZ  1 
ATOM   68  N  N   . GLN A 1 9  ? 9.422   1.800   -5.762  1.00 6.68  ? -1  GLN A N   1 
ATOM   69  C  CA  . GLN A 1 9  ? 9.571   2.085   -7.169  1.00 6.04  ? -1  GLN A CA  1 
ATOM   70  C  C   . GLN A 1 9  ? 8.822   1.124   -8.085  1.00 5.90  ? -1  GLN A C   1 
ATOM   71  O  O   . GLN A 1 9  ? 9.147   1.012   -9.258  1.00 5.68  ? -1  GLN A O   1 
ATOM   72  C  CB  . GLN A 1 9  ? 11.072  2.083   -7.492  1.00 5.35  ? -1  GLN A CB  1 
ATOM   73  C  CG  . GLN A 1 9  ? 11.806  3.236   -6.817  1.00 5.70  ? -1  GLN A CG  1 
ATOM   74  C  CD  . GLN A 1 9  ? 13.310  3.250   -7.093  1.00 8.23  ? -1  GLN A CD  1 
ATOM   75  O  OE1 . GLN A 1 9  ? 14.091  2.597   -6.371  1.00 14.21 ? -1  GLN A OE1 1 
ATOM   76  N  NE2 . GLN A 1 9  ? 13.729  4.009   -8.084  1.00 4.10  ? -1  GLN A NE2 1 
ATOM   77  N  N   . GLY A 1 10 ? 7.838   0.410   -7.545  1.00 5.54  ? 0   GLY A N   1 
ATOM   78  C  CA  . GLY A 1 10 ? 6.940   -0.421  -8.373  1.00 5.14  ? 0   GLY A CA  1 
ATOM   79  C  C   . GLY A 1 10 ? 7.312   -1.856  -8.584  1.00 4.19  ? 0   GLY A C   1 
ATOM   80  O  O   . GLY A 1 10 ? 6.672   -2.529  -9.371  1.00 4.65  ? 0   GLY A O   1 
HETATM 81  N  N   . MSE A 1 11 ? 8.329   -2.371  -7.880  1.00 2.90  ? 1   MSE A N   1 
HETATM 82  C  CA  . MSE A 1 11 ? 8.818   -3.708  -8.177  1.00 2.00  ? 1   MSE A CA  1 
HETATM 83  C  C   . MSE A 1 11 ? 8.004   -4.827  -7.504  1.00 2.07  ? 1   MSE A C   1 
HETATM 84  O  O   . MSE A 1 11 ? 8.196   -6.004  -7.867  1.00 2.00  ? 1   MSE A O   1 
HETATM 85  C  CB  . MSE A 1 11 ? 10.292  -3.817  -7.812  1.00 2.00  ? 1   MSE A CB  1 
HETATM 86  C  CG  . MSE A 1 11 ? 11.248  -2.985  -8.685  1.00 2.00  ? 1   MSE A CG  1 
HETATM 87  SE SE  . MSE A 1 11 ? 11.200  -3.455  -10.557 1.00 2.00  ? 1   MSE A SE  1 
HETATM 88  C  CE  . MSE A 1 11 ? 10.012  -2.082  -11.149 1.00 4.65  ? 1   MSE A CE  1 
ATOM   89  N  N   . ALA A 1 12 ? 7.128   -4.494  -6.541  1.00 2.00  ? 2   ALA A N   1 
ATOM   90  C  CA  . ALA A 1 12 ? 6.234   -5.521  -5.925  1.00 2.07  ? 2   ALA A CA  1 
ATOM   91  C  C   . ALA A 1 12 ? 5.088   -5.842  -6.892  1.00 2.69  ? 2   ALA A C   1 
ATOM   92  O  O   . ALA A 1 12 ? 4.542   -4.942  -7.515  1.00 2.86  ? 2   ALA A O   1 
ATOM   93  C  CB  . ALA A 1 12 ? 5.647   -5.043  -4.571  1.00 2.00  ? 2   ALA A CB  1 
ATOM   94  N  N   . GLU A 1 13 ? 4.628   -7.099  -6.931  1.00 3.58  ? 3   GLU A N   1 
ATOM   95  C  CA  . GLU A 1 13 ? 3.408   -7.398  -7.719  1.00 3.38  ? 3   GLU A CA  1 
ATOM   96  C  C   . GLU A 1 13 ? 2.233   -6.770  -7.033  1.00 2.00  ? 3   GLU A C   1 
ATOM   97  O  O   . GLU A 1 13 ? 1.415   -6.141  -7.704  1.00 2.00  ? 3   GLU A O   1 
ATOM   98  C  CB  . GLU A 1 13 ? 3.159   -8.889  -7.913  1.00 5.21  ? 3   GLU A CB  1 
ATOM   99  C  CG  . GLU A 1 13 ? 4.145   -9.587  -8.906  1.00 13.32 ? 3   GLU A CG  1 
ATOM   100 C  CD  . GLU A 1 13 ? 4.232   -8.989  -10.368 1.00 21.85 ? 3   GLU A CD  1 
ATOM   101 O  OE1 . GLU A 1 13 ? 3.152   -8.760  -11.011 1.00 29.22 ? 3   GLU A OE1 1 
ATOM   102 O  OE2 . GLU A 1 13 ? 5.393   -8.792  -10.880 1.00 23.58 ? 3   GLU A OE2 1 
ATOM   103 N  N   . VAL A 1 14 ? 2.192   -6.885  -5.704  1.00 2.00  ? 4   VAL A N   1 
ATOM   104 C  CA  . VAL A 1 14 ? 1.169   -6.204  -4.893  1.00 2.00  ? 4   VAL A CA  1 
ATOM   105 C  C   . VAL A 1 14 ? 1.827   -5.397  -3.751  1.00 2.00  ? 4   VAL A C   1 
ATOM   106 O  O   . VAL A 1 14 ? 2.682   -5.886  -3.021  1.00 2.00  ? 4   VAL A O   1 
ATOM   107 C  CB  . VAL A 1 14 ? 0.171   -7.227  -4.317  1.00 2.00  ? 4   VAL A CB  1 
ATOM   108 C  CG1 . VAL A 1 14 ? -0.841  -6.553  -3.453  1.00 2.00  ? 4   VAL A CG1 1 
ATOM   109 C  CG2 . VAL A 1 14 ? -0.494  -7.955  -5.437  1.00 2.00  ? 4   VAL A CG2 1 
ATOM   110 N  N   . LEU A 1 15 ? 1.433   -4.128  -3.642  1.00 2.00  ? 5   LEU A N   1 
ATOM   111 C  CA  . LEU A 1 15 ? 1.991   -3.255  -2.610  1.00 2.00  ? 5   LEU A CA  1 
ATOM   112 C  C   . LEU A 1 15 ? 0.872   -2.588  -1.833  1.00 2.00  ? 5   LEU A C   1 
ATOM   113 O  O   . LEU A 1 15 ? -0.034  -2.012  -2.428  1.00 2.00  ? 5   LEU A O   1 
ATOM   114 C  CB  . LEU A 1 15 ? 2.839   -2.147  -3.281  1.00 2.00  ? 5   LEU A CB  1 
ATOM   115 C  CG  . LEU A 1 15 ? 3.504   -1.146  -2.336  1.00 2.00  ? 5   LEU A CG  1 
ATOM   116 C  CD1 . LEU A 1 15 ? 4.502   -1.809  -1.408  1.00 2.17  ? 5   LEU A CD1 1 
ATOM   117 C  CD2 . LEU A 1 15 ? 4.194   -0.014  -3.100  1.00 2.55  ? 5   LEU A CD2 1 
HETATM 118 N  N   . MSE A 1 16 ? 0.994   -2.652  -0.509  1.00 2.00  ? 6   MSE A N   1 
HETATM 119 C  CA  . MSE A 1 16 ? 0.135   -1.889  0.390   1.00 2.00  ? 6   MSE A CA  1 
HETATM 120 C  C   . MSE A 1 16 ? 0.868   -0.739  1.072   1.00 2.00  ? 6   MSE A C   1 
HETATM 121 O  O   . MSE A 1 16 ? 1.977   -0.918  1.617   1.00 2.00  ? 6   MSE A O   1 
HETATM 122 C  CB  . MSE A 1 16 ? -0.411  -2.835  1.453   1.00 2.00  ? 6   MSE A CB  1 
HETATM 123 C  CG  . MSE A 1 16 ? -1.367  -2.210  2.375   1.00 2.78  ? 6   MSE A CG  1 
HETATM 124 SE SE  . MSE A 1 16 ? -1.818  -3.421  3.802   1.00 6.06  ? 6   MSE A SE  1 
HETATM 125 C  CE  . MSE A 1 16 ? -1.854  -2.167  5.271   1.00 11.09 ? 6   MSE A CE  1 
ATOM   126 N  N   . TYR A 1 17 ? 0.200   0.416   1.092   1.00 2.00  ? 7   TYR A N   1 
ATOM   127 C  CA  . TYR A 1 17 ? 0.618   1.565   1.888   1.00 2.00  ? 7   TYR A CA  1 
ATOM   128 C  C   . TYR A 1 17 ? -0.360  1.696   3.050   1.00 2.00  ? 7   TYR A C   1 
ATOM   129 O  O   . TYR A 1 17 ? -1.569  1.659   2.862   1.00 2.00  ? 7   TYR A O   1 
ATOM   130 C  CB  . TYR A 1 17 ? 0.526   2.832   1.079   1.00 2.00  ? 7   TYR A CB  1 
ATOM   131 C  CG  . TYR A 1 17 ? 1.414   2.909   -0.107  1.00 2.00  ? 7   TYR A CG  1 
ATOM   132 C  CD1 . TYR A 1 17 ? 2.686   3.483   -0.020  1.00 3.83  ? 7   TYR A CD1 1 
ATOM   133 C  CD2 . TYR A 1 17 ? 0.969   2.451   -1.356  1.00 4.15  ? 7   TYR A CD2 1 
ATOM   134 C  CE1 . TYR A 1 17 ? 3.479   3.601   -1.168  1.00 6.97  ? 7   TYR A CE1 1 
ATOM   135 C  CE2 . TYR A 1 17 ? 1.765   2.583   -2.487  1.00 6.69  ? 7   TYR A CE2 1 
ATOM   136 C  CZ  . TYR A 1 17 ? 2.998   3.139   -2.371  1.00 5.86  ? 7   TYR A CZ  1 
ATOM   137 O  OH  . TYR A 1 17 ? 3.727   3.250   -3.500  1.00 9.55  ? 7   TYR A OH  1 
ATOM   138 N  N   . GLY A 1 18 ? 0.166   1.849   4.262   1.00 2.00  ? 8   GLY A N   1 
ATOM   139 C  CA  . GLY A 1 18 ? -0.710  2.066   5.408   1.00 2.00  ? 8   GLY A CA  1 
ATOM   140 C  C   . GLY A 1 18 ? 0.003   2.588   6.642   1.00 2.00  ? 8   GLY A C   1 
ATOM   141 O  O   . GLY A 1 18 ? 1.119   2.997   6.570   1.00 2.00  ? 8   GLY A O   1 
ATOM   142 N  N   . LEU A 1 19 ? -0.728  2.669   7.730   1.00 2.00  ? 9   LEU A N   1 
ATOM   143 C  CA  . LEU A 1 19 ? -0.180  2.953   9.030   1.00 2.00  ? 9   LEU A CA  1 
ATOM   144 C  C   . LEU A 1 19 ? -0.407  1.729   9.898   1.00 2.00  ? 9   LEU A C   1 
ATOM   145 O  O   . LEU A 1 19 ? -1.486  1.164   9.921   1.00 2.00  ? 9   LEU A O   1 
ATOM   146 C  CB  . LEU A 1 19 ? -0.883  4.126   9.671   1.00 2.00  ? 9   LEU A CB  1 
ATOM   147 C  CG  . LEU A 1 19 ? -0.830  5.480   8.937   1.00 3.65  ? 9   LEU A CG  1 
ATOM   148 C  CD1 . LEU A 1 19 ? -1.734  6.416   9.651   1.00 4.54  ? 9   LEU A CD1 1 
ATOM   149 C  CD2 . LEU A 1 19 ? 0.573   5.971   8.965   1.00 9.25  ? 9   LEU A CD2 1 
ATOM   150 N  N   . SER A 1 20 ? 0.589   1.451   10.720  1.00 2.00  ? 10  SER A N   1 
ATOM   151 C  CA  . SER A 1 20 ? 0.614   0.199   11.501  1.00 2.00  ? 10  SER A CA  1 
ATOM   152 C  C   . SER A 1 20 ? -0.442  0.254   12.578  1.00 2.36  ? 10  SER A C   1 
ATOM   153 O  O   . SER A 1 20 ? -0.885  -0.811  13.101  1.00 4.08  ? 10  SER A O   1 
ATOM   154 C  CB  . SER A 1 20 ? 2.025   -0.062  12.039  1.00 2.00  ? 10  SER A CB  1 
ATOM   155 O  OG  . SER A 1 20 ? 2.305   0.814   13.105  1.00 2.00  ? 10  SER A OG  1 
ATOM   156 N  N   . THR A 1 21 ? -0.798  1.468   12.975  1.00 2.05  ? 11  THR A N   1 
ATOM   157 C  CA  . THR A 1 21 ? -1.774  1.772   14.012  1.00 3.30  ? 11  THR A CA  1 
ATOM   158 C  C   . THR A 1 21 ? -3.203  1.870   13.534  1.00 2.60  ? 11  THR A C   1 
ATOM   159 O  O   . THR A 1 21 ? -4.138  2.022   14.357  1.00 6.60  ? 11  THR A O   1 
ATOM   160 C  CB  . THR A 1 21 ? -1.351  3.085   14.691  1.00 3.65  ? 11  THR A CB  1 
ATOM   161 O  OG1 . THR A 1 21 ? -1.212  4.095   13.687  1.00 8.22  ? 11  THR A OG1 1 
ATOM   162 C  CG2 . THR A 1 21 ? -0.014  2.898   15.332  1.00 5.52  ? 11  THR A CG2 1 
ATOM   163 N  N   . CYS A 1 22 ? -3.420  1.760   12.238  1.00 2.00  ? 12  CYS A N   1 
ATOM   164 C  CA  . CYS A 1 22 ? -4.765  2.001   11.694  1.00 2.00  ? 12  CYS A CA  1 
ATOM   165 C  C   . CYS A 1 22 ? -5.549  0.690   11.568  1.00 2.00  ? 12  CYS A C   1 
ATOM   166 O  O   . CYS A 1 22 ? -5.042  -0.230  10.922  1.00 2.00  ? 12  CYS A O   1 
ATOM   167 C  CB  . CYS A 1 22 ? -4.638  2.591   10.338  1.00 2.38  ? 12  CYS A CB  1 
ATOM   168 S  SG  . CYS A 1 22 ? -6.137  2.555   9.279   1.00 5.76  ? 12  CYS A SG  1 
ATOM   169 N  N   . PRO A 1 23 ? -6.767  0.605   12.106  1.00 2.00  ? 13  PRO A N   1 
ATOM   170 C  CA  . PRO A 1 23 ? -7.491  -0.668  12.052  1.00 2.00  ? 13  PRO A CA  1 
ATOM   171 C  C   . PRO A 1 23 ? -7.958  -1.087  10.672  1.00 2.00  ? 13  PRO A C   1 
ATOM   172 O  O   . PRO A 1 23 ? -8.050  -2.272  10.405  1.00 2.00  ? 13  PRO A O   1 
ATOM   173 C  CB  . PRO A 1 23 ? -8.668  -0.443  12.976  1.00 2.00  ? 13  PRO A CB  1 
ATOM   174 C  CG  . PRO A 1 23 ? -8.885  1.007   12.954  1.00 2.18  ? 13  PRO A CG  1 
ATOM   175 C  CD  . PRO A 1 23 ? -7.536  1.626   12.848  1.00 2.00  ? 13  PRO A CD  1 
ATOM   176 N  N   . HIS A 1 24 ? -8.182  -0.124  9.777   1.00 2.00  ? 14  HIS A N   1 
ATOM   177 C  CA  . HIS A 1 24 ? -8.506  -0.449  8.368   1.00 2.00  ? 14  HIS A CA  1 
ATOM   178 C  C   . HIS A 1 24 ? -7.344  -1.055  7.672   1.00 2.00  ? 14  HIS A C   1 
ATOM   179 O  O   . HIS A 1 24 ? -7.485  -2.001  6.929   1.00 2.00  ? 14  HIS A O   1 
ATOM   180 C  CB  . HIS A 1 24 ? -8.914  0.787   7.585   1.00 2.00  ? 14  HIS A CB  1 
ATOM   181 C  CG  . HIS A 1 24 ? -9.959  1.603   8.265   1.00 3.01  ? 14  HIS A CG  1 
ATOM   182 N  ND1 . HIS A 1 24 ? -11.226 1.131   8.478   1.00 2.50  ? 14  HIS A ND1 1 
ATOM   183 C  CD2 . HIS A 1 24 ? -9.940  2.879   8.727   1.00 3.01  ? 14  HIS A CD2 1 
ATOM   184 C  CE1 . HIS A 1 24 ? -11.941 2.055   9.087   1.00 5.21  ? 14  HIS A CE1 1 
ATOM   185 N  NE2 . HIS A 1 24 ? -11.200 3.146   9.227   1.00 4.56  ? 14  HIS A NE2 1 
ATOM   186 N  N   . CYS A 1 25 ? -6.175  -0.500  7.954   1.00 2.00  ? 15  CYS A N   1 
ATOM   187 C  CA  . CYS A 1 25 ? -4.889  -1.028  7.427   1.00 2.00  ? 15  CYS A CA  1 
ATOM   188 C  C   . CYS A 1 25 ? -4.574  -2.390  7.966   1.00 2.00  ? 15  CYS A C   1 
ATOM   189 O  O   . CYS A 1 25 ? -4.165  -3.264  7.209   1.00 2.00  ? 15  CYS A O   1 
ATOM   190 C  CB  . CYS A 1 25 ? -3.738  -0.107  7.742   1.00 2.00  ? 15  CYS A CB  1 
ATOM   191 S  SG  . CYS A 1 25 ? -3.900  1.489   6.930   1.00 2.00  ? 15  CYS A SG  1 
ATOM   192 N  N   . LYS A 1 26 ? -4.797  -2.595  9.265   1.00 2.00  ? 16  LYS A N   1 
ATOM   193 C  CA  . LYS A 1 26 ? -4.652  -3.947  9.877   1.00 2.00  ? 16  LYS A CA  1 
ATOM   194 C  C   . LYS A 1 26 ? -5.521  -4.990  9.186   1.00 2.00  ? 16  LYS A C   1 
ATOM   195 O  O   . LYS A 1 26 ? -5.072  -6.095  8.908   1.00 2.00  ? 16  LYS A O   1 
ATOM   196 C  CB  . LYS A 1 26 ? -4.979  -3.938  11.376  1.00 2.00  ? 16  LYS A CB  1 
ATOM   197 C  CG  . LYS A 1 26 ? -3.992  -3.212  12.253  1.00 2.57  ? 16  LYS A CG  1 
ATOM   198 C  CD  . LYS A 1 26 ? -4.435  -3.189  13.717  1.00 2.00  ? 16  LYS A CD  1 
ATOM   199 C  CE  . LYS A 1 26 ? -3.594  -2.268  14.533  1.00 4.92  ? 16  LYS A CE  1 
ATOM   200 N  NZ  . LYS A 1 26 ? -3.948  -2.434  15.919  1.00 2.00  ? 16  LYS A NZ  1 
ATOM   201 N  N   . ARG A 1 27 ? -6.785  -4.670  8.970   1.00 2.00  ? 17  ARG A N   1 
ATOM   202 C  CA  . ARG A 1 27 ? -7.736  -5.564  8.307   1.00 2.00  ? 17  ARG A CA  1 
ATOM   203 C  C   . ARG A 1 27 ? -7.263  -5.917  6.870   1.00 2.00  ? 17  ARG A C   1 
ATOM   204 O  O   . ARG A 1 27 ? -7.301  -7.044  6.425   1.00 2.00  ? 17  ARG A O   1 
ATOM   205 C  CB  . ARG A 1 27 ? -9.136  -4.946  8.280   1.00 2.00  ? 17  ARG A CB  1 
ATOM   206 C  CG  . ARG A 1 27 ? -9.890  -5.057  9.574   1.00 2.00  ? 17  ARG A CG  1 
ATOM   207 C  CD  . ARG A 1 27 ? -11.327 -4.548  9.433   1.00 2.00  ? 17  ARG A CD  1 
ATOM   208 N  NE  . ARG A 1 27 ? -11.377 -3.116  9.604   1.00 2.00  ? 17  ARG A NE  1 
ATOM   209 C  CZ  . ARG A 1 27 ? -11.414 -2.481  10.777  1.00 2.00  ? 17  ARG A CZ  1 
ATOM   210 N  NH1 . ARG A 1 27 ? -11.482 -1.157  10.781  1.00 2.86  ? 17  ARG A NH1 1 
ATOM   211 N  NH2 . ARG A 1 27 ? -11.386 -3.087  11.954  1.00 2.00  ? 17  ARG A NH2 1 
ATOM   212 N  N   . THR A 1 28 ? -6.810  -4.890  6.164   1.00 2.00  ? 18  THR A N   1 
ATOM   213 C  CA  . THR A 1 28 ? -6.326  -5.075  4.802   1.00 2.00  ? 18  THR A CA  1 
ATOM   214 C  C   . THR A 1 28 ? -5.071  -5.970  4.779   1.00 2.00  ? 18  THR A C   1 
ATOM   215 O  O   . THR A 1 28 ? -4.961  -6.846  3.944   1.00 2.00  ? 18  THR A O   1 
ATOM   216 C  CB  . THR A 1 28 ? -5.987  -3.714  4.169   1.00 2.00  ? 18  THR A CB  1 
ATOM   217 O  OG1 . THR A 1 28 ? -7.140  -2.884  4.250   1.00 2.00  ? 18  THR A OG1 1 
ATOM   218 C  CG2 . THR A 1 28 ? -5.545  -3.834  2.685   1.00 2.00  ? 18  THR A CG2 1 
ATOM   219 N  N   . LEU A 1 29 ? -4.152  -5.768  5.725   1.00 2.00  ? 19  LEU A N   1 
ATOM   220 C  CA  . LEU A 1 29 ? -2.979  -6.632  5.846   1.00 2.00  ? 19  LEU A CA  1 
ATOM   221 C  C   . LEU A 1 29 ? -3.380  -8.105  6.051   1.00 2.00  ? 19  LEU A C   1 
ATOM   222 O  O   . LEU A 1 29 ? -2.827  -9.016  5.438   1.00 2.00  ? 19  LEU A O   1 
ATOM   223 C  CB  . LEU A 1 29 ? -2.093  -6.130  7.006   1.00 2.00  ? 19  LEU A CB  1 
ATOM   224 C  CG  . LEU A 1 29 ? -0.832  -6.988  7.292   1.00 2.00  ? 19  LEU A CG  1 
ATOM   225 C  CD1 . LEU A 1 29 ? 0.217   -6.625  6.313   1.00 3.66  ? 19  LEU A CD1 1 
ATOM   226 C  CD2 . LEU A 1 29 ? -0.305  -6.837  8.703   1.00 6.19  ? 19  LEU A CD2 1 
ATOM   227 N  N   . GLU A 1 30 ? -4.334  -8.339  6.946   1.00 2.00  ? 20  GLU A N   1 
ATOM   228 C  CA  . GLU A 1 30 ? -4.814  -9.687  7.203   1.00 2.00  ? 20  GLU A CA  1 
ATOM   229 C  C   . GLU A 1 30 ? -5.506  -10.271 5.972   1.00 2.00  ? 20  GLU A C   1 
ATOM   230 O  O   . GLU A 1 30 ? -5.374  -11.457 5.698   1.00 2.00  ? 20  GLU A O   1 
ATOM   231 C  CB  . GLU A 1 30 ? -5.695  -9.712  8.453   1.00 2.00  ? 20  GLU A CB  1 
ATOM   232 C  CG  . GLU A 1 30 ? -4.900  -9.297  9.751   1.00 2.00  ? 20  GLU A CG  1 
ATOM   233 C  CD  . GLU A 1 30 ? -3.762  -10.219 10.103  1.00 2.00  ? 20  GLU A CD  1 
ATOM   234 O  OE1 . GLU A 1 30 ? -3.807  -11.458 9.812   1.00 2.00  ? 20  GLU A OE1 1 
ATOM   235 O  OE2 . GLU A 1 30 ? -2.761  -9.747  10.731  1.00 2.00  ? 20  GLU A OE2 1 
ATOM   236 N  N   . PHE A 1 31 ? -6.221  -9.434  5.219   1.00 2.00  ? 21  PHE A N   1 
ATOM   237 C  CA  . PHE A 1 31 ? -6.785  -9.894  3.955   1.00 2.00  ? 21  PHE A CA  1 
ATOM   238 C  C   . PHE A 1 31 ? -5.719  -10.427 3.024   1.00 2.00  ? 21  PHE A C   1 
ATOM   239 O  O   . PHE A 1 31 ? -5.877  -11.478 2.416   1.00 2.00  ? 21  PHE A O   1 
ATOM   240 C  CB  . PHE A 1 31 ? -7.589  -8.773  3.263   1.00 2.00  ? 21  PHE A CB  1 
ATOM   241 C  CG  . PHE A 1 31 ? -8.069  -9.142  1.860   1.00 2.00  ? 21  PHE A CG  1 
ATOM   242 C  CD1 . PHE A 1 31 ? -9.234  -9.844  1.674   1.00 5.40  ? 21  PHE A CD1 1 
ATOM   243 C  CD2 . PHE A 1 31 ? -7.308  -8.842  0.762   1.00 2.00  ? 21  PHE A CD2 1 
ATOM   244 C  CE1 . PHE A 1 31 ? -9.608  -10.268 0.395   1.00 8.87  ? 21  PHE A CE1 1 
ATOM   245 C  CE2 . PHE A 1 31 ? -7.681  -9.245  -0.491  1.00 3.90  ? 21  PHE A CE2 1 
ATOM   246 C  CZ  . PHE A 1 31 ? -8.805  -9.968  -0.663  1.00 6.20  ? 21  PHE A CZ  1 
ATOM   247 N  N   . LEU A 1 32 ? -4.669  -9.626  2.840   1.00 2.00  ? 22  LEU A N   1 
ATOM   248 C  CA  . LEU A 1 32 ? -3.589  -9.955  1.909   1.00 2.00  ? 22  LEU A CA  1 
ATOM   249 C  C   . LEU A 1 32 ? -2.878  -11.186 2.375   1.00 2.00  ? 22  LEU A C   1 
ATOM   250 O  O   . LEU A 1 32 ? -2.521  -12.039 1.563   1.00 2.00  ? 22  LEU A O   1 
ATOM   251 C  CB  . LEU A 1 32 ? -2.621  -8.771  1.756   1.00 2.00  ? 22  LEU A CB  1 
ATOM   252 C  CG  . LEU A 1 32 ? -3.195  -7.535  1.042   1.00 2.00  ? 22  LEU A CG  1 
ATOM   253 C  CD1 . LEU A 1 32 ? -2.203  -6.427  1.133   1.00 2.00  ? 22  LEU A CD1 1 
ATOM   254 C  CD2 . LEU A 1 32 ? -3.634  -7.845  -0.372  1.00 2.00  ? 22  LEU A CD2 1 
ATOM   255 N  N   . LYS A 1 33 ? -2.695  -11.325 3.683   1.00 2.00  ? 23  LYS A N   1 
ATOM   256 C  CA  . LYS A 1 33 ? -2.023  -12.526 4.209   1.00 2.13  ? 23  LYS A CA  1 
ATOM   257 C  C   . LYS A 1 33 ? -2.784  -13.774 3.887   1.00 2.00  ? 23  LYS A C   1 
ATOM   258 O  O   . LYS A 1 33 ? -2.193  -14.814 3.549   1.00 2.00  ? 23  LYS A O   1 
ATOM   259 C  CB  . LYS A 1 33 ? -1.851  -12.444 5.731   1.00 2.00  ? 23  LYS A CB  1 
ATOM   260 C  CG  . LYS A 1 33 ? -0.770  -11.471 6.113   1.00 3.26  ? 23  LYS A CG  1 
ATOM   261 C  CD  . LYS A 1 33 ? -0.684  -10.963 7.568   1.00 7.46  ? 23  LYS A CD  1 
ATOM   262 C  CE  . LYS A 1 33 ? -0.602  -11.943 8.614   1.00 7.64  ? 23  LYS A CE  1 
ATOM   263 N  NZ  . LYS A 1 33 ? -0.378  -11.250 9.957   1.00 7.34  ? 23  LYS A NZ  1 
ATOM   264 N  N   . ARG A 1 34 ? -4.091  -13.701 4.092   1.00 3.22  ? 24  ARG A N   1 
ATOM   265 C  CA  . ARG A 1 34 ? -5.004  -14.824 3.899   1.00 4.89  ? 24  ARG A CA  1 
ATOM   266 C  C   . ARG A 1 34 ? -5.108  -15.172 2.399   1.00 5.26  ? 24  ARG A C   1 
ATOM   267 O  O   . ARG A 1 34 ? -5.191  -16.341 2.002   1.00 5.44  ? 24  ARG A O   1 
ATOM   268 C  CB  . ARG A 1 34 ? -6.352  -14.452 4.526   1.00 6.13  ? 24  ARG A CB  1 
ATOM   269 C  CG  . ARG A 1 34 ? -7.410  -15.483 4.376   1.00 9.80  ? 24  ARG A CG  1 
ATOM   270 C  CD  . ARG A 1 34 ? -8.415  -15.479 5.534   1.00 11.95 ? 24  ARG A CD  1 
ATOM   271 N  NE  . ARG A 1 34 ? -9.290  -16.683 5.419   1.00 16.48 ? 24  ARG A NE  1 
ATOM   272 C  CZ  . ARG A 1 34 ? -9.151  -17.894 6.007   1.00 19.07 ? 24  ARG A CZ  1 
ATOM   273 N  NH1 . ARG A 1 34 ? -8.144  -18.176 6.855   1.00 21.33 ? 24  ARG A NH1 1 
ATOM   274 N  NH2 . ARG A 1 34 ? -10.066 -18.850 5.760   1.00 17.96 ? 24  ARG A NH2 1 
ATOM   275 N  N   . GLU A 1 35 ? -5.015  -14.150 1.556   1.00 6.20  ? 25  GLU A N   1 
ATOM   276 C  CA  . GLU A 1 35 ? -5.114  -14.331 0.122   1.00 7.41  ? 25  GLU A CA  1 
ATOM   277 C  C   . GLU A 1 35 ? -4.001  -15.203 -0.444  1.00 7.64  ? 25  GLU A C   1 
ATOM   278 O  O   . GLU A 1 35 ? -4.188  -15.917 -1.451  1.00 8.49  ? 25  GLU A O   1 
ATOM   279 C  CB  . GLU A 1 35 ? -5.180  -12.953 -0.575  1.00 7.59  ? 25  GLU A CB  1 
ATOM   280 C  CG  . GLU A 1 35 ? -5.668  -12.968 -1.998  1.00 11.13 ? 25  GLU A CG  1 
ATOM   281 C  CD  . GLU A 1 35 ? -7.120  -13.435 -2.240  1.00 15.91 ? 25  GLU A CD  1 
ATOM   282 O  OE1 . GLU A 1 35 ? -7.967  -13.532 -1.310  1.00 15.45 ? 25  GLU A OE1 1 
ATOM   283 O  OE2 . GLU A 1 35 ? -7.416  -13.729 -3.440  1.00 17.40 ? 25  GLU A OE2 1 
ATOM   284 N  N   . GLY A 1 36 ? -2.825  -15.130 0.161   1.00 8.41  ? 26  GLY A N   1 
ATOM   285 C  CA  . GLY A 1 36 ? -1.744  -16.012 -0.236  1.00 9.24  ? 26  GLY A CA  1 
ATOM   286 C  C   . GLY A 1 36 ? -0.883  -15.462 -1.374  1.00 9.86  ? 26  GLY A C   1 
ATOM   287 O  O   . GLY A 1 36 ? -0.041  -16.179 -1.901  1.00 11.58 ? 26  GLY A O   1 
ATOM   288 N  N   . VAL A 1 37 ? -1.113  -14.194 -1.727  1.00 11.10 ? 27  VAL A N   1 
ATOM   289 C  CA  . VAL A 1 37 ? -0.348  -13.483 -2.739  1.00 11.25 ? 27  VAL A CA  1 
ATOM   290 C  C   . VAL A 1 37 ? 0.949   -12.926 -2.132  1.00 9.64  ? 27  VAL A C   1 
ATOM   291 O  O   . VAL A 1 37 ? 0.998   -12.670 -0.957  1.00 8.78  ? 27  VAL A O   1 
ATOM   292 C  CB  . VAL A 1 37 ? -1.224  -12.402 -3.413  1.00 11.82 ? 27  VAL A CB  1 
ATOM   293 C  CG1 . VAL A 1 37 ? -2.289  -13.118 -4.298  1.00 14.34 ? 27  VAL A CG1 1 
ATOM   294 C  CG2 . VAL A 1 37 ? -1.856  -11.461 -2.384  1.00 13.73 ? 27  VAL A CG2 1 
ATOM   295 N  N   . ASP A 1 38 ? 2.039   -12.906 -2.910  1.00 7.93  ? 28  ASP A N   1 
ATOM   296 C  CA  . ASP A 1 38 ? 3.249   -12.215 -2.514  1.00 7.06  ? 28  ASP A CA  1 
ATOM   297 C  C   . ASP A 1 38 ? 2.847   -10.770 -2.512  1.00 4.75  ? 28  ASP A C   1 
ATOM   298 O  O   . ASP A 1 38 ? 2.333   -10.299 -3.508  1.00 7.29  ? 28  ASP A O   1 
ATOM   299 C  CB  . ASP A 1 38 ? 4.399   -12.357 -3.553  1.00 7.81  ? 28  ASP A CB  1 
ATOM   300 C  CG  . ASP A 1 38 ? 5.163   -13.653 -3.439  1.00 12.01 ? 28  ASP A CG  1 
ATOM   301 O  OD1 . ASP A 1 38 ? 4.779   -14.511 -2.597  1.00 15.51 ? 28  ASP A OD1 1 
ATOM   302 O  OD2 . ASP A 1 38 ? 6.177   -13.819 -4.216  1.00 20.16 ? 28  ASP A OD2 1 
ATOM   303 N  N   . PHE A 1 39 ? 3.086   -10.067 -1.408  1.00 3.03  ? 29  PHE A N   1 
ATOM   304 C  CA  . PHE A 1 39 ? 2.842   -8.658  -1.314  1.00 2.00  ? 29  PHE A CA  1 
ATOM   305 C  C   . PHE A 1 39 ? 3.870   -8.026  -0.372  1.00 2.00  ? 29  PHE A C   1 
ATOM   306 O  O   . PHE A 1 39 ? 4.564   -8.696  0.407   1.00 2.00  ? 29  PHE A O   1 
ATOM   307 C  CB  . PHE A 1 39 ? 1.404   -8.377  -0.825  1.00 2.00  ? 29  PHE A CB  1 
ATOM   308 C  CG  . PHE A 1 39 ? 1.211   -8.640  0.657   1.00 2.00  ? 29  PHE A CG  1 
ATOM   309 C  CD1 . PHE A 1 39 ? 1.268   -7.604  1.575   1.00 3.70  ? 29  PHE A CD1 1 
ATOM   310 C  CD2 . PHE A 1 39 ? 1.039   -9.909  1.109   1.00 3.33  ? 29  PHE A CD2 1 
ATOM   311 C  CE1 . PHE A 1 39 ? 1.088   -7.833  2.960   1.00 3.89  ? 29  PHE A CE1 1 
ATOM   312 C  CE2 . PHE A 1 39 ? 0.882   -10.169 2.486   1.00 6.39  ? 29  PHE A CE2 1 
ATOM   313 C  CZ  . PHE A 1 39 ? 0.912   -9.114  3.397   1.00 4.62  ? 29  PHE A CZ  1 
ATOM   314 N  N   . GLU A 1 40 ? 4.001   -6.720  -0.507  1.00 2.00  ? 30  GLU A N   1 
ATOM   315 C  CA  . GLU A 1 40 ? 4.832   -5.928  0.334   1.00 2.00  ? 30  GLU A CA  1 
ATOM   316 C  C   . GLU A 1 40 ? 3.984   -4.847  1.011   1.00 2.00  ? 30  GLU A C   1 
ATOM   317 O  O   . GLU A 1 40 ? 2.998   -4.377  0.432   1.00 2.20  ? 30  GLU A O   1 
ATOM   318 C  CB  . GLU A 1 40 ? 5.986   -5.335  -0.489  1.00 2.00  ? 30  GLU A CB  1 
ATOM   319 C  CG  . GLU A 1 40 ? 6.783   -6.426  -1.226  1.00 2.86  ? 30  GLU A CG  1 
ATOM   320 C  CD  . GLU A 1 40 ? 7.504   -7.392  -0.285  1.00 10.66 ? 30  GLU A CD  1 
ATOM   321 O  OE1 . GLU A 1 40 ? 7.828   -7.021  0.845   1.00 10.88 ? 30  GLU A OE1 1 
ATOM   322 O  OE2 . GLU A 1 40 ? 7.741   -8.560  -0.675  1.00 14.89 ? 30  GLU A OE2 1 
ATOM   323 N  N   . VAL A 1 41 ? 4.427   -4.406  2.175   1.00 2.00  ? 31  VAL A N   1 
ATOM   324 C  CA  . VAL A 1 41 ? 3.731   -3.306  2.916   1.00 2.00  ? 31  VAL A CA  1 
ATOM   325 C  C   . VAL A 1 41 ? 4.735   -2.220  3.300   1.00 2.41  ? 31  VAL A C   1 
ATOM   326 O  O   . VAL A 1 41 ? 5.864   -2.537  3.720   1.00 2.11  ? 31  VAL A O   1 
ATOM   327 C  CB  . VAL A 1 41 ? 2.958   -3.762  4.204   1.00 2.00  ? 31  VAL A CB  1 
ATOM   328 C  CG1 . VAL A 1 41 ? 3.827   -4.461  5.269   1.00 8.26  ? 31  VAL A CG1 1 
ATOM   329 C  CG2 . VAL A 1 41 ? 2.252   -2.537  4.879   1.00 2.29  ? 31  VAL A CG2 1 
ATOM   330 N  N   . ILE A 1 42 ? 4.338   -0.973  3.098   1.00 2.10  ? 32  ILE A N   1 
ATOM   331 C  CA  . ILE A 1 42 ? 5.053   0.181   3.618   1.00 2.42  ? 32  ILE A CA  1 
ATOM   332 C  C   . ILE A 1 42 ? 4.220   0.845   4.717   1.00 2.70  ? 32  ILE A C   1 
ATOM   333 O  O   . ILE A 1 42 ? 3.131   1.365   4.450   1.00 2.92  ? 32  ILE A O   1 
ATOM   334 C  CB  . ILE A 1 42 ? 5.397   1.189   2.526   1.00 2.23  ? 32  ILE A CB  1 
ATOM   335 C  CG1 . ILE A 1 42 ? 6.307   0.530   1.460   1.00 3.18  ? 32  ILE A CG1 1 
ATOM   336 C  CG2 . ILE A 1 42 ? 6.032   2.430   3.111   1.00 2.00  ? 32  ILE A CG2 1 
ATOM   337 C  CD1 . ILE A 1 42 ? 6.599   1.443   0.269   1.00 5.80  ? 32  ILE A CD1 1 
ATOM   338 N  N   . TRP A 1 43 ? 4.761   0.839   5.936   1.00 2.39  ? 33  TRP A N   1 
ATOM   339 C  CA  . TRP A 1 43 ? 4.147   1.525   7.060   1.00 2.00  ? 33  TRP A CA  1 
ATOM   340 C  C   . TRP A 1 43 ? 4.719   2.958   7.114   1.00 2.17  ? 33  TRP A C   1 
ATOM   341 O  O   . TRP A 1 43 ? 5.916   3.203   7.460   1.00 2.00  ? 33  TRP A O   1 
ATOM   342 C  CB  . TRP A 1 43 ? 4.502   0.790   8.324   1.00 2.33  ? 33  TRP A CB  1 
ATOM   343 C  CG  . TRP A 1 43 ? 3.990   -0.580  8.445   1.00 2.00  ? 33  TRP A CG  1 
ATOM   344 C  CD1 . TRP A 1 43 ? 4.740   -1.673  8.780   1.00 3.80  ? 33  TRP A CD1 1 
ATOM   345 C  CD2 . TRP A 1 43 ? 2.633   -1.049  8.341   1.00 2.89  ? 33  TRP A CD2 1 
ATOM   346 N  NE1 . TRP A 1 43 ? 3.939   -2.772  8.884   1.00 8.23  ? 33  TRP A NE1 1 
ATOM   347 C  CE2 . TRP A 1 43 ? 2.646   -2.433  8.607   1.00 6.74  ? 33  TRP A CE2 1 
ATOM   348 C  CE3 . TRP A 1 43 ? 1.406   -0.447  8.083   1.00 2.00  ? 33  TRP A CE3 1 
ATOM   349 C  CZ2 . TRP A 1 43 ? 1.462   -3.213  8.637   1.00 4.77  ? 33  TRP A CZ2 1 
ATOM   350 C  CZ3 . TRP A 1 43 ? 0.242   -1.244  8.080   1.00 2.00  ? 33  TRP A CZ3 1 
ATOM   351 C  CH2 . TRP A 1 43 ? 0.280   -2.577  8.318   1.00 5.88  ? 33  TRP A CH2 1 
ATOM   352 N  N   . ILE A 1 44 ? 3.857   3.890   6.812   1.00 2.00  ? 34  ILE A N   1 
ATOM   353 C  CA  . ILE A 1 44 ? 4.266   5.276   6.634   1.00 2.00  ? 34  ILE A CA  1 
ATOM   354 C  C   . ILE A 1 44 ? 4.642   5.830   7.999   1.00 2.00  ? 34  ILE A C   1 
ATOM   355 O  O   . ILE A 1 44 ? 5.521   6.684   8.124   1.00 2.16  ? 34  ILE A O   1 
ATOM   356 C  CB  . ILE A 1 44 ? 3.097   6.080   5.989   1.00 2.00  ? 34  ILE A CB  1 
ATOM   357 C  CG1 . ILE A 1 44 ? 2.805   5.523   4.573   1.00 2.00  ? 34  ILE A CG1 1 
ATOM   358 C  CG2 . ILE A 1 44 ? 3.393   7.549   6.017   1.00 2.00  ? 34  ILE A CG2 1 
ATOM   359 C  CD1 . ILE A 1 44 ? 1.678   6.122   3.875   1.00 2.00  ? 34  ILE A CD1 1 
ATOM   360 N  N   . ASP A 1 45 ? 4.005   5.314   9.050   1.00 2.00  ? 35  ASP A N   1 
ATOM   361 C  CA  . ASP A 1 45 ? 4.353   5.726   10.389  1.00 2.00  ? 35  ASP A CA  1 
ATOM   362 C  C   . ASP A 1 45 ? 5.739   5.330   10.896  1.00 2.54  ? 35  ASP A C   1 
ATOM   363 O  O   . ASP A 1 45 ? 6.210   5.867   11.921  1.00 2.83  ? 35  ASP A O   1 
ATOM   364 C  CB  . ASP A 1 45 ? 3.267   5.279   11.341  1.00 2.00  ? 35  ASP A CB  1 
ATOM   365 C  CG  . ASP A 1 45 ? 3.071   3.783   11.376  1.00 2.39  ? 35  ASP A CG  1 
ATOM   366 O  OD1 . ASP A 1 45 ? 2.835   3.145   10.333  1.00 2.00  ? 35  ASP A OD1 1 
ATOM   367 O  OD2 . ASP A 1 45 ? 3.074   3.252   12.549  1.00 2.69  ? 35  ASP A OD2 1 
ATOM   368 N  N   . LYS A 1 46 ? 6.331   4.329   10.257  1.00 3.33  ? 36  LYS A N   1 
ATOM   369 C  CA  . LYS A 1 46 ? 7.705   3.880   10.544  1.00 5.17  ? 36  LYS A CA  1 
ATOM   370 C  C   . LYS A 1 46 ? 8.763   4.653   9.772   1.00 5.29  ? 36  LYS A C   1 
ATOM   371 O  O   . LYS A 1 46 ? 9.958   4.446   9.975   1.00 7.32  ? 36  LYS A O   1 
ATOM   372 C  CB  . LYS A 1 46 ? 7.789   2.389   10.244  1.00 5.63  ? 36  LYS A CB  1 
ATOM   373 C  CG  . LYS A 1 46 ? 6.799   1.564   11.065  1.00 9.77  ? 36  LYS A CG  1 
ATOM   374 C  CD  . LYS A 1 46 ? 7.243   1.356   12.506  1.00 15.95 ? 36  LYS A CD  1 
ATOM   375 C  CE  . LYS A 1 46 ? 6.054   1.131   13.480  1.00 20.34 ? 36  LYS A CE  1 
ATOM   376 N  NZ  . LYS A 1 46 ? 5.527   -0.253  13.448  1.00 23.20 ? 36  LYS A NZ  1 
ATOM   377 N  N   . LEU A 1 47 ? 8.325   5.552   8.888   1.00 5.47  ? 37  LEU A N   1 
ATOM   378 C  CA  . LEU A 1 47 ? 9.169   6.498   8.169   1.00 5.02  ? 37  LEU A CA  1 
ATOM   379 C  C   . LEU A 1 47 ? 9.182   7.848   8.871   1.00 5.24  ? 37  LEU A C   1 
ATOM   380 O  O   . LEU A 1 47 ? 8.277   8.170   9.624   1.00 5.26  ? 37  LEU A O   1 
ATOM   381 C  CB  . LEU A 1 47 ? 8.627   6.671   6.739   1.00 4.71  ? 37  LEU A CB  1 
ATOM   382 C  CG  . LEU A 1 47 ? 8.520   5.354   5.927   1.00 8.66  ? 37  LEU A CG  1 
ATOM   383 C  CD1 . LEU A 1 47 ? 8.035   5.572   4.517   1.00 12.12 ? 37  LEU A CD1 1 
ATOM   384 C  CD2 . LEU A 1 47 ? 9.844   4.674   5.892   1.00 8.88  ? 37  LEU A CD2 1 
ATOM   385 N  N   . GLU A 1 48 ? 10.194  8.655   8.592   1.00 6.76  ? 38  GLU A N   1 
ATOM   386 C  CA  . GLU A 1 48 ? 10.327  9.982   9.202   1.00 7.75  ? 38  GLU A CA  1 
ATOM   387 C  C   . GLU A 1 48 ? 10.767  10.966  8.147   1.00 8.65  ? 38  GLU A C   1 
ATOM   388 O  O   . GLU A 1 48 ? 11.419  10.589  7.162   1.00 8.51  ? 38  GLU A O   1 
ATOM   389 C  CB  . GLU A 1 48 ? 11.374  9.985   10.350  1.00 8.21  ? 38  GLU A CB  1 
ATOM   390 C  CG  . GLU A 1 48 ? 10.982  9.166   11.595  1.00 12.00 ? 38  GLU A CG  1 
ATOM   391 C  CD  . GLU A 1 48 ? 9.783   9.750   12.416  1.00 17.91 ? 38  GLU A CD  1 
ATOM   392 O  OE1 . GLU A 1 48 ? 9.415   10.942  12.218  1.00 18.96 ? 38  GLU A OE1 1 
ATOM   393 O  OE2 . GLU A 1 48 ? 9.224   8.997   13.288  1.00 21.98 ? 38  GLU A OE2 1 
ATOM   394 N  N   . GLY A 1 49 ? 10.406  12.230  8.362   1.00 9.76  ? 39  GLY A N   1 
ATOM   395 C  CA  . GLY A 1 49 ? 11.003  13.341  7.626   1.00 10.48 ? 39  GLY A CA  1 
ATOM   396 C  C   . GLY A 1 49 ? 10.720  13.281  6.134   1.00 11.46 ? 39  GLY A C   1 
ATOM   397 O  O   . GLY A 1 49 ? 9.590   13.065  5.728   1.00 10.98 ? 39  GLY A O   1 
ATOM   398 N  N   . GLU A 1 50 ? 11.751  13.474  5.322   1.00 12.38 ? 40  GLU A N   1 
ATOM   399 C  CA  . GLU A 1 50 ? 11.584  13.494  3.867   1.00 13.06 ? 40  GLU A CA  1 
ATOM   400 C  C   . GLU A 1 50 ? 11.208  12.151  3.298   1.00 12.25 ? 40  GLU A C   1 
ATOM   401 O  O   . GLU A 1 50 ? 10.489  12.107  2.297   1.00 10.53 ? 40  GLU A O   1 
ATOM   402 C  CB  . GLU A 1 50 ? 12.846  14.013  3.130   1.00 14.35 ? 40  GLU A CB  1 
ATOM   403 C  CG  . GLU A 1 50 ? 12.984  15.540  3.072   1.00 19.27 ? 40  GLU A CG  1 
ATOM   404 C  CD  . GLU A 1 50 ? 11.635  16.307  2.874   1.00 24.99 ? 40  GLU A CD  1 
ATOM   405 O  OE1 . GLU A 1 50 ? 10.810  15.921  1.989   1.00 29.91 ? 40  GLU A OE1 1 
ATOM   406 O  OE2 . GLU A 1 50 ? 11.417  17.307  3.616   1.00 28.48 ? 40  GLU A OE2 1 
ATOM   407 N  N   . GLU A 1 51 ? 11.696  11.067  3.901   1.00 11.87 ? 41  GLU A N   1 
ATOM   408 C  CA  . GLU A 1 51 ? 11.348  9.730   3.422   1.00 11.36 ? 41  GLU A CA  1 
ATOM   409 C  C   . GLU A 1 51 ? 9.806   9.522   3.605   1.00 9.55  ? 41  GLU A C   1 
ATOM   410 O  O   . GLU A 1 51 ? 9.113   9.026   2.698   1.00 8.36  ? 41  GLU A O   1 
ATOM   411 C  CB  . GLU A 1 51 ? 12.176  8.655   4.146   1.00 11.90 ? 41  GLU A CB  1 
ATOM   412 C  CG  . GLU A 1 51 ? 12.003  7.260   3.518   1.00 16.36 ? 41  GLU A CG  1 
ATOM   413 C  CD  . GLU A 1 51 ? 12.899  6.135   4.085   1.00 20.73 ? 41  GLU A CD  1 
ATOM   414 O  OE1 . GLU A 1 51 ? 13.101  6.059   5.346   1.00 23.88 ? 41  GLU A OE1 1 
ATOM   415 O  OE2 . GLU A 1 51 ? 13.390  5.287   3.253   1.00 24.66 ? 41  GLU A OE2 1 
ATOM   416 N  N   . ARG A 1 52 ? 9.273   9.943   4.759   1.00 6.93  ? 42  ARG A N   1 
ATOM   417 C  CA  . ARG A 1 52 ? 7.825   9.892   4.978   1.00 6.05  ? 42  ARG A CA  1 
ATOM   418 C  C   . ARG A 1 52 ? 7.067   10.764  3.978   1.00 5.02  ? 42  ARG A C   1 
ATOM   419 O  O   . ARG A 1 52 ? 6.061   10.340  3.404   1.00 2.99  ? 42  ARG A O   1 
ATOM   420 C  CB  . ARG A 1 52 ? 7.450   10.294  6.409   1.00 4.98  ? 42  ARG A CB  1 
ATOM   421 C  CG  . ARG A 1 52 ? 5.967   10.154  6.698   1.00 3.29  ? 42  ARG A CG  1 
ATOM   422 C  CD  . ARG A 1 52 ? 5.674   10.784  7.947   1.00 3.92  ? 42  ARG A CD  1 
ATOM   423 N  NE  . ARG A 1 52 ? 6.157   10.011  9.086   1.00 4.45  ? 42  ARG A NE  1 
ATOM   424 C  CZ  . ARG A 1 52 ? 5.954   10.318  10.378  1.00 6.94  ? 42  ARG A CZ  1 
ATOM   425 N  NH1 . ARG A 1 52 ? 5.248   11.387  10.743  1.00 7.82  ? 42  ARG A NH1 1 
ATOM   426 N  NH2 . ARG A 1 52 ? 6.447   9.535   11.319  1.00 7.22  ? 42  ARG A NH2 1 
ATOM   427 N  N   . LYS A 1 53 ? 7.537   11.997  3.778   1.00 5.51  ? 43  LYS A N   1 
ATOM   428 C  CA  . LYS A 1 53 ? 6.887   12.942  2.851   1.00 5.13  ? 43  LYS A CA  1 
ATOM   429 C  C   . LYS A 1 53 ? 6.851   12.377  1.450   1.00 3.84  ? 43  LYS A C   1 
ATOM   430 O  O   . LYS A 1 53 ? 5.863   12.495  0.754   1.00 2.00  ? 43  LYS A O   1 
ATOM   431 C  CB  . LYS A 1 53 ? 7.576   14.320  2.886   1.00 6.02  ? 43  LYS A CB  1 
ATOM   432 C  CG  . LYS A 1 53 ? 7.255   15.116  4.174   1.00 8.28  ? 43  LYS A CG  1 
ATOM   433 C  CD  . LYS A 1 53 ? 7.664   16.609  4.117   1.00 11.44 ? 43  LYS A CD  1 
ATOM   434 C  CE  . LYS A 1 53 ? 7.924   17.098  5.581   1.00 14.86 ? 43  LYS A CE  1 
ATOM   435 N  NZ  . LYS A 1 53 ? 8.355   18.531  5.785   1.00 15.99 ? 43  LYS A NZ  1 
ATOM   436 N  N   . LYS A 1 54 ? 7.929   11.726  1.040   1.00 3.21  ? 44  LYS A N   1 
ATOM   437 C  CA  . LYS A 1 54 ? 8.003   11.148  -0.289  1.00 3.79  ? 44  LYS A CA  1 
ATOM   438 C  C   . LYS A 1 54 ? 6.970   10.031  -0.499  1.00 2.28  ? 44  LYS A C   1 
ATOM   439 O  O   . LYS A 1 54 ? 6.316   9.974   -1.565  1.00 2.00  ? 44  LYS A O   1 
ATOM   440 C  CB  . LYS A 1 54 ? 9.416   10.625  -0.489  1.00 5.08  ? 44  LYS A CB  1 
ATOM   441 C  CG  . LYS A 1 54 ? 9.754   10.015  -1.808  1.00 10.93 ? 44  LYS A CG  1 
ATOM   442 C  CD  . LYS A 1 54 ? 11.168  9.344   -1.667  1.00 18.35 ? 44  LYS A CD  1 
ATOM   443 C  CE  . LYS A 1 54 ? 12.100  9.550   -2.906  1.00 22.50 ? 44  LYS A CE  1 
ATOM   444 N  NZ  . LYS A 1 54 ? 12.243  8.347   -3.850  1.00 24.60 ? 44  LYS A NZ  1 
ATOM   445 N  N   . VAL A 1 55 ? 6.805   9.172   0.521   1.00 2.68  ? 45  VAL A N   1 
ATOM   446 C  CA  . VAL A 1 55 ? 5.840   8.085   0.451   1.00 2.00  ? 45  VAL A CA  1 
ATOM   447 C  C   . VAL A 1 55 ? 4.415   8.615   0.487   1.00 2.00  ? 45  VAL A C   1 
ATOM   448 O  O   . VAL A 1 55 ? 3.534   8.133   -0.248  1.00 2.00  ? 45  VAL A O   1 
ATOM   449 C  CB  . VAL A 1 55 ? 6.074   7.048   1.520   1.00 2.33  ? 45  VAL A CB  1 
ATOM   450 C  CG1 . VAL A 1 55 ? 5.018   5.941   1.424   1.00 4.07  ? 45  VAL A CG1 1 
ATOM   451 C  CG2 . VAL A 1 55 ? 7.476   6.468   1.341   1.00 3.54  ? 45  VAL A CG2 1 
ATOM   452 N  N   . ILE A 1 56 ? 4.207   9.632   1.317   1.00 2.00  ? 46  ILE A N   1 
ATOM   453 C  CA  . ILE A 1 56 ? 2.885   10.310  1.325   1.00 2.00  ? 46  ILE A CA  1 
ATOM   454 C  C   . ILE A 1 56 ? 2.498   10.880  -0.062  1.00 2.00  ? 46  ILE A C   1 
ATOM   455 O  O   . ILE A 1 56 ? 1.362   10.739  -0.539  1.00 2.00  ? 46  ILE A O   1 
ATOM   456 C  CB  . ILE A 1 56 ? 2.742   11.360  2.482   1.00 2.00  ? 46  ILE A CB  1 
ATOM   457 C  CG1 . ILE A 1 56 ? 2.759   10.634  3.843   1.00 2.00  ? 46  ILE A CG1 1 
ATOM   458 C  CG2 . ILE A 1 56 ? 1.373   12.081  2.312   1.00 2.00  ? 46  ILE A CG2 1 
ATOM   459 C  CD1 . ILE A 1 56 ? 3.039   11.497  5.094   1.00 2.00  ? 46  ILE A CD1 1 
ATOM   460 N  N   . GLU A 1 57 ? 3.451   11.518  -0.724  1.00 2.00  ? 47  GLU A N   1 
ATOM   461 C  CA  . GLU A 1 57 ? 3.189   12.076  -2.031  1.00 2.40  ? 47  GLU A CA  1 
ATOM   462 C  C   . GLU A 1 57 ? 2.963   10.969  -3.035  1.00 2.00  ? 47  GLU A C   1 
ATOM   463 O  O   . GLU A 1 57 ? 2.115   11.104  -3.927  1.00 2.00  ? 47  GLU A O   1 
ATOM   464 C  CB  . GLU A 1 57 ? 4.297   13.041  -2.457  1.00 3.96  ? 47  GLU A CB  1 
ATOM   465 C  CG  . GLU A 1 57 ? 4.242   14.437  -1.721  1.00 7.40  ? 47  GLU A CG  1 
ATOM   466 C  CD  . GLU A 1 57 ? 2.826   15.042  -1.497  1.00 9.98  ? 47  GLU A CD  1 
ATOM   467 O  OE1 . GLU A 1 57 ? 1.916   14.959  -2.370  1.00 13.45 ? 47  GLU A OE1 1 
ATOM   468 O  OE2 . GLU A 1 57 ? 2.630   15.594  -0.392  1.00 15.66 ? 47  GLU A OE2 1 
ATOM   469 N  N   . LYS A 1 58 ? 3.645   9.855   -2.853  1.00 2.28  ? 48  LYS A N   1 
ATOM   470 C  CA  . LYS A 1 58 ? 3.429   8.678   -3.717  1.00 2.23  ? 48  LYS A CA  1 
ATOM   471 C  C   . LYS A 1 58 ? 2.033   8.060   -3.605  1.00 2.00  ? 48  LYS A C   1 
ATOM   472 O  O   . LYS A 1 58 ? 1.379   7.780   -4.624  1.00 3.09  ? 48  LYS A O   1 
ATOM   473 C  CB  . LYS A 1 58 ? 4.468   7.652   -3.412  1.00 2.60  ? 48  LYS A CB  1 
ATOM   474 C  CG  . LYS A 1 58 ? 4.384   6.353   -4.220  1.00 7.54  ? 48  LYS A CG  1 
ATOM   475 C  CD  . LYS A 1 58 ? 4.509   6.611   -5.653  1.00 10.97 ? 48  LYS A CD  1 
ATOM   476 C  CE  . LYS A 1 58 ? 5.239   5.518   -6.403  1.00 14.00 ? 48  LYS A CE  1 
ATOM   477 N  NZ  . LYS A 1 58 ? 5.615   6.007   -7.752  1.00 14.79 ? 48  LYS A NZ  1 
ATOM   478 N  N   . VAL A 1 59 ? 1.574   7.873   -2.394  1.00 2.00  ? 49  VAL A N   1 
ATOM   479 C  CA  . VAL A 1 59 ? 0.216   7.439   -2.089  1.00 3.12  ? 49  VAL A CA  1 
ATOM   480 C  C   . VAL A 1 59 ? -0.805  8.367   -2.809  1.00 2.78  ? 49  VAL A C   1 
ATOM   481 O  O   . VAL A 1 59 ? -1.747  7.903   -3.400  1.00 2.35  ? 49  VAL A O   1 
ATOM   482 C  CB  . VAL A 1 59 ? -0.014  7.495   -0.493  1.00 4.45  ? 49  VAL A CB  1 
ATOM   483 C  CG1 . VAL A 1 59 ? -1.445  7.833   -0.102  1.00 6.25  ? 49  VAL A CG1 1 
ATOM   484 C  CG2 . VAL A 1 59 ? 0.419   6.260   0.162   1.00 8.21  ? 49  VAL A CG2 1 
ATOM   485 N  N   . HIS A 1 60 ? -0.575  9.670   -2.730  1.00 2.00  ? 50  HIS A N   1 
ATOM   486 C  CA  . HIS A 1 60 ? -1.447  10.669  -3.338  1.00 2.00  ? 50  HIS A CA  1 
ATOM   487 C  C   . HIS A 1 60 ? -1.422  10.545  -4.831  1.00 2.00  ? 50  HIS A C   1 
ATOM   488 O  O   . HIS A 1 60 ? -2.455  10.654  -5.496  1.00 2.00  ? 50  HIS A O   1 
ATOM   489 C  CB  . HIS A 1 60 ? -1.069  12.041  -2.892  1.00 2.00  ? 50  HIS A CB  1 
ATOM   490 C  CG  . HIS A 1 60 ? -1.833  13.107  -3.584  1.00 2.00  ? 50  HIS A CG  1 
ATOM   491 N  ND1 . HIS A 1 60 ? -1.375  13.727  -4.723  1.00 3.41  ? 50  HIS A ND1 1 
ATOM   492 C  CD2 . HIS A 1 60 ? -3.054  13.627  -3.329  1.00 3.50  ? 50  HIS A CD2 1 
ATOM   493 C  CE1 . HIS A 1 60 ? -2.270  14.603  -5.142  1.00 2.92  ? 50  HIS A CE1 1 
ATOM   494 N  NE2 . HIS A 1 60 ? -3.315  14.551  -4.320  1.00 3.07  ? 50  HIS A NE2 1 
ATOM   495 N  N   . SER A 1 61 ? -0.252  10.276  -5.392  1.00 2.00  ? 51  SER A N   1 
ATOM   496 C  CA  . SER A 1 61 ? -0.139  10.133  -6.832  1.00 2.08  ? 51  SER A CA  1 
ATOM   497 C  C   . SER A 1 61 ? -0.864  8.896   -7.345  1.00 2.00  ? 51  SER A C   1 
ATOM   498 O  O   . SER A 1 61 ? -1.278  8.882   -8.488  1.00 3.54  ? 51  SER A O   1 
ATOM   499 C  CB  . SER A 1 61 ? 1.324   10.100  -7.210  1.00 2.00  ? 51  SER A CB  1 
ATOM   500 O  OG  . SER A 1 61 ? 1.902   8.836   -7.036  1.00 5.50  ? 51  SER A OG  1 
ATOM   501 N  N   . ILE A 1 62 ? -1.057  7.882   -6.495  1.00 2.00  ? 52  ILE A N   1 
ATOM   502 C  CA  . ILE A 1 62 ? -1.811  6.670   -6.852  1.00 2.00  ? 52  ILE A CA  1 
ATOM   503 C  C   . ILE A 1 62 ? -3.354  6.865   -6.636  1.00 2.00  ? 52  ILE A C   1 
ATOM   504 O  O   . ILE A 1 62 ? -4.126  6.664   -7.541  1.00 2.00  ? 52  ILE A O   1 
ATOM   505 C  CB  . ILE A 1 62 ? -1.374  5.498   -6.048  1.00 2.00  ? 52  ILE A CB  1 
ATOM   506 C  CG1 . ILE A 1 62 ? 0.108   5.176   -6.350  1.00 2.25  ? 52  ILE A CG1 1 
ATOM   507 C  CG2 . ILE A 1 62 ? -2.292  4.353   -6.339  1.00 2.03  ? 52  ILE A CG2 1 
ATOM   508 C  CD1 . ILE A 1 62 ? 0.804   4.374   -5.271  1.00 6.24  ? 52  ILE A CD1 1 
ATOM   509 N  N   . SER A 1 63 ? -3.792  7.310   -5.462  1.00 2.00  ? 53  SER A N   1 
ATOM   510 C  CA  . SER A 1 63 ? -5.243  7.336   -5.140  1.00 2.00  ? 53  SER A CA  1 
ATOM   511 C  C   . SER A 1 63 ? -5.916  8.720   -5.315  1.00 2.00  ? 53  SER A C   1 
ATOM   512 O  O   . SER A 1 63 ? -7.127  8.794   -5.288  1.00 2.00  ? 53  SER A O   1 
ATOM   513 C  CB  . SER A 1 63 ? -5.489  6.934   -3.661  1.00 2.00  ? 53  SER A CB  1 
ATOM   514 O  OG  . SER A 1 63 ? -4.995  7.943   -2.761  1.00 2.00  ? 53  SER A OG  1 
ATOM   515 N  N   . GLY A 1 64 ? -5.127  9.792   -5.429  1.00 2.00  ? 54  GLY A N   1 
ATOM   516 C  CA  . GLY A 1 64 ? -5.661  11.133  -5.455  1.00 2.00  ? 54  GLY A CA  1 
ATOM   517 C  C   . GLY A 1 64 ? -6.070  11.641  -4.126  1.00 2.00  ? 54  GLY A C   1 
ATOM   518 O  O   . GLY A 1 64 ? -6.533  12.765  -4.022  1.00 2.00  ? 54  GLY A O   1 
ATOM   519 N  N   . SER A 1 65 ? -5.793  10.855  -3.081  1.00 2.00  ? 55  SER A N   1 
ATOM   520 C  CA  . SER A 1 65 ? -6.146  11.208  -1.709  1.00 2.00  ? 55  SER A CA  1 
ATOM   521 C  C   . SER A 1 65 ? -4.903  11.124  -0.782  1.00 2.00  ? 55  SER A C   1 
ATOM   522 O  O   . SER A 1 65 ? -3.802  10.692  -1.199  1.00 2.00  ? 55  SER A O   1 
ATOM   523 C  CB  . SER A 1 65 ? -7.228  10.278  -1.146  1.00 2.00  ? 55  SER A CB  1 
ATOM   524 O  OG  . SER A 1 65 ? -6.644  9.095   -0.636  1.00 2.00  ? 55  SER A OG  1 
ATOM   525 N  N   . TYR A 1 66 ? -5.092  11.640  0.424   1.00 2.00  ? 56  TYR A N   1 
ATOM   526 C  CA  . TYR A 1 66 ? -4.097  11.427  1.467   1.00 2.00  ? 56  TYR A CA  1 
ATOM   527 C  C   . TYR A 1 66 ? -4.635  10.447  2.517   1.00 2.00  ? 56  TYR A C   1 
ATOM   528 O  O   . TYR A 1 66 ? -4.341  10.570  3.729   1.00 2.00  ? 56  TYR A O   1 
ATOM   529 C  CB  . TYR A 1 66 ? -3.682  12.729  2.118   1.00 2.00  ? 56  TYR A CB  1 
ATOM   530 C  CG  . TYR A 1 66 ? -2.946  13.607  1.168   1.00 2.00  ? 56  TYR A CG  1 
ATOM   531 C  CD1 . TYR A 1 66 ? -1.627  13.361  0.841   1.00 2.32  ? 56  TYR A CD1 1 
ATOM   532 C  CD2 . TYR A 1 66 ? -3.587  14.631  0.542   1.00 3.62  ? 56  TYR A CD2 1 
ATOM   533 C  CE1 . TYR A 1 66 ? -0.969  14.151  -0.049  1.00 4.27  ? 56  TYR A CE1 1 
ATOM   534 C  CE2 . TYR A 1 66 ? -2.933  15.437  -0.350  1.00 2.81  ? 56  TYR A CE2 1 
ATOM   535 C  CZ  . TYR A 1 66 ? -1.608  15.180  -0.657  1.00 4.86  ? 56  TYR A CZ  1 
ATOM   536 O  OH  . TYR A 1 66 ? -1.011  16.003  -1.571  1.00 5.53  ? 56  TYR A OH  1 
ATOM   537 N  N   . SER A 1 67 ? -5.397  9.466   2.058   1.00 2.00  ? 57  SER A N   1 
ATOM   538 C  CA  . SER A 1 67 ? -5.891  8.391   2.937   1.00 2.00  ? 57  SER A CA  1 
ATOM   539 C  C   . SER A 1 67 ? -5.244  7.049   2.660   1.00 2.00  ? 57  SER A C   1 
ATOM   540 O  O   . SER A 1 67 ? -4.667  6.788   1.603   1.00 2.00  ? 57  SER A O   1 
ATOM   541 C  CB  . SER A 1 67 ? -7.401  8.288   2.873   1.00 2.00  ? 57  SER A CB  1 
ATOM   542 O  OG  . SER A 1 67 ? -7.988  9.503   3.290   1.00 4.67  ? 57  SER A OG  1 
ATOM   543 N  N   . VAL A 1 68 ? -5.400  6.182   3.658   1.00 2.00  ? 58  VAL A N   1 
ATOM   544 C  CA  . VAL A 1 68 ? -4.907  4.800   3.586   1.00 2.00  ? 58  VAL A CA  1 
ATOM   545 C  C   . VAL A 1 68 ? -5.973  3.905   4.251   1.00 2.00  ? 58  VAL A C   1 
ATOM   546 O  O   . VAL A 1 68 ? -6.827  4.428   4.957   1.00 2.00  ? 58  VAL A O   1 
ATOM   547 C  CB  . VAL A 1 68 ? -3.500  4.618   4.302   1.00 2.00  ? 58  VAL A CB  1 
ATOM   548 C  CG1 . VAL A 1 68 ? -2.382  5.369   3.524   1.00 4.27  ? 58  VAL A CG1 1 
ATOM   549 C  CG2 . VAL A 1 68 ? -3.579  5.164   5.692   1.00 2.00  ? 58  VAL A CG2 1 
ATOM   550 N  N   . PRO A 1 69 ? -5.954  2.572   3.993   1.00 2.00  ? 59  PRO A N   1 
ATOM   551 C  CA  . PRO A 1 69 ? -4.953  1.847   3.153   1.00 2.00  ? 59  PRO A CA  1 
ATOM   552 C  C   . PRO A 1 69 ? -5.089  2.081   1.664   1.00 2.00  ? 59  PRO A C   1 
ATOM   553 O  O   . PRO A 1 69 ? -6.157  2.379   1.173   1.00 2.00  ? 59  PRO A O   1 
ATOM   554 C  CB  . PRO A 1 69 ? -5.256  0.356   3.445   1.00 2.00  ? 59  PRO A CB  1 
ATOM   555 C  CG  . PRO A 1 69 ? -6.770  0.370   3.740   1.00 2.00  ? 59  PRO A CG  1 
ATOM   556 C  CD  . PRO A 1 69 ? -6.931  1.613   4.567   1.00 2.00  ? 59  PRO A CD  1 
ATOM   557 N  N   . VAL A 1 70 ? -3.964  1.960   0.941   1.00 2.00  ? 60  VAL A N   1 
ATOM   558 C  CA  . VAL A 1 70 ? -4.001  1.872   -0.524  1.00 2.00  ? 60  VAL A CA  1 
ATOM   559 C  C   . VAL A 1 70 ? -3.270  0.602   -0.928  1.00 2.00  ? 60  VAL A C   1 
ATOM   560 O  O   . VAL A 1 70 ? -2.166  0.308   -0.434  1.00 2.00  ? 60  VAL A O   1 
ATOM   561 C  CB  . VAL A 1 70 ? -3.380  3.099   -1.223  1.00 2.00  ? 60  VAL A CB  1 
ATOM   562 C  CG1 . VAL A 1 70 ? -3.253  2.891   -2.790  1.00 2.00  ? 60  VAL A CG1 1 
ATOM   563 C  CG2 . VAL A 1 70 ? -4.213  4.314   -0.884  1.00 2.00  ? 60  VAL A CG2 1 
ATOM   564 N  N   . VAL A 1 71 ? -3.914  -0.187  -1.745  1.00 2.00  ? 61  VAL A N   1 
ATOM   565 C  CA  . VAL A 1 71 ? -3.296  -1.408  -2.287  1.00 2.00  ? 61  VAL A CA  1 
ATOM   566 C  C   . VAL A 1 71 ? -3.230  -1.229  -3.807  1.00 2.00  ? 61  VAL A C   1 
ATOM   567 O  O   . VAL A 1 71 ? -4.211  -0.920  -4.456  1.00 2.00  ? 61  VAL A O   1 
ATOM   568 C  CB  . VAL A 1 71 ? -4.039  -2.703  -1.914  1.00 2.00  ? 61  VAL A CB  1 
ATOM   569 C  CG1 . VAL A 1 71 ? -3.326  -3.938  -2.515  1.00 2.00  ? 61  VAL A CG1 1 
ATOM   570 C  CG2 . VAL A 1 71 ? -4.112  -2.848  -0.385  1.00 2.00  ? 61  VAL A CG2 1 
ATOM   571 N  N   . VAL A 1 72 ? -2.032  -1.460  -4.313  1.00 2.00  ? 62  VAL A N   1 
ATOM   572 C  CA  . VAL A 1 72 ? -1.698  -1.230  -5.714  1.00 2.00  ? 62  VAL A CA  1 
ATOM   573 C  C   . VAL A 1 72 ? -1.275  -2.521  -6.360  1.00 2.00  ? 62  VAL A C   1 
ATOM   574 O  O   . VAL A 1 72 ? -0.428  -3.266  -5.811  1.00 2.00  ? 62  VAL A O   1 
ATOM   575 C  CB  . VAL A 1 72 ? -0.553  -0.208  -5.905  1.00 2.00  ? 62  VAL A CB  1 
ATOM   576 C  CG1 . VAL A 1 72 ? -0.376  0.070   -7.447  1.00 2.86  ? 62  VAL A CG1 1 
ATOM   577 C  CG2 . VAL A 1 72 ? -0.863  1.059   -5.091  1.00 6.16  ? 62  VAL A CG2 1 
ATOM   578 N  N   . LYS A 1 73 ? -1.867  -2.806  -7.509  1.00 2.00  ? 63  LYS A N   1 
ATOM   579 C  CA  . LYS A 1 73 ? -1.390  -3.932  -8.373  1.00 2.00  ? 63  LYS A CA  1 
ATOM   580 C  C   . LYS A 1 73 ? -1.360  -3.444  -9.791  1.00 2.00  ? 63  LYS A C   1 
ATOM   581 O  O   . LYS A 1 73 ? -2.431  -3.186  -10.372 1.00 2.00  ? 63  LYS A O   1 
ATOM   582 C  CB  . LYS A 1 73 ? -2.333  -5.129  -8.277  1.00 2.00  ? 63  LYS A CB  1 
ATOM   583 C  CG  . LYS A 1 73 ? -1.805  -6.361  -9.002  1.00 2.00  ? 63  LYS A CG  1 
ATOM   584 C  CD  . LYS A 1 73 ? -2.747  -7.531  -9.024  1.00 6.98  ? 63  LYS A CD  1 
ATOM   585 C  CE  . LYS A 1 73 ? -2.235  -8.586  -9.998  1.00 13.54 ? 63  LYS A CE  1 
ATOM   586 N  NZ  . LYS A 1 73 ? -2.693  -9.921  -9.527  1.00 18.87 ? 63  LYS A NZ  1 
ATOM   587 N  N   . GLY A 1 74 ? -0.164  -3.345  -10.385 1.00 2.00  ? 64  GLY A N   1 
ATOM   588 C  CA  . GLY A 1 74 ? -0.012  -2.823  -11.762 1.00 2.75  ? 64  GLY A CA  1 
ATOM   589 C  C   . GLY A 1 74 ? -0.480  -1.368  -11.787 1.00 2.00  ? 64  GLY A C   1 
ATOM   590 O  O   . GLY A 1 74 ? -0.074  -0.593  -10.914 1.00 4.64  ? 64  GLY A O   1 
ATOM   591 N  N   . ASP A 1 75 ? -1.401  -1.064  -12.698 1.00 2.00  ? 65  ASP A N   1 
ATOM   592 C  CA  . ASP A 1 75 ? -1.975  0.273   -12.822 1.00 2.12  ? 65  ASP A CA  1 
ATOM   593 C  C   . ASP A 1 75 ? -3.259  0.474   -12.094 1.00 2.00  ? 65  ASP A C   1 
ATOM   594 O  O   . ASP A 1 75 ? -3.825  1.564   -12.174 1.00 2.00  ? 65  ASP A O   1 
ATOM   595 C  CB  . ASP A 1 75 ? -2.130  0.654   -14.283 1.00 2.79  ? 65  ASP A CB  1 
ATOM   596 C  CG  . ASP A 1 75 ? -0.793  0.728   -14.989 1.00 7.47  ? 65  ASP A CG  1 
ATOM   597 O  OD1 . ASP A 1 75 ? 0.253   1.033   -14.314 1.00 11.17 ? 65  ASP A OD1 1 
ATOM   598 O  OD2 . ASP A 1 75 ? -0.810  0.494   -16.208 1.00 10.78 ? 65  ASP A OD2 1 
ATOM   599 N  N   . LYS A 1 76 ? -3.693  -0.521  -11.297 1.00 2.00  ? 66  LYS A N   1 
ATOM   600 C  CA  . LYS A 1 76 ? -4.965  -0.444  -10.576 1.00 2.00  ? 66  LYS A CA  1 
ATOM   601 C  C   . LYS A 1 76 ? -4.693  -0.309  -9.083  1.00 2.00  ? 66  LYS A C   1 
ATOM   602 O  O   . LYS A 1 76 ? -3.621  -0.601  -8.624  1.00 2.00  ? 66  LYS A O   1 
ATOM   603 C  CB  . LYS A 1 76 ? -5.841  -1.650  -10.880 1.00 2.00  ? 66  LYS A CB  1 
ATOM   604 C  CG  . LYS A 1 76 ? -6.314  -1.662  -12.320 1.00 6.53  ? 66  LYS A CG  1 
ATOM   605 C  CD  . LYS A 1 76 ? -7.421  -2.640  -12.581 1.00 10.59 ? 66  LYS A CD  1 
ATOM   606 C  CE  . LYS A 1 76 ? -8.692  -2.294  -11.769 1.00 12.24 ? 66  LYS A CE  1 
ATOM   607 N  NZ  . LYS A 1 76 ? -9.503  -1.169  -12.384 1.00 13.89 ? 66  LYS A NZ  1 
ATOM   608 N  N   . HIS A 1 77 ? -5.663  0.232   -8.342  1.00 2.00  ? 67  HIS A N   1 
ATOM   609 C  CA  . HIS A 1 77 ? -5.522  0.339   -6.915  1.00 2.00  ? 67  HIS A CA  1 
ATOM   610 C  C   . HIS A 1 77 ? -6.889  0.244   -6.244  1.00 2.00  ? 67  HIS A C   1 
ATOM   611 O  O   . HIS A 1 77 ? -7.922  0.366   -6.889  1.00 2.00  ? 67  HIS A O   1 
ATOM   612 C  CB  . HIS A 1 77 ? -4.833  1.661   -6.500  1.00 2.00  ? 67  HIS A CB  1 
ATOM   613 C  CG  . HIS A 1 77 ? -5.684  2.896   -6.719  1.00 2.00  ? 67  HIS A CG  1 
ATOM   614 N  ND1 . HIS A 1 77 ? -5.780  3.550   -7.934  1.00 2.00  ? 67  HIS A ND1 1 
ATOM   615 C  CD2 . HIS A 1 77 ? -6.530  3.544   -5.875  1.00 2.00  ? 67  HIS A CD2 1 
ATOM   616 C  CE1 . HIS A 1 77 ? -6.623  4.566   -7.826  1.00 2.00  ? 67  HIS A CE1 1 
ATOM   617 N  NE2 . HIS A 1 77 ? -7.100  4.584   -6.588  1.00 2.00  ? 67  HIS A NE2 1 
ATOM   618 N  N   . VAL A 1 78 ? -6.859  -0.035  -4.947  1.00 2.00  ? 68  VAL A N   1 
ATOM   619 C  CA  . VAL A 1 78 ? -8.039  0.079   -4.093  1.00 2.00  ? 68  VAL A CA  1 
ATOM   620 C  C   . VAL A 1 78 ? -7.669  0.997   -2.933  1.00 2.00  ? 68  VAL A C   1 
ATOM   621 O  O   . VAL A 1 78 ? -6.636  0.820   -2.286  1.00 2.00  ? 68  VAL A O   1 
ATOM   622 C  CB  . VAL A 1 78 ? -8.549  -1.340  -3.646  1.00 2.00  ? 68  VAL A CB  1 
ATOM   623 C  CG1 . VAL A 1 78 ? -9.605  -1.212  -2.480  1.00 2.00  ? 68  VAL A CG1 1 
ATOM   624 C  CG2 . VAL A 1 78 ? -9.075  -2.139  -4.871  1.00 2.00  ? 68  VAL A CG2 1 
ATOM   625 N  N   . LEU A 1 79 ? -8.529  1.980   -2.650  1.00 2.00  ? 69  LEU A N   1 
ATOM   626 C  CA  . LEU A 1 79 ? -8.338  2.866   -1.542  1.00 2.00  ? 69  LEU A CA  1 
ATOM   627 C  C   . LEU A 1 79 ? -9.403  2.455   -0.543  1.00 2.00  ? 69  LEU A C   1 
ATOM   628 O  O   . LEU A 1 79 ? -10.601 2.464   -0.851  1.00 2.00  ? 69  LEU A O   1 
ATOM   629 C  CB  . LEU A 1 79 ? -8.517  4.329   -1.979  1.00 2.00  ? 69  LEU A CB  1 
ATOM   630 C  CG  . LEU A 1 79 ? -8.725  5.432   -0.940  1.00 2.00  ? 69  LEU A CG  1 
ATOM   631 C  CD1 . LEU A 1 79 ? -7.537  5.506   -0.067  1.00 2.00  ? 69  LEU A CD1 1 
ATOM   632 C  CD2 . LEU A 1 79 ? -8.978  6.775   -1.632  1.00 2.00  ? 69  LEU A CD2 1 
ATOM   633 N  N   . GLY A 1 80 ? -8.928  2.063   0.638   1.00 2.00  ? 70  GLY A N   1 
ATOM   634 C  CA  . GLY A 1 80 ? -9.758  1.607   1.747   1.00 2.00  ? 70  GLY A CA  1 
ATOM   635 C  C   . GLY A 1 80 ? -9.920  0.092   1.845   1.00 2.00  ? 70  GLY A C   1 
ATOM   636 O  O   . GLY A 1 80 ? -9.671  -0.636  0.874   1.00 2.00  ? 70  GLY A O   1 
ATOM   637 N  N   . TYR A 1 81 ? -10.320 -0.384  3.022   1.00 2.00  ? 71  TYR A N   1 
ATOM   638 C  CA  . TYR A 1 81 ? -10.633 -1.769  3.201   1.00 2.00  ? 71  TYR A CA  1 
ATOM   639 C  C   . TYR A 1 81 ? -12.003 -2.115  2.653   1.00 2.00  ? 71  TYR A C   1 
ATOM   640 O  O   . TYR A 1 81 ? -13.073 -1.697  3.188   1.00 2.00  ? 71  TYR A O   1 
ATOM   641 C  CB  . TYR A 1 81 ? -10.577 -2.155  4.676   1.00 2.00  ? 71  TYR A CB  1 
ATOM   642 C  CG  . TYR A 1 81 ? -10.876 -3.605  4.923   1.00 2.00  ? 71  TYR A CG  1 
ATOM   643 C  CD1 . TYR A 1 81 ? -9.997  -4.589  4.520   1.00 2.00  ? 71  TYR A CD1 1 
ATOM   644 C  CD2 . TYR A 1 81 ? -12.025 -4.011  5.575   1.00 2.00  ? 71  TYR A CD2 1 
ATOM   645 C  CE1 . TYR A 1 81 ? -10.277 -5.901  4.725   1.00 2.00  ? 71  TYR A CE1 1 
ATOM   646 C  CE2 . TYR A 1 81 ? -12.271 -5.338  5.843   1.00 2.26  ? 71  TYR A CE2 1 
ATOM   647 C  CZ  . TYR A 1 81 ? -11.409 -6.270  5.412   1.00 2.40  ? 71  TYR A CZ  1 
ATOM   648 O  OH  . TYR A 1 81 ? -11.654 -7.617  5.703   1.00 2.86  ? 71  TYR A OH  1 
ATOM   649 N  N   . ASN A 1 82 ? -12.021 -2.756  1.517   1.00 2.95  ? 72  ASN A N   1 
ATOM   650 C  CA  . ASN A 1 82 ? -13.261 -3.234  0.920   1.00 4.62  ? 72  ASN A CA  1 
ATOM   651 C  C   . ASN A 1 82 ? -12.946 -4.584  0.369   1.00 3.74  ? 72  ASN A C   1 
ATOM   652 O  O   . ASN A 1 82 ? -12.169 -4.685  -0.579  1.00 4.15  ? 72  ASN A O   1 
ATOM   653 C  CB  . ASN A 1 82 ? -13.707 -2.367  -0.237  1.00 6.08  ? 72  ASN A CB  1 
ATOM   654 C  CG  . ASN A 1 82 ? -15.009 -2.889  -0.906  1.00 9.42  ? 72  ASN A CG  1 
ATOM   655 O  OD1 . ASN A 1 82 ? -14.992 -3.788  -1.731  1.00 14.45 ? 72  ASN A OD1 1 
ATOM   656 N  ND2 . ASN A 1 82 ? -16.134 -2.298  -0.522  1.00 18.32 ? 72  ASN A ND2 1 
ATOM   657 N  N   . GLU A 1 83 ? -13.568 -5.608  0.930   1.00 3.96  ? 73  GLU A N   1 
ATOM   658 C  CA  . GLU A 1 83 ? -13.144 -6.969  0.567   1.00 4.84  ? 73  GLU A CA  1 
ATOM   659 C  C   . GLU A 1 83 ? -13.434 -7.336  -0.881  1.00 3.61  ? 73  GLU A C   1 
ATOM   660 O  O   . GLU A 1 83 ? -12.635 -7.975  -1.554  1.00 2.97  ? 73  GLU A O   1 
ATOM   661 C  CB  . GLU A 1 83 ? -13.852 -7.944  1.452   1.00 4.86  ? 73  GLU A CB  1 
ATOM   662 C  CG  . GLU A 1 83 ? -13.356 -8.021  2.856   1.00 10.67 ? 73  GLU A CG  1 
ATOM   663 C  CD  . GLU A 1 83 ? -13.894 -9.279  3.525   1.00 14.56 ? 73  GLU A CD  1 
ATOM   664 O  OE1 . GLU A 1 83 ? -13.126 -10.284 3.576   1.00 20.27 ? 73  GLU A OE1 1 
ATOM   665 O  OE2 . GLU A 1 83 ? -15.079 -9.252  3.942   1.00 16.13 ? 73  GLU A OE2 1 
ATOM   666 N  N   . GLU A 1 84 ? -14.604 -6.949  -1.348  1.00 4.64  ? 74  GLU A N   1 
ATOM   667 C  CA  . GLU A 1 84 ? -15.003 -7.238  -2.712  1.00 6.69  ? 74  GLU A CA  1 
ATOM   668 C  C   . GLU A 1 84 ? -14.020 -6.591  -3.699  1.00 4.66  ? 74  GLU A C   1 
ATOM   669 O  O   . GLU A 1 84 ? -13.535 -7.240  -4.604  1.00 5.86  ? 74  GLU A O   1 
ATOM   670 C  CB  . GLU A 1 84 ? -16.435 -6.715  -2.940  1.00 8.73  ? 74  GLU A CB  1 
ATOM   671 C  CG  . GLU A 1 84 ? -17.550 -7.293  -1.977  1.00 15.25 ? 74  GLU A CG  1 
ATOM   672 C  CD  . GLU A 1 84 ? -17.262 -7.206  -0.402  1.00 21.97 ? 74  GLU A CD  1 
ATOM   673 O  OE1 . GLU A 1 84 ? -16.997 -6.076  0.158   1.00 21.65 ? 74  GLU A OE1 1 
ATOM   674 O  OE2 . GLU A 1 84 ? -17.332 -8.301  0.268   1.00 27.09 ? 74  GLU A OE2 1 
ATOM   675 N  N   . LYS A 1 85 ? -13.707 -5.324  -3.497  1.00 4.35  ? 75  LYS A N   1 
ATOM   676 C  CA  . LYS A 1 85 ? -12.785 -4.601  -4.361  1.00 4.69  ? 75  LYS A CA  1 
ATOM   677 C  C   . LYS A 1 85 ? -11.370 -5.153  -4.279  1.00 2.72  ? 75  LYS A C   1 
ATOM   678 O  O   . LYS A 1 85 ? -10.693 -5.267  -5.304  1.00 4.49  ? 75  LYS A O   1 
ATOM   679 C  CB  . LYS A 1 85 ? -12.782 -3.109  -4.021  1.00 5.18  ? 75  LYS A CB  1 
ATOM   680 C  CG  . LYS A 1 85 ? -14.027 -2.353  -4.555  1.00 10.63 ? 75  LYS A CG  1 
ATOM   681 C  CD  . LYS A 1 85 ? -13.789 -0.826  -4.583  1.00 16.04 ? 75  LYS A CD  1 
ATOM   682 C  CE  . LYS A 1 85 ? -14.009 -0.201  -3.202  1.00 19.82 ? 75  LYS A CE  1 
ATOM   683 N  NZ  . LYS A 1 85 ? -14.281 1.349   -3.216  1.00 23.10 ? 75  LYS A NZ  1 
ATOM   684 N  N   . LEU A 1 86 ? -10.930 -5.550  -3.083  1.00 2.49  ? 76  LEU A N   1 
ATOM   685 C  CA  . LEU A 1 86 ? -9.613  -6.155  -2.950  1.00 2.00  ? 76  LEU A CA  1 
ATOM   686 C  C   . LEU A 1 86 ? -9.539  -7.520  -3.662  1.00 2.00  ? 76  LEU A C   1 
ATOM   687 O  O   . LEU A 1 86 ? -8.578  -7.791  -4.325  1.00 2.00  ? 76  LEU A O   1 
ATOM   688 C  CB  . LEU A 1 86 ? -9.203  -6.264  -1.459  1.00 2.00  ? 76  LEU A CB  1 
ATOM   689 C  CG  . LEU A 1 86 ? -8.915  -4.941  -0.713  1.00 2.00  ? 76  LEU A CG  1 
ATOM   690 C  CD1 . LEU A 1 86 ? -8.881  -5.056  0.852   1.00 2.00  ? 76  LEU A CD1 1 
ATOM   691 C  CD2 . LEU A 1 86 ? -7.608  -4.376  -1.194  1.00 2.00  ? 76  LEU A CD2 1 
ATOM   692 N  N   . LYS A 1 87 ? -10.563 -8.367  -3.529  1.00 2.52  ? 77  LYS A N   1 
ATOM   693 C  CA  . LYS A 1 87 ? -10.596 -9.663  -4.224  1.00 3.32  ? 77  LYS A CA  1 
ATOM   694 C  C   . LYS A 1 87 ? -10.564 -9.432  -5.725  1.00 3.27  ? 77  LYS A C   1 
ATOM   695 O  O   . LYS A 1 87 ? -9.736  -9.989  -6.388  1.00 4.18  ? 77  LYS A O   1 
ATOM   696 C  CB  . LYS A 1 87 ? -11.849 -10.459 -3.855  1.00 3.24  ? 77  LYS A CB  1 
ATOM   697 C  CG  . LYS A 1 87 ? -11.833 -10.972 -2.421  1.00 7.64  ? 77  LYS A CG  1 
ATOM   698 C  CD  . LYS A 1 87 ? -13.223 -11.510 -1.995  1.00 9.99  ? 77  LYS A CD  1 
ATOM   699 C  CE  . LYS A 1 87 ? -13.254 -11.831 -0.467  1.00 12.00 ? 77  LYS A CE  1 
ATOM   700 N  NZ  . LYS A 1 87 ? -14.408 -12.623 0.033   1.00 10.63 ? 77  LYS A NZ  1 
ATOM   701 N  N   . GLU A 1 88 ? -11.363 -8.496  -6.235  1.00 5.07  ? 78  GLU A N   1 
ATOM   702 C  CA  . GLU A 1 88 ? -11.305 -8.153  -7.656  1.00 6.30  ? 78  GLU A CA  1 
ATOM   703 C  C   . GLU A 1 88 ? -9.897  -7.664  -8.127  1.00 4.92  ? 78  GLU A C   1 
ATOM   704 O  O   . GLU A 1 88 ? -9.397  -8.068  -9.188  1.00 5.48  ? 78  GLU A O   1 
ATOM   705 C  CB  . GLU A 1 88 ? -12.377 -7.108  -7.961  1.00 6.64  ? 78  GLU A CB  1 
ATOM   706 C  CG  . GLU A 1 88 ? -12.366 -6.656  -9.388  1.00 12.02 ? 78  GLU A CG  1 
ATOM   707 C  CD  . GLU A 1 88 ? -12.245 -7.805  -10.375 1.00 19.80 ? 78  GLU A CD  1 
ATOM   708 O  OE1 . GLU A 1 88 ? -13.118 -8.708  -10.309 1.00 23.03 ? 78  GLU A OE1 1 
ATOM   709 O  OE2 . GLU A 1 88 ? -11.295 -7.799  -11.223 1.00 23.46 ? 78  GLU A OE2 1 
ATOM   710 N  N   . LEU A 1 89 ? -9.266  -6.794  -7.337  1.00 5.59  ? 79  LEU A N   1 
ATOM   711 C  CA  . LEU A 1 89 ? -7.944  -6.295  -7.658  1.00 4.09  ? 79  LEU A CA  1 
ATOM   712 C  C   . LEU A 1 89 ? -6.950  -7.446  -7.765  1.00 5.27  ? 79  LEU A C   1 
ATOM   713 O  O   . LEU A 1 89 ? -6.187  -7.518  -8.718  1.00 6.55  ? 79  LEU A O   1 
ATOM   714 C  CB  . LEU A 1 89 ? -7.444  -5.298  -6.601  1.00 3.64  ? 79  LEU A CB  1 
ATOM   715 C  CG  . LEU A 1 89 ? -6.057  -4.658  -6.812  1.00 2.00  ? 79  LEU A CG  1 
ATOM   716 C  CD1 . LEU A 1 89 ? -6.061  -3.726  -7.998  1.00 2.00  ? 79  LEU A CD1 1 
ATOM   717 C  CD2 . LEU A 1 89 ? -5.640  -3.924  -5.572  1.00 2.00  ? 79  LEU A CD2 1 
ATOM   718 N  N   . ILE A 1 90 ? -6.946  -8.339  -6.779  1.00 6.48  ? 80  ILE A N   1 
ATOM   719 C  CA  . ILE A 1 90 ? -5.910  -9.380  -6.642  1.00 7.49  ? 80  ILE A CA  1 
ATOM   720 C  C   . ILE A 1 90 ? -6.203  -10.505 -7.646  1.00 7.93  ? 80  ILE A C   1 
ATOM   721 O  O   . ILE A 1 90 ? -5.279  -11.052 -8.257  1.00 7.61  ? 80  ILE A O   1 
ATOM   722 C  CB  . ILE A 1 90 ? -5.780  -9.904  -5.110  1.00 7.70  ? 80  ILE A CB  1 
ATOM   723 C  CG1 . ILE A 1 90 ? -5.356  -8.792  -4.161  1.00 8.40  ? 80  ILE A CG1 1 
ATOM   724 C  CG2 . ILE A 1 90 ? -4.777  -11.062 -4.969  1.00 10.00 ? 80  ILE A CG2 1 
ATOM   725 C  CD1 . ILE A 1 90 ? -4.188  -8.087  -4.640  1.00 8.26  ? 80  ILE A CD1 1 
ATOM   726 N  N   . ARG A 1 91 ? -7.470  -10.820 -7.855  1.00 8.05  ? 81  ARG A N   1 
ATOM   727 C  CA  . ARG A 1 91 ? -7.810  -12.042 -8.591  1.00 10.80 ? 81  ARG A CA  1 
ATOM   728 C  C   . ARG A 1 91 ? -8.084  -11.733 -10.062 1.00 11.99 ? 81  ARG A C   1 
ATOM   729 O  O   . ARG A 1 91 ? -7.728  -12.533 -10.953 1.00 13.75 ? 81  ARG A O   1 
ATOM   730 C  CB  . ARG A 1 91 ? -9.042  -12.740 -7.980  1.00 10.21 ? 81  ARG A CB  1 
ATOM   731 C  CG  . ARG A 1 91 ? -8.939  -13.019 -6.465  1.00 11.06 ? 81  ARG A CG  1 
ATOM   732 C  CD  . ARG A 1 91 ? -10.246 -13.519 -5.852  1.00 11.16 ? 81  ARG A CD  1 
ATOM   733 N  NE  . ARG A 1 91 ? -10.005 -13.863 -4.458  1.00 12.92 ? 81  ARG A NE  1 
ATOM   734 C  CZ  . ARG A 1 91 ? -10.895 -14.377 -3.609  1.00 13.41 ? 81  ARG A CZ  1 
ATOM   735 N  NH1 . ARG A 1 91 ? -12.141 -14.612 -3.992  1.00 12.71 ? 81  ARG A NH1 1 
ATOM   736 N  NH2 . ARG A 1 91 ? -10.524 -14.649 -2.354  1.00 13.37 ? 81  ARG A NH2 1 
ATOM   737 N  N   . GLY A 1 92 ? -8.736  -10.602 -10.311 1.00 13.29 ? 82  GLY A N   1 
ATOM   738 C  CA  . GLY A 1 92 ? -9.213  -10.276 -11.657 1.00 14.95 ? 82  GLY A CA  1 
ATOM   739 C  C   . GLY A 1 92 ? -8.100  -9.838  -12.573 1.00 15.15 ? 82  GLY A C   1 
ATOM   740 O  O   . GLY A 1 92 ? -8.231  -9.969  -13.801 1.00 18.24 ? 82  GLY A O   1 
HETATM 741 MG MG  . MG  B 2 .  ? -11.128 2.099   -4.686  1.00 19.59 ? 83  MG  A MG  1 
HETATM 742 MG MG  . MG  C 2 .  ? -8.407  0.951   -10.198 1.00 23.68 ? 84  MG  A MG  1 
HETATM 743 O  O   . HOH D 3 .  ? -8.611  6.462   -5.248  1.00 2.00  ? 85  HOH A O   1 
HETATM 744 O  O   . HOH D 3 .  ? -3.931  3.323   -10.047 1.00 2.00  ? 86  HOH A O   1 
HETATM 745 O  O   . HOH D 3 .  ? -6.841  -0.870  0.288   1.00 2.00  ? 87  HOH A O   1 
HETATM 746 O  O   . HOH D 3 .  ? -12.216 0.622   12.859  1.00 2.00  ? 88  HOH A O   1 
HETATM 747 O  O   . HOH D 3 .  ? 2.171   -3.027  -7.102  1.00 5.92  ? 89  HOH A O   1 
HETATM 748 O  O   . HOH D 3 .  ? -4.938  -13.169 8.008   1.00 2.00  ? 90  HOH A O   1 
HETATM 749 O  O   . HOH D 3 .  ? 3.031   1.888   -6.210  1.00 5.31  ? 91  HOH A O   1 
HETATM 750 O  O   . HOH D 3 .  ? -12.350 -1.246  7.579   1.00 3.59  ? 92  HOH A O   1 
HETATM 751 O  O   . HOH D 3 .  ? 15.199  -1.121  1.728   1.00 6.77  ? 93  HOH A O   1 
HETATM 752 O  O   . HOH D 3 .  ? 12.547  4.662   -10.348 1.00 2.00  ? 94  HOH A O   1 
HETATM 753 O  O   . HOH D 3 .  ? 6.035   -2.052  -5.807  1.00 4.75  ? 95  HOH A O   1 
HETATM 754 O  O   . HOH D 3 .  ? 6.525   -6.272  3.737   1.00 6.45  ? 96  HOH A O   1 
HETATM 755 O  O   . HOH D 3 .  ? -10.539 9.261   4.538   1.00 10.86 ? 97  HOH A O   1 
HETATM 756 O  O   . HOH D 3 .  ? -13.491 -15.696 -0.876  1.00 2.00  ? 98  HOH A O   1 
HETATM 757 O  O   . HOH D 3 .  ? 14.918  6.504   -7.305  1.00 4.55  ? 99  HOH A O   1 
HETATM 758 O  O   . HOH D 3 .  ? -3.336  -7.351  11.942  1.00 15.37 ? 100 HOH A O   1 
HETATM 759 O  O   . HOH D 3 .  ? 7.801   0.230   6.687   1.00 18.16 ? 101 HOH A O   1 
HETATM 760 O  O   . HOH D 3 .  ? 12.523  7.356   7.540   1.00 6.78  ? 102 HOH A O   1 
HETATM 761 O  O   . HOH D 3 .  ? -0.008  -13.548 1.113   1.00 5.69  ? 103 HOH A O   1 
HETATM 762 O  O   . HOH D 3 .  ? -11.229 -3.646  -7.411  1.00 7.03  ? 104 HOH A O   1 
HETATM 763 O  O   . HOH D 3 .  ? 3.528   -0.984  -6.919  1.00 6.13  ? 105 HOH A O   1 
HETATM 764 O  O   . HOH D 3 .  ? 10.629  5.112   0.076   1.00 15.91 ? 106 HOH A O   1 
HETATM 765 O  O   . HOH D 3 .  ? -1.085  10.801  -10.509 1.00 7.35  ? 107 HOH A O   1 
HETATM 766 O  O   . HOH D 3 .  ? -15.064 -9.310  -5.614  1.00 11.22 ? 108 HOH A O   1 
HETATM 767 O  O   . HOH D 3 .  ? -15.271 -4.946  3.146   1.00 14.67 ? 109 HOH A O   1 
HETATM 768 O  O   . HOH D 3 .  ? -6.105  14.528  -6.069  1.00 12.96 ? 110 HOH A O   1 
HETATM 769 O  O   . HOH D 3 .  ? -11.728 -16.917 3.727   1.00 14.48 ? 111 HOH A O   1 
HETATM 770 O  O   . HOH D 3 .  ? 8.435   -3.140  6.192   1.00 33.14 ? 112 HOH A O   1 
HETATM 771 O  O   . HOH D 3 .  ? -2.905  -3.006  -14.342 1.00 13.00 ? 113 HOH A O   1 
HETATM 772 O  O   . HOH D 3 .  ? 10.678  -9.136  0.319   1.00 14.54 ? 114 HOH A O   1 
HETATM 773 O  O   . HOH D 3 .  ? 0.080   -3.381  12.847  1.00 13.48 ? 115 HOH A O   1 
HETATM 774 O  O   . HOH D 3 .  ? -1.421  3.785   -9.586  1.00 12.65 ? 116 HOH A O   1 
HETATM 775 O  O   . HOH D 3 .  ? 8.129   -9.952  -9.664  1.00 13.85 ? 117 HOH A O   1 
HETATM 776 O  O   . HOH D 3 .  ? -11.659 3.485   12.699  1.00 11.40 ? 118 HOH A O   1 
HETATM 777 O  O   . HOH D 3 .  ? 9.093   -8.589  -7.120  1.00 13.72 ? 119 HOH A O   1 
HETATM 778 O  O   . HOH D 3 .  ? -1.679  -11.074 -7.136  1.00 12.41 ? 120 HOH A O   1 
HETATM 779 O  O   . HOH D 3 .  ? 0.405   2.086   -10.458 1.00 11.16 ? 121 HOH A O   1 
HETATM 780 O  O   . HOH D 3 .  ? -0.595  6.844   -10.432 1.00 15.05 ? 122 HOH A O   1 
HETATM 781 O  O   . HOH D 3 .  ? -9.573  -13.781 1.802   1.00 27.73 ? 123 HOH A O   1 
HETATM 782 O  O   . HOH D 3 .  ? 1.537   -11.367 -6.054  1.00 16.40 ? 124 HOH A O   1 
HETATM 783 O  O   . HOH D 3 .  ? 10.112  -9.451  -4.502  1.00 13.78 ? 125 HOH A O   1 
HETATM 784 O  O   . HOH D 3 .  ? 16.462  3.142   -6.397  1.00 8.81  ? 126 HOH A O   1 
HETATM 785 O  O   . HOH D 3 .  ? 7.918   -5.440  7.012   1.00 23.88 ? 127 HOH A O   1 
HETATM 786 O  O   . HOH D 3 .  ? -16.422 -10.390 -0.988  1.00 32.83 ? 128 HOH A O   1 
HETATM 787 O  O   . HOH D 3 .  ? 6.999   10.917  -4.055  1.00 11.06 ? 129 HOH A O   1 
HETATM 788 O  O   . HOH D 3 .  ? -13.225 -8.035  7.788   1.00 15.51 ? 130 HOH A O   1 
HETATM 789 O  O   . HOH D 3 .  ? 22.892  4.108   2.517   1.00 11.16 ? 131 HOH A O   1 
HETATM 790 O  O   . HOH D 3 .  ? 2.304   -0.123  15.674  1.00 21.48 ? 132 HOH A O   1 
HETATM 791 O  O   . HOH D 3 .  ? -13.196 -11.105 -7.432  1.00 19.58 ? 133 HOH A O   1 
HETATM 792 O  O   . HOH D 3 .  ? -3.220  -15.225 7.530   1.00 19.65 ? 134 HOH A O   1 
HETATM 793 O  O   . HOH D 3 .  ? 5.584   7.821   13.880  1.00 24.45 ? 135 HOH A O   1 
HETATM 794 O  O   . HOH D 3 .  ? 2.337   3.045   -8.504  1.00 14.67 ? 136 HOH A O   1 
HETATM 795 O  O   . HOH D 3 .  ? 8.296   19.466  8.244   1.00 35.19 ? 137 HOH A O   1 
HETATM 796 O  O   . HOH D 3 .  ? 1.980   -4.898  -10.027 1.00 16.71 ? 138 HOH A O   1 
HETATM 797 O  O   . HOH D 3 .  ? 5.103   10.647  -6.117  1.00 17.73 ? 139 HOH A O   1 
HETATM 798 O  O   . HOH D 3 .  ? -6.159  -20.451 7.072   1.00 11.67 ? 140 HOH A O   1 
HETATM 799 O  O   . HOH D 3 .  ? 4.332   14.888  1.478   1.00 15.29 ? 141 HOH A O   1 
HETATM 800 O  O   . HOH D 3 .  ? 5.097   -8.573  3.291   1.00 21.45 ? 142 HOH A O   1 
HETATM 801 O  O   . HOH D 3 .  ? -5.698  -8.574  -11.148 1.00 19.93 ? 143 HOH A O   1 
HETATM 802 O  O   . HOH D 3 .  ? -12.786 0.788   -0.843  1.00 31.95 ? 144 HOH A O   1 
HETATM 803 O  O   . HOH D 3 .  ? 4.374   -11.590 0.898   1.00 16.16 ? 145 HOH A O   1 
HETATM 804 O  O   . HOH D 3 .  ? 2.482   -1.230  -9.784  1.00 13.23 ? 146 HOH A O   1 
HETATM 805 O  O   . HOH D 3 .  ? 0.406   6.367   13.146  1.00 26.06 ? 147 HOH A O   1 
HETATM 806 O  O   . HOH D 3 .  ? -9.313  -1.875  -8.429  1.00 21.43 ? 148 HOH A O   1 
HETATM 807 O  O   . HOH D 3 .  ? 2.596   -4.151  12.053  1.00 28.61 ? 149 HOH A O   1 
HETATM 808 O  O   . HOH D 3 .  ? 0.604   -13.597 11.107  1.00 13.40 ? 150 HOH A O   1 
HETATM 809 O  O   . HOH D 3 .  ? 2.706   6.558   -9.069  1.00 21.39 ? 151 HOH A O   1 
HETATM 810 O  O   . HOH D 3 .  ? -8.613  -5.854  -11.306 1.00 14.35 ? 152 HOH A O   1 
HETATM 811 O  O   . HOH D 3 .  ? 3.584   -8.487  7.417   1.00 47.30 ? 153 HOH A O   1 
HETATM 812 O  O   . HOH D 3 .  ? 8.362   -4.937  1.542   1.00 23.43 ? 154 HOH A O   1 
HETATM 813 O  O   . HOH D 3 .  ? 9.573   3.205   0.852   1.00 19.58 ? 155 HOH A O   1 
HETATM 814 O  O   . HOH D 3 .  ? 6.230   -9.214  -13.270 1.00 17.18 ? 156 HOH A O   1 
HETATM 815 O  O   . HOH D 3 .  ? -1.630  -0.960  17.026  1.00 31.36 ? 157 HOH A O   1 
HETATM 816 O  O   . HOH D 3 .  ? -15.984 -6.919  4.463   1.00 25.78 ? 158 HOH A O   1 
HETATM 817 O  O   . HOH D 3 .  ? -9.618  -0.317  -14.807 1.00 26.23 ? 159 HOH A O   1 
HETATM 818 O  O   . HOH D 3 .  ? 11.837  2.183   3.230   1.00 26.63 ? 160 HOH A O   1 
HETATM 819 O  O   . HOH D 3 .  ? 10.672  7.498   1.046   1.00 22.70 ? 161 HOH A O   1 
HETATM 820 O  O   . HOH D 3 .  ? -3.285  -17.347 5.922   1.00 23.43 ? 162 HOH A O   1 
HETATM 821 O  O   . HOH D 3 .  ? -3.712  -4.576  -12.061 1.00 15.90 ? 163 HOH A O   1 
HETATM 822 O  O   . HOH D 3 .  ? -10.290 -17.544 0.781   1.00 19.59 ? 164 HOH A O   1 
HETATM 823 O  O   . HOH D 3 .  ? -3.547  7.805   -0.758  1.00 4.85  ? 165 HOH A O   1 
# 
